data_8ZW9
#
_entry.id   8ZW9
#
_cell.length_a   1.00
_cell.length_b   1.00
_cell.length_c   1.00
_cell.angle_alpha   90.00
_cell.angle_beta   90.00
_cell.angle_gamma   90.00
#
_symmetry.space_group_name_H-M   'P 1'
#
loop_
_entity.id
_entity.type
_entity.pdbx_description
1 polymer 'Disease resistance protein ADR1'
2 polymer 'Isoform 1 of Protein EDS1'
3 polymer PAD4
4 non-polymer '[(2R,3R,4R,5R)-5-(6-aminopurin-9-yl)-4-[(2S,3R,4S,5R)-3,4-bis(oxidanyl)-5-(phosphonooxymethyl)oxolan-2-yl]oxy-3-oxidanyl-oxolan-2-yl]methyl phosphono hydrogen phosphate'
#
loop_
_entity_poly.entity_id
_entity_poly.type
_entity_poly.pdbx_seq_one_letter_code
_entity_poly.pdbx_strand_id
1 'polypeptide(L)'
;MASFIDLFAGDITTQLLKLLALVANTVYSCKGIAERLITMIRDVQPTIREIQYSGAELSNHHQTQLGVFYEILEKARKLC
EKVLRCNRWNLKHVYHANKMKDLEKQISRFLNSQILLFVLAEVCHLRVNGDRIERNMDRLLTERNDSLSFPETMMEIETV
SDPEIQTVLELGKKKVKEMMFKFTDTHLFGISGMSGSGKTTLAIELSKDDDVRGLFKNKVLFLTVSRSPNFENLESCIRE
FLYDGVHQRKLVILDDVWTRESLDRLMSKIRGSTTLVVSRSKLADPRTTYNVELLKKDEAMSLLCLCAFEQKSPPSPFNK
YLVKQVVDECKGLPLSLKVLGASLKNKPERYWEGVVKRLLRGEAADETHESRVFAHMEESLENLDPKIRDCFLDMGAFPE
DKKIPLDLLTSVWVERHDIDEETAFSFVLRLADKNLLTIVNNPRFGDVHIGYYDVFVTQHDVLRDLALHMSNRVDVNRRE
RLLMPKTEPVLPREWEKNKDEPFDAKIVSLHTGEMDEMNWFDMDLPKAEVLILNFSSDNYVLPPFIGKMSRLRVLVIINN
GMSPARLHGFSIFANLAKLRSLWLKRVHVPELTSCTIPLKNLHKIHLIFCKVKNSFVQTSFDISKIFPSLSDLTIDHCDD
LLELKSIFGITSLNSLSITNCPRILELPKNLSNVQSLERLRLYACPELISLPVEVCELPCLKYVDISQCVSLVSLPEKFG
KLGSLEKIDMRECSLLGLPSSVAALVSLRHVICDEETSSMWEMVKKVVPELCIEVAKKCFTVDWLDD
;
A
2 'polypeptide(L)'
;MAFEALTGINGDLITRSWSASKQAYLTERYHKEEAGAVVIFAFQPSFSEKDFFDPDNKSSFGEIKLNRVQFPCMRKIGKG
DVATVNEAFLKNLEAIIDPRTSFQASVEMAVRSRKQIVFTGHSSGGATAILATVWYLEKYFIRNPNVYLEPRCVTFGAPL
VGDSIFSHALGREKWSRFFVNFVSRFDIVPRIMLARKASVEETLPHVLAQLDPRKSSVQESEQRITEFYTRVMRDTSTVA
NQAVCELTGSAEAFLETLSSFLELSPYRPAGTFVFSTEKRLVAVNNSDAILQMLFYTSQASDEQEWSLIPFRSIRDHHSY
EELVQSMGKKLFNHLDGENSIESTLNDLGVSTRGRQYVQAALEEEKKRVENQKKIIQVIEQERFLKKLAWIEDEYKPKCQ
AHKNGYYDSFKVSNEENDFKANVKRAELAGVFDEVLGLMKKCQLPDEFEGDIDWIKLATRYRRLVEPLDIANYHRHLKNE
DTGPYMKRGRPTRYIYAQRGYEHYILKPNGMIAEDVFWNKVNGLNLGLQLEEIQETLKNSGSECGSCFWAEVEELKGKPY
EEVEVRVKTLEGMLGEWITDGEVDDKEIFLEGSTFRKWWITLPKNHKSHSPLRDYMMDEITDT
;
B
3 'polypeptide(L)'
;MDDCRFETSELQASVMISTPLFTDSWSSCNTANCNGSIKIHDIAGITYVAIPAVSMIQLGNLVGLPVTGDVLFPGLSSDE
PLPMVDAAILKLFLQLKIKEGLELELLGKKLVVITGHSTGGALAAFTALWLLSQSSPPSFRVFCITFGSPLLGNQSLSTS
ISRSRLAHNFCHVVSIHDLVPRSSNEQFWPFGTYLFCSDKGGVCLDNAGSVRLMFNILNTTATQNTEEHQRYGHYVFTLS
HMFLKSRSFLGGSIPDNSYQAGVALAVEALGFSNDDTSGVLVKECIETATRIVRAPILRSAELANELASVLPARLEIQWY
KDRCDASEEQLGYYDFFKRYSLKRDFKVNMSRIRLAKFWDTVIKMVETNELPFDFHLGKKWIYASQFYQLLAEPLDIANF
YKNRDIKTGGHYLEGNRPKRYEVIDKWQKGVKVPEECVRSRYASTTQDTCFWAKLEQAKEWLDEARKESSDPQRRSLLRE
KIVPFESYANTLVTKKEVSLDVKAKNSSYSVWEANLKEFKCKMGYENEIEMVVDESDAMET
;
C
#
# COMPACT_ATOMS: atom_id res chain seq x y z
N PHE A 374 -30.28 55.07 7.58
CA PHE A 374 -29.58 56.16 8.23
C PHE A 374 -30.30 56.58 9.51
N ALA A 375 -31.63 56.63 9.46
CA ALA A 375 -32.42 57.05 10.61
C ALA A 375 -32.54 55.93 11.65
N HIS A 376 -32.60 54.67 11.21
CA HIS A 376 -32.86 53.58 12.14
C HIS A 376 -31.71 53.39 13.13
N MET A 377 -30.47 53.33 12.63
CA MET A 377 -29.35 53.16 13.54
C MET A 377 -29.08 54.43 14.35
N GLU A 378 -29.44 55.60 13.83
CA GLU A 378 -29.38 56.81 14.64
C GLU A 378 -30.35 56.73 15.81
N GLU A 379 -31.57 56.26 15.55
CA GLU A 379 -32.54 56.09 16.63
C GLU A 379 -32.06 55.05 17.64
N SER A 380 -31.45 53.97 17.15
CA SER A 380 -30.86 52.98 18.04
C SER A 380 -29.76 53.60 18.91
N LEU A 381 -28.92 54.43 18.29
CA LEU A 381 -27.88 55.13 19.04
C LEU A 381 -28.47 56.03 20.11
N GLU A 382 -29.63 56.63 19.83
CA GLU A 382 -30.31 57.43 20.84
C GLU A 382 -30.70 56.59 22.05
N ASN A 383 -30.94 55.30 21.86
CA ASN A 383 -31.30 54.41 22.95
C ASN A 383 -30.10 53.78 23.65
N LEU A 384 -28.89 53.99 23.13
CA LEU A 384 -27.70 53.37 23.70
C LEU A 384 -27.13 54.21 24.84
N ASP A 385 -26.54 53.53 25.81
CA ASP A 385 -25.85 54.20 26.91
C ASP A 385 -24.64 54.97 26.36
N PRO A 386 -24.29 56.10 26.97
CA PRO A 386 -23.15 56.88 26.46
C PRO A 386 -21.85 56.08 26.35
N LYS A 387 -21.56 55.19 27.30
CA LYS A 387 -20.36 54.36 27.19
C LYS A 387 -20.46 53.41 26.00
N ILE A 388 -21.58 52.70 25.89
CA ILE A 388 -21.76 51.79 24.75
C ILE A 388 -21.91 52.57 23.46
N ARG A 389 -22.45 53.80 23.52
CA ARG A 389 -22.48 54.65 22.33
C ARG A 389 -21.09 54.99 21.86
N ASP A 390 -20.19 55.36 22.80
CA ASP A 390 -18.81 55.64 22.43
C ASP A 390 -18.13 54.40 21.87
N CYS A 391 -18.38 53.24 22.47
CA CYS A 391 -17.80 52.00 21.95
C CYS A 391 -18.31 51.69 20.55
N PHE A 392 -19.61 51.92 20.31
CA PHE A 392 -20.18 51.70 18.99
C PHE A 392 -19.53 52.62 17.96
N LEU A 393 -19.39 53.90 18.31
CA LEU A 393 -18.71 54.83 17.42
C LEU A 393 -17.27 54.38 17.16
N ASP A 394 -16.60 53.87 18.19
CA ASP A 394 -15.21 53.46 18.02
C ASP A 394 -15.07 52.31 17.03
N MET A 395 -15.81 51.22 17.28
CA MET A 395 -15.71 50.04 16.40
C MET A 395 -16.19 50.41 14.99
N GLY A 396 -17.20 51.27 14.89
CA GLY A 396 -17.75 51.61 13.59
C GLY A 396 -16.79 52.44 12.77
N ALA A 397 -16.12 53.41 13.39
CA ALA A 397 -15.11 54.21 12.73
C ALA A 397 -13.79 53.47 12.57
N PHE A 398 -13.64 52.31 13.21
CA PHE A 398 -12.47 51.48 12.97
C PHE A 398 -12.44 51.05 11.51
N PRO A 399 -11.25 50.81 10.96
CA PRO A 399 -11.15 50.47 9.52
C PRO A 399 -12.03 49.28 9.14
N GLU A 400 -12.64 49.38 7.97
CA GLU A 400 -13.58 48.39 7.46
C GLU A 400 -12.90 47.50 6.42
N ASP A 401 -13.68 46.56 5.88
CA ASP A 401 -13.22 45.64 4.83
C ASP A 401 -12.00 44.85 5.29
N LYS A 402 -11.99 44.44 6.56
CA LYS A 402 -10.89 43.66 7.11
C LYS A 402 -11.40 42.88 8.31
N LYS A 403 -10.63 41.87 8.70
CA LYS A 403 -10.95 41.04 9.84
C LYS A 403 -10.22 41.58 11.07
N ILE A 404 -10.99 41.95 12.09
CA ILE A 404 -10.45 42.57 13.30
C ILE A 404 -10.53 41.56 14.43
N PRO A 405 -9.41 41.13 15.01
CA PRO A 405 -9.45 40.18 16.12
C PRO A 405 -10.15 40.78 17.33
N LEU A 406 -10.81 39.90 18.10
CA LEU A 406 -11.54 40.36 19.27
C LEU A 406 -10.60 40.85 20.37
N ASP A 407 -9.39 40.28 20.46
CA ASP A 407 -8.45 40.69 21.49
C ASP A 407 -8.04 42.15 21.33
N LEU A 408 -7.76 42.57 20.09
CA LEU A 408 -7.42 43.96 19.83
C LEU A 408 -8.56 44.90 20.20
N LEU A 409 -9.79 44.52 19.85
CA LEU A 409 -10.95 45.34 20.16
C LEU A 409 -11.13 45.48 21.66
N THR A 410 -11.00 44.37 22.39
CA THR A 410 -11.12 44.41 23.85
C THR A 410 -10.02 45.26 24.47
N SER A 411 -8.79 45.16 23.96
CA SER A 411 -7.70 45.98 24.47
C SER A 411 -7.97 47.46 24.23
N VAL A 412 -8.49 47.80 23.05
CA VAL A 412 -8.82 49.18 22.74
C VAL A 412 -9.87 49.71 23.69
N TRP A 413 -10.93 48.93 23.93
CA TRP A 413 -11.95 49.35 24.89
C TRP A 413 -11.39 49.47 26.30
N VAL A 414 -10.49 48.55 26.69
CA VAL A 414 -9.93 48.59 28.04
C VAL A 414 -9.10 49.86 28.24
N GLU A 415 -8.26 50.18 27.28
CA GLU A 415 -7.39 51.35 27.43
C GLU A 415 -8.07 52.66 27.05
N ARG A 416 -9.27 52.61 26.47
CA ARG A 416 -10.00 53.82 26.10
C ARG A 416 -11.01 54.22 27.18
N HIS A 417 -11.96 53.34 27.49
CA HIS A 417 -13.03 53.64 28.44
C HIS A 417 -12.70 53.21 29.86
N ASP A 418 -11.56 52.57 30.08
CA ASP A 418 -11.16 52.09 31.42
C ASP A 418 -12.23 51.20 32.03
N ILE A 419 -12.82 50.33 31.20
CA ILE A 419 -13.89 49.45 31.64
C ILE A 419 -13.40 48.05 31.99
N ASP A 420 -12.13 47.73 31.72
CA ASP A 420 -11.54 46.43 32.01
C ASP A 420 -12.13 45.31 31.15
N GLU A 421 -11.47 44.15 31.16
CA GLU A 421 -11.81 43.08 30.23
C GLU A 421 -13.20 42.53 30.47
N GLU A 422 -13.62 42.40 31.73
CA GLU A 422 -14.93 41.82 32.02
C GLU A 422 -16.05 42.68 31.45
N THR A 423 -16.01 43.99 31.71
CA THR A 423 -17.05 44.86 31.17
C THR A 423 -16.91 45.01 29.66
N ALA A 424 -15.69 44.94 29.13
CA ALA A 424 -15.53 44.97 27.67
C ALA A 424 -16.21 43.77 27.02
N PHE A 425 -16.02 42.58 27.59
CA PHE A 425 -16.67 41.38 27.06
C PHE A 425 -18.18 41.46 27.24
N SER A 426 -18.64 41.99 28.37
CA SER A 426 -20.08 42.16 28.56
C SER A 426 -20.67 43.12 27.53
N PHE A 427 -19.97 44.21 27.23
CA PHE A 427 -20.41 45.13 26.20
C PHE A 427 -20.43 44.48 24.82
N VAL A 428 -19.41 43.67 24.53
CA VAL A 428 -19.38 42.95 23.25
C VAL A 428 -20.57 42.02 23.13
N LEU A 429 -20.86 41.28 24.19
CA LEU A 429 -22.01 40.38 24.18
C LEU A 429 -23.32 41.14 24.03
N ARG A 430 -23.45 42.28 24.72
CA ARG A 430 -24.66 43.08 24.61
C ARG A 430 -24.86 43.62 23.20
N LEU A 431 -23.77 44.10 22.58
CA LEU A 431 -23.86 44.66 21.24
C LEU A 431 -23.92 43.59 20.15
N ALA A 432 -23.63 42.33 20.48
CA ALA A 432 -23.70 41.27 19.48
C ALA A 432 -25.12 40.98 19.02
N ASP A 433 -26.12 41.46 19.76
CA ASP A 433 -27.51 41.22 19.36
C ASP A 433 -27.83 41.90 18.05
N LYS A 434 -27.35 43.13 17.86
CA LYS A 434 -27.63 43.88 16.64
C LYS A 434 -26.64 43.48 15.54
N ASN A 435 -26.85 44.04 14.35
CA ASN A 435 -26.02 43.74 13.20
C ASN A 435 -24.73 44.56 13.15
N LEU A 436 -24.55 45.50 14.08
CA LEU A 436 -23.32 46.29 14.11
C LEU A 436 -22.11 45.46 14.46
N LEU A 437 -22.30 44.29 15.05
CA LEU A 437 -21.22 43.39 15.48
C LEU A 437 -21.44 42.00 14.89
N THR A 438 -21.66 41.96 13.57
CA THR A 438 -21.90 40.71 12.87
C THR A 438 -20.84 39.66 13.21
N ILE A 439 -21.29 38.58 13.83
CA ILE A 439 -20.41 37.55 14.36
C ILE A 439 -19.99 36.58 13.26
N VAL A 440 -19.02 35.74 13.57
CA VAL A 440 -18.53 34.70 12.66
C VAL A 440 -18.61 33.37 13.38
N ASN A 441 -18.07 32.32 12.77
CA ASN A 441 -18.13 30.96 13.32
C ASN A 441 -17.93 30.92 14.83
N ASN A 442 -16.91 31.63 15.33
CA ASN A 442 -16.64 31.78 16.75
C ASN A 442 -16.59 30.44 17.47
N PRO A 443 -15.54 29.64 17.25
CA PRO A 443 -15.45 28.33 17.92
C PRO A 443 -14.89 28.44 19.33
N ARG A 444 -14.87 29.65 19.90
CA ARG A 444 -14.30 29.89 21.21
C ARG A 444 -15.20 29.43 22.35
N PHE A 445 -16.37 28.87 22.05
CA PHE A 445 -17.31 28.43 23.07
C PHE A 445 -16.84 27.20 23.82
N GLY A 446 -15.76 26.54 23.38
CA GLY A 446 -15.31 25.34 24.04
C GLY A 446 -14.89 25.59 25.48
N ASP A 447 -14.12 26.66 25.71
CA ASP A 447 -13.66 26.99 27.05
C ASP A 447 -13.31 28.46 27.10
N VAL A 448 -13.22 28.99 28.33
CA VAL A 448 -12.84 30.39 28.51
C VAL A 448 -11.34 30.58 28.49
N HIS A 449 -10.56 29.53 28.76
CA HIS A 449 -9.11 29.63 28.73
C HIS A 449 -8.54 29.72 27.32
N ILE A 450 -9.36 29.44 26.29
CA ILE A 450 -8.87 29.51 24.93
C ILE A 450 -8.64 30.96 24.51
N GLY A 451 -7.80 31.15 23.51
CA GLY A 451 -7.47 32.48 23.01
C GLY A 451 -8.45 33.00 22.00
N TYR A 452 -7.95 33.56 20.91
CA TYR A 452 -8.77 34.10 19.83
C TYR A 452 -8.38 33.44 18.52
N TYR A 453 -9.40 32.92 17.83
CA TYR A 453 -9.18 32.23 16.53
C TYR A 453 -10.52 32.21 15.79
N ASP A 454 -10.57 32.81 14.59
CA ASP A 454 -11.83 32.89 13.83
C ASP A 454 -12.92 33.56 14.67
N VAL A 455 -12.59 34.72 15.24
CA VAL A 455 -13.49 35.44 16.12
C VAL A 455 -13.61 36.88 15.63
N PHE A 456 -13.23 37.12 14.38
CA PHE A 456 -13.23 38.46 13.82
C PHE A 456 -14.65 39.01 13.71
N VAL A 457 -14.76 40.33 13.82
CA VAL A 457 -16.03 41.04 13.76
C VAL A 457 -15.96 42.09 12.65
N THR A 458 -16.97 42.12 11.80
CA THR A 458 -17.04 43.05 10.68
C THR A 458 -18.27 43.95 10.82
N GLN A 459 -18.15 45.17 10.32
CA GLN A 459 -19.21 46.18 10.40
C GLN A 459 -19.50 46.77 9.03
N HIS A 460 -20.66 47.41 8.93
CA HIS A 460 -21.14 47.95 7.66
C HIS A 460 -20.61 49.36 7.42
N ASP A 461 -20.29 49.64 6.15
CA ASP A 461 -19.72 50.94 5.80
C ASP A 461 -20.68 52.08 6.10
N VAL A 462 -21.99 51.83 6.00
CA VAL A 462 -22.97 52.84 6.38
C VAL A 462 -22.82 53.19 7.86
N LEU A 463 -22.62 52.16 8.70
CA LEU A 463 -22.38 52.41 10.12
C LEU A 463 -21.08 53.17 10.33
N ARG A 464 -20.07 52.90 9.50
CA ARG A 464 -18.82 53.64 9.61
C ARG A 464 -19.02 55.11 9.31
N ASP A 465 -19.73 55.42 8.23
CA ASP A 465 -20.03 56.82 7.90
C ASP A 465 -20.87 57.46 9.01
N LEU A 466 -21.84 56.72 9.54
CA LEU A 466 -22.62 57.19 10.67
C LEU A 466 -21.72 57.61 11.83
N ALA A 467 -20.92 56.65 12.33
CA ALA A 467 -20.02 56.95 13.45
C ALA A 467 -19.07 58.08 13.12
N LEU A 468 -18.77 58.28 11.84
CA LEU A 468 -18.01 59.45 11.42
C LEU A 468 -18.84 60.73 11.38
N HIS A 469 -20.17 60.63 11.48
CA HIS A 469 -21.01 61.81 11.24
C HIS A 469 -21.22 62.70 12.46
N MET A 470 -21.78 62.12 13.53
CA MET A 470 -22.14 62.92 14.73
C MET A 470 -20.93 63.64 15.35
N SER A 471 -20.77 64.94 15.08
CA SER A 471 -19.74 65.70 15.78
C SER A 471 -18.40 64.98 15.77
N ASN A 472 -17.87 64.77 14.56
CA ASN A 472 -16.58 64.12 14.38
C ASN A 472 -15.74 64.81 13.32
N ARG A 473 -16.02 66.08 13.02
CA ARG A 473 -15.25 66.85 12.05
C ARG A 473 -14.95 68.24 12.60
N VAL A 474 -14.60 68.32 13.89
CA VAL A 474 -14.23 69.60 14.48
C VAL A 474 -12.93 70.09 13.87
N ASP A 475 -12.87 71.38 13.53
CA ASP A 475 -11.76 71.90 12.75
C ASP A 475 -10.45 71.83 13.51
N VAL A 476 -10.43 72.29 14.76
CA VAL A 476 -9.19 72.48 15.50
C VAL A 476 -9.10 71.59 16.73
N ASN A 477 -10.21 71.38 17.44
CA ASN A 477 -10.12 70.69 18.73
C ASN A 477 -10.36 69.19 18.61
N ARG A 478 -11.55 68.79 18.18
CA ARG A 478 -11.93 67.39 18.00
C ARG A 478 -11.50 66.55 19.21
N ARG A 479 -12.14 66.85 20.34
CA ARG A 479 -11.77 66.29 21.64
C ARG A 479 -11.67 64.77 21.65
N GLU A 480 -12.23 64.10 20.66
CA GLU A 480 -12.16 62.64 20.59
C GLU A 480 -12.37 62.20 19.15
N ARG A 481 -12.13 60.91 18.90
CA ARG A 481 -12.45 60.32 17.58
C ARG A 481 -11.74 61.00 16.41
N LEU A 482 -10.41 60.98 16.40
CA LEU A 482 -9.67 61.46 15.22
C LEU A 482 -9.61 60.33 14.20
N LEU A 483 -10.23 60.53 13.05
CA LEU A 483 -10.36 59.49 12.02
C LEU A 483 -9.83 59.99 10.68
N MET A 484 -9.94 59.11 9.69
CA MET A 484 -9.53 59.33 8.31
C MET A 484 -10.37 58.38 7.46
N PRO A 485 -11.24 58.89 6.58
CA PRO A 485 -12.19 58.01 5.89
C PRO A 485 -11.55 56.86 5.12
N LYS A 486 -10.43 57.09 4.43
CA LYS A 486 -9.81 56.00 3.68
C LYS A 486 -8.34 56.34 3.43
N THR A 487 -7.57 55.31 3.10
CA THR A 487 -6.17 55.50 2.79
C THR A 487 -6.00 56.38 1.54
N GLU A 488 -5.05 57.29 1.60
CA GLU A 488 -4.83 58.25 0.53
C GLU A 488 -3.49 58.95 0.78
N PRO A 489 -2.86 59.50 -0.27
CA PRO A 489 -1.61 60.22 -0.06
C PRO A 489 -1.82 61.66 0.41
N VAL A 490 -3.01 61.97 0.88
CA VAL A 490 -3.36 63.31 1.33
C VAL A 490 -3.93 63.23 2.74
N LEU A 491 -3.89 64.37 3.42
CA LEU A 491 -4.36 64.52 4.79
C LEU A 491 -5.62 65.38 4.83
N PRO A 492 -6.44 65.23 5.88
CA PRO A 492 -7.67 66.05 5.97
C PRO A 492 -7.35 67.53 6.07
N ARG A 493 -7.93 68.32 5.16
CA ARG A 493 -7.62 69.74 5.11
C ARG A 493 -8.12 70.48 6.35
N GLU A 494 -9.15 69.96 7.01
CA GLU A 494 -9.67 70.61 8.21
C GLU A 494 -8.62 70.61 9.32
N TRP A 495 -7.92 69.50 9.50
CA TRP A 495 -6.87 69.41 10.52
C TRP A 495 -5.50 69.77 9.98
N GLU A 496 -5.29 69.68 8.67
CA GLU A 496 -4.00 70.05 8.09
C GLU A 496 -3.73 71.54 8.26
N LYS A 497 -4.75 72.38 8.06
CA LYS A 497 -4.56 73.82 8.19
C LYS A 497 -4.20 74.21 9.63
N ASN A 498 -4.84 73.59 10.60
CA ASN A 498 -4.56 73.87 12.02
C ASN A 498 -3.40 72.98 12.48
N LYS A 499 -2.21 73.31 11.99
CA LYS A 499 -1.02 72.55 12.36
C LYS A 499 -0.71 72.67 13.85
N ASP A 500 -0.83 73.88 14.40
CA ASP A 500 -0.59 74.11 15.83
C ASP A 500 -1.92 73.98 16.57
N GLU A 501 -2.23 72.75 16.96
CA GLU A 501 -3.48 72.43 17.65
C GLU A 501 -3.24 71.35 18.70
N PRO A 502 -3.14 71.72 19.98
CA PRO A 502 -3.05 70.71 21.03
C PRO A 502 -4.38 70.01 21.24
N PHE A 503 -4.71 69.10 20.31
CA PHE A 503 -6.04 68.50 20.27
C PHE A 503 -6.13 67.30 21.21
N ASP A 504 -7.19 67.25 22.00
CA ASP A 504 -7.50 66.05 22.76
C ASP A 504 -7.81 64.92 21.79
N ALA A 505 -7.10 63.82 21.92
CA ALA A 505 -7.05 62.78 20.88
C ALA A 505 -7.22 61.40 21.49
N LYS A 506 -8.25 61.23 22.32
CA LYS A 506 -8.47 59.95 22.98
C LYS A 506 -8.55 58.79 22.00
N ILE A 507 -9.08 59.00 20.81
CA ILE A 507 -9.14 58.00 19.77
C ILE A 507 -8.56 58.59 18.49
N VAL A 508 -7.47 58.00 18.00
CA VAL A 508 -6.83 58.42 16.75
C VAL A 508 -6.69 57.20 15.86
N SER A 509 -7.18 57.30 14.62
CA SER A 509 -6.99 56.25 13.62
C SER A 509 -6.60 56.92 12.31
N LEU A 510 -5.38 56.68 11.86
CA LEU A 510 -4.84 57.33 10.67
C LEU A 510 -4.62 56.29 9.59
N HIS A 511 -5.20 56.52 8.41
CA HIS A 511 -5.03 55.66 7.25
C HIS A 511 -4.22 56.42 6.21
N THR A 512 -3.08 55.86 5.80
CA THR A 512 -2.20 56.53 4.86
C THR A 512 -1.53 55.49 3.97
N GLY A 513 -1.47 55.78 2.68
CA GLY A 513 -0.87 54.87 1.73
C GLY A 513 0.59 55.17 1.45
N GLU A 514 0.88 55.71 0.27
CA GLU A 514 2.25 56.00 -0.12
C GLU A 514 2.82 57.24 0.54
N MET A 515 1.99 58.09 1.13
CA MET A 515 2.48 59.30 1.75
C MET A 515 3.26 58.99 3.03
N ASP A 516 4.18 59.89 3.38
CA ASP A 516 5.04 59.68 4.53
C ASP A 516 4.24 59.64 5.82
N GLU A 517 4.70 58.82 6.76
CA GLU A 517 4.04 58.67 8.05
C GLU A 517 4.18 59.91 8.93
N MET A 518 5.21 60.71 8.73
CA MET A 518 5.45 61.88 9.57
C MET A 518 4.40 62.97 9.40
N ASN A 519 3.57 62.89 8.35
CA ASN A 519 2.55 63.89 8.05
C ASN A 519 3.17 65.25 7.77
N TRP A 520 2.32 66.25 7.48
CA TRP A 520 2.79 67.59 7.15
C TRP A 520 2.40 68.62 8.20
N PHE A 521 2.04 68.18 9.42
CA PHE A 521 1.71 69.08 10.50
C PHE A 521 2.17 68.46 11.81
N ASP A 522 1.69 69.02 12.93
CA ASP A 522 2.13 68.62 14.26
C ASP A 522 0.93 68.23 15.11
N MET A 523 0.79 66.93 15.38
CA MET A 523 -0.18 66.41 16.34
C MET A 523 0.50 66.42 17.71
N ASP A 524 0.18 67.43 18.53
CA ASP A 524 0.70 67.44 19.90
C ASP A 524 0.01 66.36 20.74
N LEU A 525 -1.33 66.31 20.68
CA LEU A 525 -2.15 65.33 21.37
C LEU A 525 -1.81 65.27 22.86
N PRO A 526 -2.17 66.29 23.63
CA PRO A 526 -1.84 66.28 25.06
C PRO A 526 -2.62 65.25 25.88
N LYS A 527 -3.76 64.76 25.37
CA LYS A 527 -4.58 63.82 26.14
C LYS A 527 -4.94 62.58 25.33
N ALA A 528 -4.10 62.19 24.38
CA ALA A 528 -4.39 61.01 23.57
C ALA A 528 -4.19 59.73 24.37
N GLU A 529 -4.97 58.71 24.02
CA GLU A 529 -4.89 57.43 24.70
C GLU A 529 -4.71 56.25 23.75
N VAL A 530 -5.35 56.27 22.58
CA VAL A 530 -5.36 55.14 21.66
C VAL A 530 -4.92 55.62 20.29
N LEU A 531 -4.02 54.87 19.64
CA LEU A 531 -3.53 55.20 18.32
C LEU A 531 -3.56 53.94 17.45
N ILE A 532 -4.19 54.05 16.28
CA ILE A 532 -4.25 52.97 15.30
C ILE A 532 -3.79 53.52 13.96
N LEU A 533 -2.99 52.74 13.24
CA LEU A 533 -2.44 53.13 11.95
C LEU A 533 -2.75 52.07 10.92
N ASN A 534 -3.15 52.50 9.73
CA ASN A 534 -3.36 51.62 8.58
C ASN A 534 -2.34 52.02 7.52
N PHE A 535 -1.46 51.10 7.16
CA PHE A 535 -0.28 51.44 6.36
C PHE A 535 -0.24 50.55 5.11
N SER A 536 0.75 50.81 4.23
CA SER A 536 0.88 50.08 2.96
C SER A 536 2.31 50.24 2.45
N SER A 537 2.53 49.80 1.20
CA SER A 537 3.81 49.91 0.50
C SER A 537 4.91 49.09 1.16
N ASP A 538 6.15 49.23 0.65
CA ASP A 538 7.28 48.43 1.11
C ASP A 538 8.25 49.23 1.97
N ASN A 539 8.85 50.29 1.43
CA ASN A 539 9.72 51.17 2.19
C ASN A 539 8.89 52.24 2.86
N TYR A 540 9.07 52.34 4.18
CA TYR A 540 8.24 53.31 4.93
C TYR A 540 8.98 53.82 6.16
N VAL A 541 8.52 54.96 6.67
CA VAL A 541 9.10 55.57 7.87
C VAL A 541 8.05 55.62 8.96
N LEU A 542 8.41 56.17 10.12
CA LEU A 542 7.53 56.32 11.27
C LEU A 542 7.46 57.77 11.71
N PRO A 543 6.29 58.23 12.18
CA PRO A 543 6.14 59.65 12.49
C PRO A 543 6.86 60.01 13.77
N PRO A 544 7.27 61.27 13.93
CA PRO A 544 7.80 61.74 15.21
C PRO A 544 6.73 62.16 16.20
N PHE A 545 5.48 61.79 15.96
CA PHE A 545 4.39 62.20 16.85
C PHE A 545 4.56 61.60 18.24
N ILE A 546 4.99 60.33 18.31
CA ILE A 546 5.14 59.65 19.59
C ILE A 546 6.17 60.35 20.47
N GLY A 547 7.17 61.00 19.86
CA GLY A 547 8.11 61.76 20.64
C GLY A 547 7.46 62.92 21.39
N LYS A 548 6.56 63.63 20.72
CA LYS A 548 5.79 64.71 21.34
C LYS A 548 4.42 64.15 21.73
N MET A 549 4.42 63.39 22.81
CA MET A 549 3.23 62.66 23.24
C MET A 549 3.22 62.60 24.76
N SER A 550 2.14 63.09 25.38
CA SER A 550 2.05 63.05 26.83
C SER A 550 1.89 61.62 27.33
N ARG A 551 0.96 60.86 26.74
CA ARG A 551 0.76 59.47 27.12
C ARG A 551 0.11 58.74 25.95
N LEU A 552 0.41 57.44 25.85
CA LEU A 552 -0.18 56.59 24.83
C LEU A 552 -0.20 55.16 25.37
N ARG A 553 -1.20 54.39 24.94
CA ARG A 553 -1.37 53.05 25.48
C ARG A 553 -1.51 52.00 24.38
N VAL A 554 -2.07 52.39 23.23
CA VAL A 554 -2.34 51.47 22.13
C VAL A 554 -1.63 51.99 20.89
N LEU A 555 -0.89 51.09 20.22
CA LEU A 555 -0.22 51.42 18.96
C LEU A 555 -0.35 50.22 18.03
N VAL A 556 -1.01 50.42 16.90
CA VAL A 556 -1.25 49.35 15.93
C VAL A 556 -0.75 49.79 14.57
N ILE A 557 0.03 48.93 13.92
CA ILE A 557 0.54 49.17 12.57
C ILE A 557 0.08 48.01 11.69
N ILE A 558 -0.61 48.33 10.60
CA ILE A 558 -1.20 47.34 9.70
C ILE A 558 -0.66 47.58 8.30
N ASN A 559 -0.12 46.53 7.69
CA ASN A 559 0.38 46.59 6.32
C ASN A 559 -0.39 45.59 5.47
N ASN A 560 -0.83 46.04 4.29
CA ASN A 560 -1.64 45.21 3.40
C ASN A 560 -0.90 44.80 2.14
N GLY A 561 0.43 44.97 2.11
CA GLY A 561 1.19 44.59 0.95
C GLY A 561 1.40 43.10 0.83
N MET A 562 1.77 42.67 -0.37
CA MET A 562 2.07 41.27 -0.65
C MET A 562 3.51 40.90 -0.37
N SER A 563 4.34 41.87 0.01
CA SER A 563 5.75 41.68 0.31
C SER A 563 6.04 42.29 1.67
N PRO A 564 7.08 41.82 2.36
CA PRO A 564 7.44 42.41 3.65
C PRO A 564 7.74 43.89 3.52
N ALA A 565 7.31 44.67 4.50
CA ALA A 565 7.44 46.12 4.49
C ALA A 565 8.53 46.54 5.47
N ARG A 566 9.45 47.38 5.00
CA ARG A 566 10.53 47.89 5.82
C ARG A 566 10.11 49.17 6.52
N LEU A 567 10.64 49.37 7.73
CA LEU A 567 10.36 50.54 8.54
C LEU A 567 11.66 51.25 8.88
N HIS A 568 11.61 52.58 8.87
CA HIS A 568 12.78 53.41 9.14
C HIS A 568 12.50 54.34 10.31
N GLY A 569 13.51 54.56 11.14
CA GLY A 569 13.38 55.47 12.27
C GLY A 569 12.53 54.93 13.40
N PHE A 570 12.97 53.82 14.00
CA PHE A 570 12.26 53.20 15.10
C PHE A 570 12.68 53.74 16.47
N SER A 571 13.69 54.62 16.52
CA SER A 571 14.14 55.16 17.79
C SER A 571 13.13 56.14 18.38
N ILE A 572 12.32 56.77 17.53
CA ILE A 572 11.33 57.73 18.02
C ILE A 572 10.26 57.04 18.84
N PHE A 573 9.91 55.80 18.50
CA PHE A 573 8.87 55.07 19.22
C PHE A 573 9.27 54.73 20.66
N ALA A 574 10.55 54.87 21.01
CA ALA A 574 11.01 54.58 22.36
C ALA A 574 10.82 55.76 23.32
N ASN A 575 10.30 56.89 22.84
CA ASN A 575 10.16 58.06 23.70
C ASN A 575 9.19 57.80 24.84
N LEU A 576 8.08 57.11 24.56
CA LEU A 576 7.04 56.85 25.55
C LEU A 576 7.08 55.40 25.99
N ALA A 577 7.08 55.19 27.31
CA ALA A 577 7.02 53.85 27.88
C ALA A 577 5.64 53.52 28.42
N LYS A 578 4.67 54.43 28.31
CA LYS A 578 3.33 54.19 28.80
C LYS A 578 2.53 53.23 27.93
N LEU A 579 3.03 52.89 26.74
CA LEU A 579 2.32 51.99 25.85
C LEU A 579 2.12 50.63 26.51
N ARG A 580 0.91 50.08 26.35
CA ARG A 580 0.55 48.82 26.96
C ARG A 580 0.31 47.69 25.97
N SER A 581 -0.03 48.01 24.72
CA SER A 581 -0.31 47.00 23.71
C SER A 581 0.41 47.36 22.42
N LEU A 582 0.94 46.33 21.74
CA LEU A 582 1.61 46.51 20.46
C LEU A 582 1.06 45.47 19.49
N TRP A 583 0.68 45.91 18.30
CA TRP A 583 0.08 45.02 17.31
C TRP A 583 0.79 45.12 15.97
N LEU A 584 2.11 44.93 15.93
CA LEU A 584 2.84 44.96 14.63
C LEU A 584 2.39 43.81 13.71
N LYS A 585 2.43 44.01 12.39
CA LYS A 585 2.05 42.93 11.42
C LYS A 585 2.70 43.15 10.05
N ARG A 586 3.24 42.09 9.44
CA ARG A 586 3.84 42.16 8.08
C ARG A 586 4.83 43.31 7.97
N VAL A 587 5.96 43.23 8.69
CA VAL A 587 6.97 44.34 8.68
C VAL A 587 8.34 43.78 9.07
N HIS A 588 9.39 44.59 8.93
CA HIS A 588 10.76 44.16 9.33
C HIS A 588 11.01 44.61 10.78
N VAL A 589 10.63 43.77 11.74
CA VAL A 589 10.78 44.03 13.16
C VAL A 589 12.20 44.54 13.40
N PRO A 590 12.38 45.79 13.83
CA PRO A 590 13.73 46.28 14.10
C PRO A 590 14.37 45.55 15.27
N GLU A 591 15.70 45.42 15.20
CA GLU A 591 16.44 44.73 16.24
C GLU A 591 16.40 45.51 17.54
N LEU A 592 16.22 44.79 18.66
CA LEU A 592 16.20 45.43 19.96
C LEU A 592 17.57 45.96 20.33
N THR A 593 17.60 47.14 20.95
CA THR A 593 18.84 47.78 21.36
C THR A 593 18.70 48.30 22.78
N SER A 594 19.84 48.41 23.46
CA SER A 594 19.85 48.94 24.83
C SER A 594 19.46 50.41 24.88
N CYS A 595 19.66 51.15 23.79
CA CYS A 595 19.24 52.55 23.75
C CYS A 595 17.73 52.72 23.85
N THR A 596 16.97 51.69 23.47
CA THR A 596 15.52 51.75 23.60
C THR A 596 15.13 51.85 25.07
N ILE A 597 14.22 52.77 25.37
CA ILE A 597 13.75 52.93 26.76
C ILE A 597 12.97 51.69 27.18
N PRO A 598 13.28 51.09 28.32
CA PRO A 598 12.56 49.87 28.74
C PRO A 598 11.08 50.15 28.94
N LEU A 599 10.25 49.51 28.14
CA LEU A 599 8.79 49.66 28.22
C LEU A 599 8.29 48.91 29.44
N LYS A 600 8.10 49.64 30.54
CA LYS A 600 7.65 49.04 31.79
C LYS A 600 6.14 48.87 31.87
N ASN A 601 5.40 49.30 30.86
CA ASN A 601 3.96 49.16 30.84
C ASN A 601 3.44 48.30 29.68
N LEU A 602 4.30 47.88 28.76
CA LEU A 602 3.87 47.05 27.64
C LEU A 602 3.50 45.66 28.12
N HIS A 603 2.35 45.16 27.68
CA HIS A 603 1.86 43.85 28.10
C HIS A 603 1.60 42.89 26.96
N LYS A 604 1.25 43.38 25.77
CA LYS A 604 0.89 42.52 24.65
C LYS A 604 1.76 42.85 23.45
N ILE A 605 2.34 41.82 22.84
CA ILE A 605 3.12 41.95 21.61
C ILE A 605 2.64 40.85 20.68
N HIS A 606 1.79 41.20 19.71
CA HIS A 606 1.21 40.26 18.78
C HIS A 606 1.80 40.50 17.39
N LEU A 607 2.52 39.52 16.87
CA LEU A 607 3.15 39.59 15.56
C LEU A 607 2.49 38.57 14.65
N ILE A 608 1.93 39.02 13.53
CA ILE A 608 1.29 38.16 12.55
C ILE A 608 1.89 38.46 11.19
N PHE A 609 2.41 37.42 10.52
CA PHE A 609 3.00 37.54 9.19
C PHE A 609 4.15 38.56 9.16
N CYS A 610 4.83 38.73 10.30
CA CYS A 610 5.91 39.69 10.41
C CYS A 610 7.22 39.06 9.93
N LYS A 611 8.29 39.84 10.00
CA LYS A 611 9.63 39.40 9.61
C LYS A 611 10.55 39.62 10.81
N VAL A 612 10.74 38.55 11.60
CA VAL A 612 11.63 38.64 12.77
C VAL A 612 13.06 38.89 12.32
N LYS A 613 13.50 38.20 11.27
CA LYS A 613 14.85 38.34 10.73
C LYS A 613 15.91 38.08 11.81
N ASN A 614 16.45 39.15 12.39
CA ASN A 614 17.45 39.04 13.44
C ASN A 614 17.08 39.79 14.71
N SER A 615 15.85 40.32 14.79
CA SER A 615 15.46 41.09 15.97
C SER A 615 15.38 40.21 17.21
N PHE A 616 14.69 39.08 17.11
CA PHE A 616 14.55 38.17 18.24
C PHE A 616 15.62 37.08 18.26
N VAL A 617 16.42 36.97 17.21
CA VAL A 617 17.48 35.96 17.20
C VAL A 617 18.59 36.33 18.17
N GLN A 618 18.93 37.62 18.24
CA GLN A 618 20.01 38.07 19.12
C GLN A 618 19.64 37.85 20.58
N THR A 619 20.66 37.57 21.39
CA THR A 619 20.49 37.34 22.83
C THR A 619 21.39 38.20 23.69
N SER A 620 22.16 39.12 23.10
CA SER A 620 23.04 39.97 23.89
C SER A 620 22.26 40.86 24.84
N PHE A 621 21.15 41.42 24.38
CA PHE A 621 20.33 42.31 25.19
C PHE A 621 19.22 41.50 25.87
N ASP A 622 19.08 41.71 27.18
CA ASP A 622 18.07 40.99 27.95
C ASP A 622 16.69 41.56 27.66
N ILE A 623 15.83 40.75 27.05
CA ILE A 623 14.48 41.20 26.72
C ILE A 623 13.67 41.46 27.97
N SER A 624 13.95 40.74 29.06
CA SER A 624 13.21 40.94 30.30
C SER A 624 13.41 42.35 30.84
N LYS A 625 14.63 42.86 30.78
CA LYS A 625 14.89 44.24 31.23
C LYS A 625 14.15 45.24 30.35
N ILE A 626 14.15 45.02 29.04
CA ILE A 626 13.48 45.95 28.13
C ILE A 626 11.97 45.89 28.29
N PHE A 627 11.43 44.68 28.49
CA PHE A 627 9.99 44.47 28.61
C PHE A 627 9.71 43.67 29.87
N PRO A 628 9.73 44.32 31.04
CA PRO A 628 9.45 43.59 32.28
C PRO A 628 7.97 43.31 32.53
N SER A 629 7.08 44.08 31.91
CA SER A 629 5.64 43.89 32.09
C SER A 629 5.01 43.03 31.01
N LEU A 630 5.79 42.54 30.06
CA LEU A 630 5.25 41.71 28.99
C LEU A 630 4.66 40.43 29.57
N SER A 631 3.46 40.08 29.12
CA SER A 631 2.78 38.89 29.62
C SER A 631 2.33 37.96 28.49
N ASP A 632 1.90 38.50 27.35
CA ASP A 632 1.41 37.72 26.24
C ASP A 632 2.21 38.04 24.99
N LEU A 633 2.76 37.01 24.36
CA LEU A 633 3.50 37.14 23.11
C LEU A 633 2.95 36.14 22.10
N THR A 634 2.61 36.63 20.92
CA THR A 634 2.02 35.80 19.87
C THR A 634 2.85 35.94 18.59
N ILE A 635 3.28 34.80 18.05
CA ILE A 635 3.98 34.74 16.78
C ILE A 635 3.18 33.84 15.85
N ASP A 636 2.66 34.40 14.77
CA ASP A 636 1.78 33.68 13.85
C ASP A 636 2.25 33.89 12.42
N HIS A 637 2.29 32.79 11.66
CA HIS A 637 2.64 32.82 10.24
C HIS A 637 3.97 33.52 9.99
N CYS A 638 4.96 33.19 10.83
CA CYS A 638 6.30 33.77 10.72
C CYS A 638 7.30 32.64 10.48
N ASP A 639 8.12 32.81 9.45
CA ASP A 639 9.17 31.86 9.11
C ASP A 639 10.51 32.35 9.65
N ASP A 640 11.56 31.57 9.38
CA ASP A 640 12.92 31.88 9.82
C ASP A 640 12.97 32.10 11.33
N LEU A 641 12.34 31.19 12.07
CA LEU A 641 12.30 31.28 13.52
C LEU A 641 12.84 30.01 14.16
N LEU A 642 14.00 29.54 13.68
CA LEU A 642 14.61 28.33 14.21
C LEU A 642 15.19 28.53 15.61
N GLU A 643 15.31 29.76 16.08
CA GLU A 643 15.87 30.05 17.40
C GLU A 643 14.78 30.64 18.29
N LEU A 644 14.62 30.06 19.48
CA LEU A 644 13.63 30.54 20.44
C LEU A 644 14.21 30.71 21.84
N LYS A 645 15.53 30.70 21.98
CA LYS A 645 16.14 30.86 23.30
C LYS A 645 15.85 32.23 23.88
N SER A 646 15.90 33.28 23.05
CA SER A 646 15.62 34.63 23.53
C SER A 646 14.19 34.75 24.03
N ILE A 647 13.24 34.15 23.32
CA ILE A 647 11.84 34.21 23.74
C ILE A 647 11.66 33.54 25.09
N PHE A 648 12.27 32.36 25.27
CA PHE A 648 12.16 31.66 26.55
C PHE A 648 12.96 32.35 27.65
N GLY A 649 13.89 33.23 27.29
CA GLY A 649 14.69 33.92 28.30
C GLY A 649 13.91 34.94 29.12
N ILE A 650 12.75 35.38 28.62
CA ILE A 650 11.95 36.34 29.36
C ILE A 650 11.29 35.66 30.54
N THR A 651 11.47 36.21 31.74
CA THR A 651 10.93 35.63 32.95
C THR A 651 9.52 36.11 33.28
N SER A 652 9.01 37.09 32.55
CA SER A 652 7.67 37.63 32.79
C SER A 652 6.61 37.02 31.89
N LEU A 653 6.99 36.05 31.04
CA LEU A 653 6.03 35.46 30.13
C LEU A 653 4.92 34.74 30.89
N ASN A 654 3.68 34.95 30.44
CA ASN A 654 2.51 34.34 31.06
C ASN A 654 1.68 33.52 30.09
N SER A 655 1.56 33.95 28.83
CA SER A 655 0.78 33.23 27.82
C SER A 655 1.52 33.33 26.50
N LEU A 656 2.15 32.23 26.08
CA LEU A 656 2.88 32.16 24.83
C LEU A 656 2.10 31.32 23.84
N SER A 657 1.92 31.84 22.63
CA SER A 657 1.18 31.16 21.58
C SER A 657 1.95 31.27 20.27
N ILE A 658 2.27 30.12 19.69
CA ILE A 658 2.94 30.05 18.38
C ILE A 658 2.01 29.31 17.43
N THR A 659 1.69 29.94 16.30
CA THR A 659 0.73 29.39 15.35
C THR A 659 1.33 29.43 13.95
N ASN A 660 1.28 28.29 13.26
CA ASN A 660 1.68 28.20 11.86
C ASN A 660 3.11 28.70 11.65
N CYS A 661 4.01 28.24 12.50
CA CYS A 661 5.42 28.63 12.40
C CYS A 661 6.26 27.42 12.01
N PRO A 662 6.65 27.28 10.75
CA PRO A 662 7.48 26.13 10.35
C PRO A 662 8.96 26.37 10.62
N ARG A 663 9.79 25.44 10.17
CA ARG A 663 11.25 25.53 10.33
C ARG A 663 11.64 25.59 11.81
N ILE A 664 10.93 24.82 12.63
CA ILE A 664 11.24 24.69 14.05
C ILE A 664 11.44 23.21 14.34
N LEU A 665 12.65 22.85 14.80
CA LEU A 665 12.95 21.45 15.10
C LEU A 665 12.44 21.07 16.48
N GLU A 666 12.98 21.71 17.53
CA GLU A 666 12.57 21.47 18.90
C GLU A 666 12.63 22.77 19.67
N LEU A 667 11.80 22.88 20.70
CA LEU A 667 11.83 24.04 21.57
C LEU A 667 13.10 24.00 22.43
N PRO A 668 13.72 25.15 22.70
CA PRO A 668 14.95 25.15 23.50
C PRO A 668 14.69 24.65 24.91
N LYS A 669 15.70 23.98 25.47
CA LYS A 669 15.62 23.41 26.82
C LYS A 669 15.99 24.43 27.89
N ASN A 670 15.31 25.59 27.87
CA ASN A 670 15.55 26.63 28.86
C ASN A 670 14.25 27.26 29.36
N LEU A 671 13.11 26.60 29.15
CA LEU A 671 11.83 27.13 29.59
C LEU A 671 11.67 27.08 31.11
N SER A 672 12.57 26.41 31.82
CA SER A 672 12.49 26.37 33.29
C SER A 672 12.67 27.75 33.92
N ASN A 673 13.25 28.70 33.18
CA ASN A 673 13.38 30.06 33.70
C ASN A 673 12.02 30.69 33.94
N VAL A 674 11.06 30.44 33.05
CA VAL A 674 9.71 30.96 33.20
C VAL A 674 8.97 30.11 34.22
N GLN A 675 8.46 30.76 35.27
CA GLN A 675 7.73 30.07 36.33
C GLN A 675 6.30 30.58 36.47
N SER A 676 5.79 31.28 35.45
CA SER A 676 4.43 31.80 35.51
C SER A 676 3.68 31.60 34.20
N LEU A 677 4.20 30.79 33.27
CA LEU A 677 3.51 30.55 32.01
C LEU A 677 2.25 29.72 32.24
N GLU A 678 1.13 30.18 31.68
CA GLU A 678 -0.16 29.52 31.86
C GLU A 678 -0.68 28.83 30.61
N ARG A 679 -0.41 29.37 29.43
CA ARG A 679 -0.90 28.81 28.17
C ARG A 679 0.28 28.52 27.26
N LEU A 680 0.19 27.39 26.56
CA LEU A 680 1.24 26.91 25.65
C LEU A 680 0.63 26.49 24.32
N ARG A 681 -0.20 27.35 23.75
CA ARG A 681 -0.83 27.05 22.47
C ARG A 681 0.21 26.87 21.38
N LEU A 682 0.16 25.72 20.70
CA LEU A 682 1.12 25.35 19.66
C LEU A 682 0.37 24.97 18.39
N TYR A 683 -0.56 25.81 17.97
CA TYR A 683 -1.35 25.56 16.77
C TYR A 683 -0.44 25.38 15.56
N ALA A 684 -0.71 24.33 14.77
CA ALA A 684 0.06 23.99 13.57
C ALA A 684 1.51 23.76 13.98
N CYS A 685 2.48 24.55 13.50
CA CYS A 685 3.89 24.41 13.82
C CYS A 685 4.38 23.00 13.51
N PRO A 686 4.48 22.62 12.23
CA PRO A 686 4.92 21.26 11.89
C PRO A 686 6.40 21.05 12.14
N GLU A 687 6.89 19.86 11.81
CA GLU A 687 8.30 19.49 11.93
C GLU A 687 8.80 19.53 13.38
N LEU A 688 7.90 19.44 14.35
CA LEU A 688 8.27 19.41 15.75
C LEU A 688 8.54 17.95 16.14
N ILE A 689 9.82 17.64 16.38
CA ILE A 689 10.21 16.25 16.60
C ILE A 689 9.61 15.71 17.90
N SER A 690 9.76 16.47 18.99
CA SER A 690 9.25 16.03 20.27
C SER A 690 9.08 17.23 21.19
N LEU A 691 8.22 17.06 22.18
CA LEU A 691 7.99 18.09 23.20
C LEU A 691 9.15 18.10 24.20
N PRO A 692 9.46 19.27 24.75
CA PRO A 692 10.55 19.34 25.75
C PRO A 692 10.20 18.56 27.01
N VAL A 693 11.24 18.00 27.63
CA VAL A 693 11.06 17.27 28.88
C VAL A 693 10.93 18.21 30.07
N GLU A 694 11.32 19.47 29.92
CA GLU A 694 11.20 20.45 30.99
C GLU A 694 9.82 21.08 31.08
N VAL A 695 8.91 20.73 30.16
CA VAL A 695 7.54 21.25 30.21
C VAL A 695 6.86 20.79 31.50
N CYS A 696 7.14 19.55 31.93
CA CYS A 696 6.53 19.03 33.14
C CYS A 696 6.93 19.80 34.38
N GLU A 697 8.04 20.55 34.33
CA GLU A 697 8.49 21.33 35.46
C GLU A 697 7.70 22.62 35.64
N LEU A 698 6.85 22.99 34.69
CA LEU A 698 6.06 24.20 34.81
C LEU A 698 5.02 24.02 35.92
N PRO A 699 4.99 24.91 36.91
CA PRO A 699 4.08 24.71 38.05
C PRO A 699 2.64 25.12 37.77
N CYS A 700 2.44 26.10 36.89
CA CYS A 700 1.12 26.69 36.66
C CYS A 700 0.77 26.65 35.18
N LEU A 701 1.00 25.51 34.54
CA LEU A 701 0.63 25.32 33.13
C LEU A 701 -0.83 24.87 33.08
N LYS A 702 -1.73 25.86 33.05
CA LYS A 702 -3.15 25.56 33.10
C LYS A 702 -3.65 24.96 31.80
N TYR A 703 -3.25 25.55 30.66
CA TYR A 703 -3.79 25.18 29.36
C TYR A 703 -2.66 24.80 28.43
N VAL A 704 -2.82 23.66 27.75
CA VAL A 704 -1.89 23.20 26.72
C VAL A 704 -2.68 22.91 25.46
N ASP A 705 -2.27 23.50 24.34
CA ASP A 705 -2.97 23.35 23.07
C ASP A 705 -1.97 22.99 21.98
N ILE A 706 -2.14 21.80 21.40
CA ILE A 706 -1.37 21.37 20.25
C ILE A 706 -2.35 20.85 19.20
N SER A 707 -2.27 21.42 17.98
CA SER A 707 -3.17 21.03 16.91
C SER A 707 -2.42 21.05 15.58
N GLN A 708 -2.92 20.25 14.64
CA GLN A 708 -2.38 20.13 13.29
C GLN A 708 -0.94 19.66 13.26
N CYS A 709 -0.41 19.19 14.39
CA CYS A 709 0.96 18.69 14.40
C CYS A 709 1.04 17.33 13.72
N VAL A 710 2.00 17.17 12.81
CA VAL A 710 2.18 15.93 12.08
C VAL A 710 3.49 15.22 12.40
N SER A 711 4.39 15.85 13.15
CA SER A 711 5.66 15.23 13.51
C SER A 711 5.72 14.74 14.95
N LEU A 712 4.82 15.19 15.82
CA LEU A 712 4.79 14.71 17.18
C LEU A 712 4.34 13.25 17.22
N VAL A 713 5.08 12.42 17.94
CA VAL A 713 4.81 10.98 17.95
C VAL A 713 4.49 10.51 19.37
N SER A 714 4.97 11.23 20.37
CA SER A 714 4.77 10.81 21.75
C SER A 714 4.89 12.00 22.68
N LEU A 715 4.03 12.04 23.70
CA LEU A 715 4.08 13.04 24.74
C LEU A 715 5.22 12.74 25.72
N PRO A 716 5.66 13.73 26.49
CA PRO A 716 6.68 13.46 27.51
C PRO A 716 6.20 12.43 28.53
N GLU A 717 7.16 11.63 29.03
CA GLU A 717 6.82 10.55 29.93
C GLU A 717 6.21 11.07 31.23
N LYS A 718 6.76 12.17 31.77
CA LYS A 718 6.28 12.75 33.01
C LYS A 718 5.24 13.84 32.79
N PHE A 719 4.51 13.79 31.67
CA PHE A 719 3.54 14.83 31.36
C PHE A 719 2.38 14.87 32.35
N GLY A 720 2.14 13.77 33.07
CA GLY A 720 1.06 13.70 34.02
C GLY A 720 1.31 14.37 35.36
N LYS A 721 2.49 14.94 35.57
CA LYS A 721 2.82 15.61 36.81
C LYS A 721 2.30 17.05 36.86
N LEU A 722 1.70 17.54 35.78
CA LEU A 722 1.18 18.90 35.72
C LEU A 722 -0.13 18.95 36.51
N GLY A 723 -0.02 19.32 37.78
CA GLY A 723 -1.19 19.40 38.63
C GLY A 723 -2.13 20.55 38.30
N SER A 724 -1.62 21.58 37.62
CA SER A 724 -2.42 22.73 37.25
C SER A 724 -3.13 22.57 35.91
N LEU A 725 -2.87 21.47 35.19
CA LEU A 725 -3.49 21.26 33.89
C LEU A 725 -4.99 21.01 34.04
N GLU A 726 -5.79 21.75 33.28
CA GLU A 726 -7.23 21.62 33.33
C GLU A 726 -7.85 21.22 31.98
N LYS A 727 -7.38 21.81 30.89
CA LYS A 727 -7.88 21.49 29.56
C LYS A 727 -6.71 21.28 28.61
N ILE A 728 -6.82 20.25 27.77
CA ILE A 728 -5.79 19.92 26.80
C ILE A 728 -6.48 19.63 25.46
N ASP A 729 -5.88 20.12 24.38
CA ASP A 729 -6.39 19.91 23.03
C ASP A 729 -5.30 19.28 22.18
N MET A 730 -5.62 18.16 21.53
CA MET A 730 -4.68 17.47 20.65
C MET A 730 -5.37 17.01 19.38
N ARG A 731 -6.24 17.86 18.83
CA ARG A 731 -6.98 17.50 17.63
C ARG A 731 -6.04 17.31 16.45
N GLU A 732 -6.32 16.29 15.64
CA GLU A 732 -5.55 15.98 14.43
C GLU A 732 -4.07 15.80 14.74
N CYS A 733 -3.78 15.12 15.85
CA CYS A 733 -2.41 14.82 16.25
C CYS A 733 -2.17 13.32 16.16
N SER A 734 -1.11 12.93 15.46
CA SER A 734 -0.79 11.53 15.25
C SER A 734 0.03 11.00 16.44
N LEU A 735 -0.67 10.86 17.56
CA LEU A 735 -0.05 10.33 18.78
C LEU A 735 -0.01 8.81 18.72
N LEU A 736 1.11 8.24 19.16
CA LEU A 736 1.30 6.79 19.15
C LEU A 736 0.71 6.14 20.40
N GLY A 737 1.18 6.56 21.58
CA GLY A 737 0.71 5.99 22.82
C GLY A 737 0.72 6.96 23.98
N LEU A 738 -0.41 7.07 24.67
CA LEU A 738 -0.50 7.97 25.81
C LEU A 738 0.22 7.37 27.02
N PRO A 739 1.16 8.10 27.63
CA PRO A 739 1.82 7.58 28.83
C PRO A 739 0.85 7.47 29.99
N SER A 740 1.18 6.57 30.92
CA SER A 740 0.31 6.33 32.07
C SER A 740 0.31 7.49 33.05
N SER A 741 1.30 8.39 32.97
CA SER A 741 1.40 9.47 33.94
C SER A 741 0.17 10.38 33.92
N VAL A 742 -0.44 10.56 32.76
CA VAL A 742 -1.63 11.39 32.66
C VAL A 742 -2.80 10.85 33.46
N ALA A 743 -2.69 9.62 33.97
CA ALA A 743 -3.69 9.10 34.88
C ALA A 743 -3.74 9.87 36.19
N ALA A 744 -2.70 10.64 36.51
CA ALA A 744 -2.66 11.46 37.70
C ALA A 744 -3.19 12.87 37.48
N LEU A 745 -3.68 13.18 36.27
CA LEU A 745 -4.21 14.51 35.96
C LEU A 745 -5.60 14.64 36.57
N VAL A 746 -5.63 14.94 37.87
CA VAL A 746 -6.89 15.09 38.57
C VAL A 746 -7.60 16.36 38.13
N SER A 747 -6.86 17.46 37.99
CA SER A 747 -7.45 18.74 37.63
C SER A 747 -7.89 18.82 36.18
N LEU A 748 -7.53 17.84 35.35
CA LEU A 748 -7.92 17.87 33.94
C LEU A 748 -9.42 17.66 33.82
N ARG A 749 -10.08 18.53 33.04
CA ARG A 749 -11.52 18.51 32.91
C ARG A 749 -12.00 18.22 31.50
N HIS A 750 -11.51 18.95 30.50
CA HIS A 750 -11.98 18.85 29.13
C HIS A 750 -10.86 18.38 28.23
N VAL A 751 -11.14 17.40 27.38
CA VAL A 751 -10.21 16.90 26.39
C VAL A 751 -10.90 16.92 25.03
N ILE A 752 -10.32 17.65 24.09
CA ILE A 752 -10.81 17.69 22.71
C ILE A 752 -9.75 17.05 21.84
N CYS A 753 -10.06 15.88 21.30
CA CYS A 753 -9.09 15.09 20.54
C CYS A 753 -9.81 14.41 19.38
N ASP A 754 -9.13 13.46 18.76
CA ASP A 754 -9.68 12.70 17.65
C ASP A 754 -10.30 11.39 18.15
N GLU A 755 -10.95 10.67 17.23
CA GLU A 755 -11.59 9.41 17.59
C GLU A 755 -10.56 8.33 17.91
N GLU A 756 -9.35 8.45 17.37
CA GLU A 756 -8.33 7.43 17.59
C GLU A 756 -7.94 7.35 19.07
N THR A 757 -7.80 8.49 19.73
CA THR A 757 -7.36 8.55 21.12
C THR A 757 -8.52 8.47 22.11
N SER A 758 -9.74 8.21 21.62
CA SER A 758 -10.90 8.15 22.51
C SER A 758 -10.75 7.04 23.53
N SER A 759 -10.18 5.90 23.13
CA SER A 759 -10.05 4.77 24.04
C SER A 759 -9.12 5.10 25.22
N MET A 760 -7.91 5.59 24.92
CA MET A 760 -6.97 5.89 25.99
C MET A 760 -7.28 7.21 26.69
N TRP A 761 -8.22 8.01 26.18
CA TRP A 761 -8.71 9.12 26.99
C TRP A 761 -9.86 8.68 27.91
N GLU A 762 -10.70 7.75 27.46
CA GLU A 762 -11.70 7.18 28.35
C GLU A 762 -11.05 6.35 29.44
N MET A 763 -9.88 5.78 29.17
CA MET A 763 -9.17 5.06 30.22
C MET A 763 -8.75 6.00 31.35
N VAL A 764 -8.40 7.25 31.02
CA VAL A 764 -8.19 8.25 32.07
C VAL A 764 -9.52 8.67 32.69
N LYS A 765 -10.56 8.83 31.87
CA LYS A 765 -11.86 9.26 32.37
C LYS A 765 -12.43 8.28 33.38
N LYS A 766 -12.06 7.01 33.27
CA LYS A 766 -12.49 6.02 34.26
C LYS A 766 -11.98 6.38 35.64
N VAL A 767 -10.71 6.83 35.73
CA VAL A 767 -10.15 7.22 37.02
C VAL A 767 -10.79 8.52 37.51
N VAL A 768 -10.95 9.50 36.63
CA VAL A 768 -11.51 10.80 37.00
C VAL A 768 -12.87 10.96 36.36
N PRO A 769 -13.96 10.78 37.10
CA PRO A 769 -15.30 10.92 36.49
C PRO A 769 -15.57 12.30 35.92
N GLU A 770 -14.98 13.35 36.49
CA GLU A 770 -15.23 14.71 36.03
C GLU A 770 -14.64 14.98 34.65
N LEU A 771 -13.80 14.09 34.13
CA LEU A 771 -13.19 14.30 32.82
C LEU A 771 -14.25 14.19 31.72
N CYS A 772 -14.27 15.17 30.82
CA CYS A 772 -15.19 15.20 29.70
C CYS A 772 -14.40 15.15 28.40
N ILE A 773 -14.77 14.24 27.51
CA ILE A 773 -14.08 14.05 26.24
C ILE A 773 -15.05 14.36 25.11
N GLU A 774 -14.63 15.23 24.20
CA GLU A 774 -15.43 15.61 23.04
C GLU A 774 -14.66 15.23 21.78
N VAL A 775 -15.31 14.50 20.88
CA VAL A 775 -14.70 14.07 19.63
C VAL A 775 -14.93 15.17 18.59
N ALA A 776 -13.83 15.67 18.02
CA ALA A 776 -13.89 16.74 17.02
C ALA A 776 -13.95 16.12 15.63
N LYS A 777 -15.07 16.33 14.94
CA LYS A 777 -15.22 15.83 13.59
C LYS A 777 -14.45 16.70 12.61
N LYS A 778 -13.94 16.06 11.55
CA LYS A 778 -13.17 16.76 10.51
C LYS A 778 -14.13 17.22 9.43
N CYS A 779 -14.27 18.53 9.28
CA CYS A 779 -15.11 19.13 8.26
C CYS A 779 -14.25 19.55 7.08
N PHE A 780 -14.67 19.14 5.88
CA PHE A 780 -13.95 19.43 4.65
C PHE A 780 -14.52 20.69 4.02
N THR A 781 -13.75 21.78 4.06
CA THR A 781 -14.16 23.05 3.49
C THR A 781 -13.07 23.57 2.59
N VAL A 782 -13.46 24.44 1.65
CA VAL A 782 -12.55 25.04 0.69
C VAL A 782 -12.37 26.54 0.97
N ASP A 783 -12.73 26.99 2.17
CA ASP A 783 -12.59 28.40 2.51
C ASP A 783 -11.12 28.83 2.58
N TRP A 784 -10.22 27.89 2.88
CA TRP A 784 -8.80 28.23 2.96
C TRP A 784 -8.24 28.60 1.59
N LEU A 785 -8.78 28.02 0.51
CA LEU A 785 -8.31 28.34 -0.83
C LEU A 785 -8.60 29.79 -1.20
N ASP A 786 -9.72 30.34 -0.71
CA ASP A 786 -10.06 31.72 -1.02
C ASP A 786 -9.02 32.69 -0.45
N ASP A 787 -8.57 32.45 0.77
CA ASP A 787 -7.57 33.31 1.40
C ASP A 787 -6.19 33.07 0.80
N MET B 1 -22.78 -44.16 13.32
CA MET B 1 -23.88 -43.38 12.76
C MET B 1 -23.32 -42.07 12.23
N ALA B 2 -22.25 -41.60 12.86
CA ALA B 2 -21.63 -40.33 12.47
C ALA B 2 -21.18 -40.36 11.01
N PHE B 3 -20.83 -41.53 10.49
CA PHE B 3 -20.52 -41.65 9.07
C PHE B 3 -21.73 -41.30 8.22
N GLU B 4 -22.91 -41.80 8.61
CA GLU B 4 -24.13 -41.45 7.90
C GLU B 4 -24.51 -40.00 8.13
N ALA B 5 -24.19 -39.46 9.30
CA ALA B 5 -24.51 -38.06 9.58
C ALA B 5 -23.67 -37.11 8.73
N LEU B 6 -22.41 -37.45 8.50
CA LEU B 6 -21.51 -36.58 7.75
C LEU B 6 -21.61 -36.83 6.24
N THR B 7 -21.33 -38.07 5.81
CA THR B 7 -21.34 -38.37 4.38
C THR B 7 -22.75 -38.42 3.82
N GLY B 8 -23.73 -38.86 4.62
CA GLY B 8 -25.08 -39.00 4.14
C GLY B 8 -25.37 -40.31 3.43
N ILE B 9 -24.47 -41.28 3.52
CA ILE B 9 -24.62 -42.57 2.85
C ILE B 9 -24.59 -43.67 3.90
N ASN B 10 -25.57 -44.57 3.84
CA ASN B 10 -25.65 -45.67 4.78
C ASN B 10 -24.79 -46.84 4.31
N GLY B 11 -24.60 -47.80 5.21
CA GLY B 11 -23.77 -48.96 4.88
C GLY B 11 -24.37 -49.82 3.79
N ASP B 12 -25.69 -49.93 3.77
CA ASP B 12 -26.35 -50.72 2.72
C ASP B 12 -26.09 -50.12 1.34
N LEU B 13 -26.15 -48.80 1.24
CA LEU B 13 -25.85 -48.15 -0.04
C LEU B 13 -24.41 -48.38 -0.47
N ILE B 14 -23.48 -48.35 0.49
CA ILE B 14 -22.08 -48.63 0.17
C ILE B 14 -21.91 -50.06 -0.32
N THR B 15 -22.58 -51.01 0.33
CA THR B 15 -22.49 -52.40 -0.09
C THR B 15 -23.07 -52.58 -1.49
N ARG B 16 -24.21 -51.93 -1.76
CA ARG B 16 -24.81 -52.03 -3.10
C ARG B 16 -23.91 -51.41 -4.16
N SER B 17 -23.28 -50.28 -3.83
CA SER B 17 -22.36 -49.65 -4.78
C SER B 17 -21.16 -50.54 -5.06
N TRP B 18 -20.61 -51.17 -4.02
CA TRP B 18 -19.48 -52.07 -4.22
C TRP B 18 -19.89 -53.29 -5.06
N SER B 19 -21.09 -53.83 -4.81
CA SER B 19 -21.57 -54.95 -5.61
C SER B 19 -21.74 -54.55 -7.07
N ALA B 20 -22.29 -53.36 -7.32
CA ALA B 20 -22.45 -52.89 -8.69
C ALA B 20 -21.10 -52.69 -9.36
N SER B 21 -20.13 -52.13 -8.63
CA SER B 21 -18.79 -51.95 -9.20
C SER B 21 -18.14 -53.28 -9.54
N LYS B 22 -18.31 -54.28 -8.66
CA LYS B 22 -17.77 -55.60 -8.95
C LYS B 22 -18.45 -56.23 -10.16
N GLN B 23 -19.77 -56.07 -10.27
CA GLN B 23 -20.50 -56.63 -11.40
C GLN B 23 -20.13 -55.93 -12.71
N ALA B 24 -19.77 -54.64 -12.64
CA ALA B 24 -19.45 -53.88 -13.85
C ALA B 24 -18.20 -54.38 -14.56
N TYR B 25 -17.39 -55.22 -13.91
CA TYR B 25 -16.19 -55.75 -14.57
C TYR B 25 -16.55 -56.57 -15.79
N LEU B 26 -17.56 -57.44 -15.67
CA LEU B 26 -17.97 -58.26 -16.81
C LEU B 26 -18.68 -57.44 -17.86
N THR B 27 -19.54 -56.51 -17.45
CA THR B 27 -20.29 -55.70 -18.39
C THR B 27 -19.40 -54.66 -19.05
N GLU B 28 -19.87 -54.13 -20.18
CA GLU B 28 -19.15 -53.12 -20.94
C GLU B 28 -19.74 -51.74 -20.68
N ARG B 29 -18.90 -50.72 -20.87
CA ARG B 29 -19.29 -49.32 -20.69
C ARG B 29 -19.81 -49.07 -19.28
N TYR B 30 -21.13 -49.07 -19.11
CA TYR B 30 -21.75 -48.80 -17.83
C TYR B 30 -22.83 -49.84 -17.55
N HIS B 31 -23.06 -50.09 -16.27
CA HIS B 31 -24.07 -51.03 -15.81
C HIS B 31 -25.03 -50.30 -14.87
N LYS B 32 -26.32 -50.50 -15.09
CA LYS B 32 -27.36 -49.85 -14.31
C LYS B 32 -28.05 -50.86 -13.40
N GLU B 33 -28.15 -50.55 -12.12
CA GLU B 33 -28.79 -51.41 -11.13
C GLU B 33 -29.89 -50.64 -10.43
N GLU B 34 -31.07 -51.24 -10.34
CA GLU B 34 -32.23 -50.61 -9.69
C GLU B 34 -32.51 -51.37 -8.39
N ALA B 35 -32.15 -50.76 -7.26
CA ALA B 35 -32.37 -51.34 -5.95
C ALA B 35 -33.36 -50.44 -5.21
N GLY B 36 -34.58 -50.95 -4.99
CA GLY B 36 -35.61 -50.15 -4.37
C GLY B 36 -35.92 -48.93 -5.22
N ALA B 37 -35.78 -47.75 -4.64
CA ALA B 37 -35.95 -46.50 -5.36
C ALA B 37 -34.62 -45.83 -5.70
N VAL B 38 -33.54 -46.61 -5.78
CA VAL B 38 -32.20 -46.10 -6.02
C VAL B 38 -31.68 -46.68 -7.33
N VAL B 39 -31.16 -45.81 -8.19
CA VAL B 39 -30.55 -46.21 -9.45
C VAL B 39 -29.05 -45.97 -9.33
N ILE B 40 -28.27 -47.02 -9.54
CA ILE B 40 -26.81 -46.96 -9.37
C ILE B 40 -26.17 -47.27 -10.72
N PHE B 41 -25.27 -46.39 -11.15
CA PHE B 41 -24.51 -46.57 -12.39
C PHE B 41 -23.07 -46.90 -12.05
N ALA B 42 -22.60 -48.04 -12.53
CA ALA B 42 -21.25 -48.51 -12.29
C ALA B 42 -20.47 -48.52 -13.59
N PHE B 43 -19.31 -47.88 -13.61
CA PHE B 43 -18.48 -47.77 -14.81
C PHE B 43 -17.39 -48.83 -14.78
N GLN B 44 -17.19 -49.49 -15.92
CA GLN B 44 -16.23 -50.58 -16.01
C GLN B 44 -14.81 -50.06 -15.91
N PRO B 45 -14.01 -50.55 -14.96
CA PRO B 45 -12.61 -50.11 -14.89
C PRO B 45 -11.82 -50.61 -16.09
N SER B 46 -10.78 -49.85 -16.45
CA SER B 46 -9.89 -50.18 -17.55
C SER B 46 -8.46 -50.13 -17.07
N PHE B 47 -7.67 -51.13 -17.47
CA PHE B 47 -6.28 -51.27 -17.03
C PHE B 47 -5.38 -51.30 -18.27
N SER B 48 -4.94 -50.14 -18.71
CA SER B 48 -4.00 -50.03 -19.82
C SER B 48 -3.24 -48.72 -19.69
N GLU B 49 -2.07 -48.68 -20.33
CA GLU B 49 -1.24 -47.48 -20.27
C GLU B 49 -1.93 -46.28 -20.92
N LYS B 50 -2.60 -46.50 -22.05
CA LYS B 50 -3.28 -45.41 -22.74
C LYS B 50 -4.48 -44.88 -21.96
N ASP B 51 -5.03 -45.68 -21.05
CA ASP B 51 -6.19 -45.26 -20.26
C ASP B 51 -5.84 -44.30 -19.13
N PHE B 52 -4.56 -44.17 -18.79
CA PHE B 52 -4.11 -43.25 -17.76
C PHE B 52 -3.44 -42.00 -18.35
N PHE B 53 -2.51 -42.19 -19.28
CA PHE B 53 -1.85 -41.09 -19.95
C PHE B 53 -2.26 -41.10 -21.43
N ASP B 54 -2.77 -39.97 -21.89
CA ASP B 54 -3.22 -39.88 -23.28
C ASP B 54 -2.01 -39.88 -24.22
N PRO B 55 -1.97 -40.78 -25.21
CA PRO B 55 -0.84 -40.77 -26.15
C PRO B 55 -0.69 -39.47 -26.92
N ASP B 56 -1.79 -38.80 -27.25
CA ASP B 56 -1.72 -37.56 -28.01
C ASP B 56 -1.24 -36.39 -27.18
N ASN B 57 -1.34 -36.47 -25.85
CA ASN B 57 -0.90 -35.38 -25.00
C ASN B 57 0.62 -35.24 -25.06
N LYS B 58 1.08 -33.99 -25.13
CA LYS B 58 2.50 -33.70 -25.20
C LYS B 58 3.08 -33.21 -23.88
N SER B 59 2.24 -32.79 -22.94
CA SER B 59 2.74 -32.31 -21.66
C SER B 59 3.25 -33.47 -20.81
N SER B 60 4.02 -33.12 -19.78
CA SER B 60 4.55 -34.14 -18.87
C SER B 60 3.45 -34.83 -18.10
N PHE B 61 2.27 -34.22 -17.98
CA PHE B 61 1.12 -34.82 -17.34
C PHE B 61 -0.07 -34.73 -18.28
N GLY B 62 -0.88 -35.79 -18.33
CA GLY B 62 -2.01 -35.82 -19.23
C GLY B 62 -3.16 -34.96 -18.75
N GLU B 63 -2.97 -33.65 -18.76
CA GLU B 63 -3.97 -32.70 -18.30
C GLU B 63 -4.34 -31.77 -19.45
N ILE B 64 -5.65 -31.53 -19.62
CA ILE B 64 -6.16 -30.62 -20.63
C ILE B 64 -7.22 -29.74 -20.00
N LYS B 65 -7.32 -28.51 -20.50
CA LYS B 65 -8.30 -27.57 -19.98
C LYS B 65 -9.71 -27.95 -20.38
N LEU B 66 -10.66 -27.70 -19.49
CA LEU B 66 -12.06 -28.00 -19.77
C LEU B 66 -12.66 -26.96 -20.71
N ASN B 67 -13.84 -27.27 -21.23
CA ASN B 67 -14.55 -26.38 -22.12
C ASN B 67 -15.55 -25.54 -21.33
N ARG B 68 -15.56 -24.23 -21.58
CA ARG B 68 -16.45 -23.34 -20.84
C ARG B 68 -17.90 -23.64 -21.14
N VAL B 69 -18.23 -23.97 -22.39
CA VAL B 69 -19.61 -24.27 -22.75
C VAL B 69 -20.10 -25.51 -22.02
N GLN B 70 -19.27 -26.55 -21.97
CA GLN B 70 -19.69 -27.80 -21.35
C GLN B 70 -19.81 -27.66 -19.83
N PHE B 71 -18.86 -26.99 -19.19
CA PHE B 71 -18.82 -26.84 -17.74
C PHE B 71 -18.64 -25.37 -17.39
N PRO B 72 -19.72 -24.57 -17.46
CA PRO B 72 -19.60 -23.15 -17.14
C PRO B 72 -19.16 -22.87 -15.72
N CYS B 73 -19.55 -23.71 -14.76
CA CYS B 73 -19.24 -23.47 -13.36
C CYS B 73 -17.86 -23.97 -12.94
N MET B 74 -17.18 -24.74 -13.79
CA MET B 74 -15.86 -25.28 -13.45
C MET B 74 -14.76 -24.30 -13.85
N ARG B 75 -14.77 -23.14 -13.20
CA ARG B 75 -13.79 -22.10 -13.47
C ARG B 75 -13.79 -21.13 -12.30
N LYS B 76 -12.77 -20.27 -12.27
CA LYS B 76 -12.70 -19.22 -11.27
C LYS B 76 -13.54 -18.03 -11.72
N ILE B 77 -14.43 -17.57 -10.84
CA ILE B 77 -15.33 -16.48 -11.19
C ILE B 77 -14.55 -15.18 -11.42
N GLY B 78 -13.61 -14.88 -10.53
CA GLY B 78 -12.86 -13.64 -10.63
C GLY B 78 -11.75 -13.67 -11.66
N LYS B 79 -10.82 -14.61 -11.54
CA LYS B 79 -9.68 -14.65 -12.44
C LYS B 79 -10.07 -15.12 -13.83
N GLY B 80 -11.15 -15.90 -13.95
CA GLY B 80 -11.59 -16.40 -15.24
C GLY B 80 -10.86 -17.61 -15.75
N ASP B 81 -9.97 -18.20 -14.95
CA ASP B 81 -9.22 -19.37 -15.37
C ASP B 81 -10.09 -20.62 -15.28
N VAL B 82 -9.96 -21.49 -16.28
CA VAL B 82 -10.71 -22.73 -16.34
C VAL B 82 -9.90 -23.85 -15.70
N ALA B 83 -10.59 -24.88 -15.23
CA ALA B 83 -9.94 -26.00 -14.60
C ALA B 83 -9.37 -26.97 -15.64
N THR B 84 -8.47 -27.83 -15.19
CA THR B 84 -7.83 -28.83 -16.03
C THR B 84 -8.12 -30.22 -15.48
N VAL B 85 -8.44 -31.15 -16.38
CA VAL B 85 -8.76 -32.52 -16.02
C VAL B 85 -7.96 -33.47 -16.89
N ASN B 86 -7.93 -34.74 -16.48
CA ASN B 86 -7.20 -35.75 -17.23
C ASN B 86 -7.83 -35.95 -18.60
N GLU B 87 -6.98 -36.09 -19.62
CA GLU B 87 -7.47 -36.20 -20.98
C GLU B 87 -8.14 -37.54 -21.24
N ALA B 88 -7.53 -38.64 -20.76
CA ALA B 88 -8.09 -39.96 -21.00
C ALA B 88 -9.44 -40.13 -20.31
N PHE B 89 -9.55 -39.68 -19.06
CA PHE B 89 -10.81 -39.80 -18.34
C PHE B 89 -11.89 -38.94 -19.00
N LEU B 90 -11.52 -37.73 -19.43
CA LEU B 90 -12.49 -36.88 -20.12
C LEU B 90 -12.96 -37.50 -21.43
N LYS B 91 -12.04 -38.11 -22.18
CA LYS B 91 -12.42 -38.78 -23.42
C LYS B 91 -13.34 -39.96 -23.15
N ASN B 92 -13.03 -40.74 -22.11
CA ASN B 92 -13.90 -41.86 -21.75
C ASN B 92 -15.29 -41.36 -21.36
N LEU B 93 -15.36 -40.28 -20.59
CA LEU B 93 -16.65 -39.72 -20.22
C LEU B 93 -17.42 -39.23 -21.44
N GLU B 94 -16.73 -38.55 -22.36
CA GLU B 94 -17.39 -38.07 -23.57
C GLU B 94 -17.93 -39.23 -24.40
N ALA B 95 -17.17 -40.32 -24.49
CA ALA B 95 -17.67 -41.52 -25.16
C ALA B 95 -18.88 -42.09 -24.43
N ILE B 96 -18.89 -42.02 -23.10
CA ILE B 96 -20.01 -42.53 -22.33
C ILE B 96 -21.27 -41.74 -22.61
N ILE B 97 -21.18 -40.40 -22.63
CA ILE B 97 -22.35 -39.56 -22.85
C ILE B 97 -22.75 -39.48 -24.32
N ASP B 98 -22.10 -40.25 -25.18
CA ASP B 98 -22.49 -40.26 -26.59
C ASP B 98 -23.92 -40.77 -26.71
N PRO B 99 -24.74 -40.17 -27.59
CA PRO B 99 -26.16 -40.59 -27.68
C PRO B 99 -26.35 -42.05 -28.06
N ARG B 100 -25.38 -42.64 -28.76
CA ARG B 100 -25.53 -44.05 -29.14
C ARG B 100 -25.53 -44.96 -27.92
N THR B 101 -24.89 -44.56 -26.83
CA THR B 101 -24.84 -45.37 -25.62
C THR B 101 -26.15 -45.36 -24.84
N SER B 102 -27.06 -44.43 -25.14
CA SER B 102 -28.36 -44.32 -24.48
C SER B 102 -28.23 -44.02 -22.99
N PHE B 103 -27.06 -43.56 -22.55
CA PHE B 103 -26.89 -43.20 -21.15
C PHE B 103 -27.73 -41.98 -20.77
N GLN B 104 -27.78 -40.99 -21.66
CA GLN B 104 -28.55 -39.77 -21.38
C GLN B 104 -30.03 -40.06 -21.24
N ALA B 105 -30.57 -40.94 -22.09
CA ALA B 105 -31.99 -41.29 -21.99
C ALA B 105 -32.29 -41.99 -20.67
N SER B 106 -31.42 -42.90 -20.25
CA SER B 106 -31.63 -43.58 -18.97
C SER B 106 -31.55 -42.60 -17.80
N VAL B 107 -30.58 -41.66 -17.86
CA VAL B 107 -30.46 -40.67 -16.79
C VAL B 107 -31.71 -39.79 -16.73
N GLU B 108 -32.20 -39.37 -17.89
CA GLU B 108 -33.41 -38.54 -17.93
C GLU B 108 -34.61 -39.29 -17.40
N MET B 109 -34.76 -40.57 -17.78
CA MET B 109 -35.88 -41.36 -17.28
C MET B 109 -35.79 -41.55 -15.77
N ALA B 110 -34.59 -41.80 -15.25
CA ALA B 110 -34.42 -41.95 -13.81
C ALA B 110 -34.73 -40.65 -13.07
N VAL B 111 -34.32 -39.51 -13.63
CA VAL B 111 -34.61 -38.23 -13.02
C VAL B 111 -36.11 -37.96 -13.01
N ARG B 112 -36.78 -38.24 -14.13
CA ARG B 112 -38.22 -38.02 -14.22
C ARG B 112 -39.01 -38.91 -13.27
N SER B 113 -38.44 -40.06 -12.87
CA SER B 113 -39.11 -40.97 -11.95
C SER B 113 -38.92 -40.58 -10.49
N ARG B 114 -38.18 -39.50 -10.21
CA ARG B 114 -37.92 -39.03 -8.85
C ARG B 114 -37.24 -40.10 -8.02
N LYS B 115 -36.07 -40.53 -8.50
CA LYS B 115 -35.26 -41.54 -7.84
C LYS B 115 -33.86 -40.99 -7.62
N GLN B 116 -33.26 -41.34 -6.48
CA GLN B 116 -31.91 -40.89 -6.19
C GLN B 116 -30.91 -41.54 -7.15
N ILE B 117 -29.92 -40.76 -7.57
CA ILE B 117 -28.92 -41.20 -8.53
C ILE B 117 -27.59 -41.37 -7.78
N VAL B 118 -27.01 -42.56 -7.88
CA VAL B 118 -25.75 -42.89 -7.23
C VAL B 118 -24.76 -43.30 -8.31
N PHE B 119 -23.61 -42.64 -8.35
CA PHE B 119 -22.54 -42.96 -9.29
C PHE B 119 -21.44 -43.69 -8.53
N THR B 120 -21.08 -44.88 -9.02
CA THR B 120 -20.08 -45.71 -8.36
C THR B 120 -19.12 -46.28 -9.39
N GLY B 121 -17.97 -46.70 -8.90
CA GLY B 121 -16.96 -47.29 -9.77
C GLY B 121 -15.75 -47.69 -8.95
N HIS B 122 -14.82 -48.38 -9.62
CA HIS B 122 -13.60 -48.87 -9.00
C HIS B 122 -12.41 -48.51 -9.86
N SER B 123 -11.32 -48.14 -9.21
CA SER B 123 -10.03 -47.84 -9.87
C SER B 123 -10.25 -46.65 -10.81
N SER B 124 -9.58 -46.63 -11.97
CA SER B 124 -9.65 -45.47 -12.85
C SER B 124 -11.07 -45.20 -13.31
N GLY B 125 -11.83 -46.26 -13.60
CA GLY B 125 -13.22 -46.08 -13.99
C GLY B 125 -14.01 -45.33 -12.93
N GLY B 126 -13.74 -45.63 -11.65
CA GLY B 126 -14.39 -44.89 -10.58
C GLY B 126 -14.13 -43.39 -10.68
N ALA B 127 -12.90 -43.03 -11.04
CA ALA B 127 -12.58 -41.62 -11.26
C ALA B 127 -13.49 -41.02 -12.32
N THR B 128 -13.74 -41.77 -13.40
CA THR B 128 -14.66 -41.29 -14.44
C THR B 128 -16.03 -40.98 -13.83
N ALA B 129 -16.48 -41.80 -12.88
CA ALA B 129 -17.76 -41.55 -12.23
C ALA B 129 -17.81 -40.15 -11.65
N ILE B 130 -16.70 -39.70 -11.03
CA ILE B 130 -16.66 -38.36 -10.47
C ILE B 130 -17.02 -37.33 -11.55
N LEU B 131 -16.37 -37.45 -12.72
CA LEU B 131 -16.68 -36.54 -13.81
C LEU B 131 -18.16 -36.61 -14.16
N ALA B 132 -18.71 -37.82 -14.23
CA ALA B 132 -20.14 -37.98 -14.51
C ALA B 132 -20.97 -37.19 -13.51
N THR B 133 -20.62 -37.26 -12.22
CA THR B 133 -21.34 -36.50 -11.21
C THR B 133 -21.31 -35.02 -11.55
N VAL B 134 -20.14 -34.50 -11.90
CA VAL B 134 -20.04 -33.10 -12.29
C VAL B 134 -20.97 -32.81 -13.45
N TRP B 135 -20.99 -33.71 -14.44
CA TRP B 135 -21.91 -33.55 -15.56
C TRP B 135 -23.34 -33.42 -15.07
N TYR B 136 -23.74 -34.28 -14.13
CA TYR B 136 -25.08 -34.17 -13.55
C TYR B 136 -25.26 -32.81 -12.89
N LEU B 137 -24.25 -32.38 -12.12
CA LEU B 137 -24.34 -31.08 -11.45
C LEU B 137 -24.39 -29.93 -12.44
N GLU B 138 -24.02 -30.17 -13.70
CA GLU B 138 -24.08 -29.14 -14.72
C GLU B 138 -25.28 -29.29 -15.64
N LYS B 139 -26.17 -30.24 -15.36
CA LYS B 139 -27.31 -30.46 -16.25
C LYS B 139 -28.66 -30.35 -15.55
N TYR B 140 -28.79 -30.88 -14.34
CA TYR B 140 -30.09 -30.93 -13.67
C TYR B 140 -30.08 -30.18 -12.34
N PHE B 141 -29.07 -30.38 -11.50
CA PHE B 141 -29.05 -29.76 -10.18
C PHE B 141 -28.97 -28.24 -10.30
N ILE B 142 -28.12 -27.73 -11.19
CA ILE B 142 -27.97 -26.29 -11.33
C ILE B 142 -29.19 -25.65 -11.95
N ARG B 143 -29.97 -26.40 -12.74
CA ARG B 143 -31.17 -25.84 -13.35
C ARG B 143 -32.23 -25.52 -12.29
N ASN B 144 -32.42 -26.43 -11.33
CA ASN B 144 -33.38 -26.23 -10.26
C ASN B 144 -32.97 -27.06 -9.05
N PRO B 145 -32.23 -26.48 -8.10
CA PRO B 145 -31.79 -27.25 -6.93
C PRO B 145 -32.98 -27.78 -6.13
N ASN B 146 -32.84 -29.01 -5.64
CA ASN B 146 -33.88 -29.64 -4.85
C ASN B 146 -33.26 -30.78 -4.05
N VAL B 147 -33.97 -31.18 -2.99
CA VAL B 147 -33.51 -32.31 -2.18
C VAL B 147 -33.57 -33.61 -2.98
N TYR B 148 -34.65 -33.81 -3.73
CA TYR B 148 -34.80 -35.06 -4.48
C TYR B 148 -33.78 -35.17 -5.60
N LEU B 149 -33.28 -34.04 -6.10
CA LEU B 149 -32.31 -34.04 -7.20
C LEU B 149 -30.87 -34.14 -6.72
N GLU B 150 -30.64 -34.29 -5.43
CA GLU B 150 -29.28 -34.37 -4.90
C GLU B 150 -28.63 -35.68 -5.31
N PRO B 151 -27.47 -35.66 -5.97
CA PRO B 151 -26.83 -36.91 -6.37
C PRO B 151 -25.92 -37.48 -5.30
N ARG B 152 -25.30 -38.62 -5.59
CA ARG B 152 -24.37 -39.26 -4.64
C ARG B 152 -23.25 -39.91 -5.45
N CYS B 153 -22.02 -39.54 -5.14
CA CYS B 153 -20.84 -40.09 -5.80
C CYS B 153 -20.02 -40.88 -4.80
N VAL B 154 -19.79 -42.16 -5.09
CA VAL B 154 -18.99 -43.03 -4.24
C VAL B 154 -17.92 -43.68 -5.11
N THR B 155 -16.66 -43.54 -4.71
CA THR B 155 -15.53 -44.12 -5.44
C THR B 155 -14.68 -44.96 -4.51
N PHE B 156 -14.04 -45.97 -5.07
CA PHE B 156 -13.17 -46.88 -4.32
C PHE B 156 -11.77 -46.80 -4.91
N GLY B 157 -10.89 -46.05 -4.25
CA GLY B 157 -9.51 -45.94 -4.70
C GLY B 157 -9.36 -45.26 -6.05
N ALA B 158 -10.20 -44.28 -6.34
CA ALA B 158 -10.11 -43.57 -7.61
C ALA B 158 -8.90 -42.64 -7.61
N PRO B 159 -8.18 -42.54 -8.73
CA PRO B 159 -7.05 -41.61 -8.80
C PRO B 159 -7.52 -40.17 -8.89
N LEU B 160 -6.58 -39.26 -8.66
CA LEU B 160 -6.89 -37.83 -8.73
C LEU B 160 -7.27 -37.42 -10.14
N VAL B 161 -8.23 -36.51 -10.25
CA VAL B 161 -8.75 -36.08 -11.54
C VAL B 161 -8.48 -34.60 -11.77
N GLY B 162 -9.03 -33.75 -10.90
CA GLY B 162 -8.93 -32.33 -11.08
C GLY B 162 -7.76 -31.70 -10.35
N ASP B 163 -7.47 -30.45 -10.72
CA ASP B 163 -6.41 -29.67 -10.10
C ASP B 163 -6.98 -28.84 -8.96
N SER B 164 -6.19 -27.88 -8.45
CA SER B 164 -6.65 -27.03 -7.36
C SER B 164 -7.84 -26.17 -7.78
N ILE B 165 -7.87 -25.74 -9.04
CA ILE B 165 -8.99 -24.93 -9.52
C ILE B 165 -10.27 -25.76 -9.50
N PHE B 166 -10.18 -27.04 -9.83
CA PHE B 166 -11.33 -27.92 -9.76
C PHE B 166 -11.88 -28.02 -8.34
N SER B 167 -10.99 -28.20 -7.37
CA SER B 167 -11.41 -28.28 -5.97
C SER B 167 -12.01 -26.97 -5.50
N HIS B 168 -11.42 -25.83 -5.90
CA HIS B 168 -11.97 -24.53 -5.53
C HIS B 168 -13.36 -24.33 -6.12
N ALA B 169 -13.55 -24.72 -7.38
CA ALA B 169 -14.87 -24.61 -8.01
C ALA B 169 -15.89 -25.50 -7.31
N LEU B 170 -15.49 -26.72 -6.95
CA LEU B 170 -16.40 -27.61 -6.21
C LEU B 170 -16.77 -27.01 -4.86
N GLY B 171 -15.79 -26.45 -4.15
CA GLY B 171 -16.08 -25.86 -2.85
C GLY B 171 -16.96 -24.64 -2.93
N ARG B 172 -16.75 -23.79 -3.95
CA ARG B 172 -17.54 -22.58 -4.08
C ARG B 172 -19.01 -22.88 -4.31
N GLU B 173 -19.31 -23.91 -5.10
CA GLU B 173 -20.68 -24.28 -5.40
C GLU B 173 -21.31 -25.16 -4.33
N LYS B 174 -20.58 -25.46 -3.25
CA LYS B 174 -21.08 -26.30 -2.16
C LYS B 174 -21.48 -27.68 -2.66
N TRP B 175 -20.70 -28.21 -3.59
CA TRP B 175 -20.94 -29.54 -4.17
C TRP B 175 -19.96 -30.59 -3.68
N SER B 176 -19.02 -30.22 -2.80
CA SER B 176 -18.02 -31.17 -2.35
C SER B 176 -18.58 -32.21 -1.39
N ARG B 177 -19.76 -31.96 -0.81
CA ARG B 177 -20.35 -32.88 0.15
C ARG B 177 -20.94 -34.12 -0.49
N PHE B 178 -21.08 -34.15 -1.81
CA PHE B 178 -21.69 -35.28 -2.52
C PHE B 178 -20.68 -36.32 -2.95
N PHE B 179 -19.39 -36.12 -2.68
CA PHE B 179 -18.33 -37.02 -3.12
C PHE B 179 -17.73 -37.74 -1.92
N VAL B 180 -17.68 -39.07 -1.99
CA VAL B 180 -17.05 -39.89 -0.97
C VAL B 180 -16.10 -40.85 -1.66
N ASN B 181 -14.84 -40.87 -1.21
CA ASN B 181 -13.81 -41.70 -1.81
C ASN B 181 -13.18 -42.56 -0.72
N PHE B 182 -13.20 -43.88 -0.92
CA PHE B 182 -12.58 -44.82 0.00
C PHE B 182 -11.19 -45.18 -0.54
N VAL B 183 -10.16 -44.91 0.26
CA VAL B 183 -8.79 -45.18 -0.12
C VAL B 183 -8.13 -45.96 1.00
N SER B 184 -7.46 -47.06 0.65
CA SER B 184 -6.75 -47.85 1.63
C SER B 184 -5.51 -47.11 2.13
N ARG B 185 -5.00 -47.56 3.28
CA ARG B 185 -3.83 -46.93 3.86
C ARG B 185 -2.62 -47.05 2.95
N PHE B 186 -2.43 -48.22 2.33
CA PHE B 186 -1.27 -48.49 1.49
C PHE B 186 -1.61 -48.54 0.01
N ASP B 187 -2.79 -48.06 -0.39
CA ASP B 187 -3.17 -48.09 -1.79
C ASP B 187 -2.25 -47.21 -2.62
N ILE B 188 -1.84 -47.72 -3.78
CA ILE B 188 -0.89 -47.02 -4.64
C ILE B 188 -1.56 -46.40 -5.87
N VAL B 189 -2.77 -46.84 -6.22
CA VAL B 189 -3.45 -46.28 -7.40
C VAL B 189 -3.68 -44.78 -7.29
N PRO B 190 -4.21 -44.25 -6.18
CA PRO B 190 -4.38 -42.78 -6.11
C PRO B 190 -3.08 -42.00 -6.19
N ARG B 191 -1.95 -42.61 -5.88
CA ARG B 191 -0.65 -41.94 -5.95
C ARG B 191 0.02 -42.06 -7.31
N ILE B 192 -0.58 -42.81 -8.24
CA ILE B 192 0.03 -43.00 -9.56
C ILE B 192 0.08 -41.68 -10.32
N MET B 193 -1.01 -40.92 -10.31
CA MET B 193 -1.12 -39.70 -11.09
C MET B 193 -0.28 -38.55 -10.52
N LEU B 194 0.31 -38.71 -9.34
CA LEU B 194 1.15 -37.69 -8.74
C LEU B 194 2.60 -37.76 -9.20
N ALA B 195 2.91 -38.67 -10.13
CA ALA B 195 4.27 -38.85 -10.62
C ALA B 195 4.33 -38.50 -12.11
N ARG B 196 5.49 -38.00 -12.52
CA ARG B 196 5.69 -37.65 -13.92
C ARG B 196 5.69 -38.89 -14.80
N LYS B 197 5.21 -38.72 -16.04
CA LYS B 197 5.10 -39.85 -16.94
C LYS B 197 6.47 -40.39 -17.35
N ALA B 198 7.48 -39.53 -17.45
CA ALA B 198 8.79 -39.98 -17.89
C ALA B 198 9.45 -40.88 -16.86
N SER B 199 9.16 -40.68 -15.58
CA SER B 199 9.82 -41.47 -14.54
C SER B 199 9.29 -42.90 -14.49
N VAL B 200 8.00 -43.09 -14.75
CA VAL B 200 7.35 -44.39 -14.58
C VAL B 200 6.81 -44.94 -15.89
N GLU B 201 7.20 -44.37 -17.03
CA GLU B 201 6.68 -44.85 -18.31
C GLU B 201 7.14 -46.28 -18.59
N GLU B 202 8.39 -46.61 -18.23
CA GLU B 202 8.90 -47.95 -18.49
C GLU B 202 8.16 -49.01 -17.69
N THR B 203 7.86 -48.72 -16.42
CA THR B 203 7.29 -49.70 -15.52
C THR B 203 5.78 -49.61 -15.38
N LEU B 204 5.13 -48.64 -16.04
CA LEU B 204 3.68 -48.54 -15.95
C LEU B 204 2.94 -49.75 -16.49
N PRO B 205 3.26 -50.29 -17.68
CA PRO B 205 2.46 -51.44 -18.17
C PRO B 205 2.50 -52.64 -17.26
N HIS B 206 3.65 -52.97 -16.68
CA HIS B 206 3.75 -54.15 -15.83
C HIS B 206 2.93 -53.98 -14.55
N VAL B 207 3.04 -52.81 -13.91
CA VAL B 207 2.28 -52.56 -12.69
C VAL B 207 0.79 -52.55 -12.98
N LEU B 208 0.39 -51.94 -14.11
CA LEU B 208 -1.03 -51.91 -14.48
C LEU B 208 -1.55 -53.31 -14.74
N ALA B 209 -0.75 -54.15 -15.41
CA ALA B 209 -1.18 -55.54 -15.65
C ALA B 209 -1.29 -56.30 -14.34
N GLN B 210 -0.36 -56.09 -13.41
CA GLN B 210 -0.43 -56.77 -12.12
C GLN B 210 -1.66 -56.32 -11.33
N LEU B 211 -1.98 -55.03 -11.38
CA LEU B 211 -3.12 -54.50 -10.64
C LEU B 211 -4.46 -54.97 -11.19
N ASP B 212 -4.49 -55.52 -12.39
CA ASP B 212 -5.74 -55.97 -12.99
C ASP B 212 -6.26 -57.19 -12.25
N PRO B 213 -7.47 -57.15 -11.67
CA PRO B 213 -7.98 -58.33 -10.97
C PRO B 213 -8.53 -59.41 -11.89
N ARG B 214 -8.87 -59.07 -13.14
CA ARG B 214 -9.39 -60.06 -14.06
C ARG B 214 -8.35 -61.12 -14.39
N LYS B 215 -7.10 -60.69 -14.62
CA LYS B 215 -6.00 -61.59 -15.00
C LYS B 215 -4.85 -61.34 -14.03
N SER B 216 -4.86 -62.05 -12.91
CA SER B 216 -3.79 -61.96 -11.92
C SER B 216 -2.74 -63.05 -12.08
N SER B 217 -2.84 -63.86 -13.13
CA SER B 217 -1.90 -64.96 -13.35
C SER B 217 -0.56 -64.50 -13.89
N VAL B 218 -0.40 -63.21 -14.22
CA VAL B 218 0.86 -62.72 -14.74
C VAL B 218 1.95 -62.85 -13.69
N GLN B 219 3.16 -63.17 -14.13
CA GLN B 219 4.28 -63.33 -13.22
C GLN B 219 4.62 -62.01 -12.56
N GLU B 220 4.93 -62.06 -11.25
CA GLU B 220 5.23 -60.87 -10.48
C GLU B 220 6.71 -60.58 -10.53
N SER B 221 7.06 -59.35 -10.90
CA SER B 221 8.44 -58.87 -10.94
C SER B 221 8.63 -57.89 -9.78
N GLU B 222 9.34 -58.34 -8.74
CA GLU B 222 9.49 -57.51 -7.54
C GLU B 222 10.32 -56.26 -7.83
N GLN B 223 11.34 -56.38 -8.68
CA GLN B 223 12.20 -55.24 -8.97
C GLN B 223 11.42 -54.12 -9.64
N ARG B 224 10.58 -54.45 -10.63
CA ARG B 224 9.81 -53.43 -11.32
C ARG B 224 8.84 -52.73 -10.37
N ILE B 225 8.16 -53.49 -9.51
CA ILE B 225 7.24 -52.91 -8.55
C ILE B 225 7.99 -52.00 -7.58
N THR B 226 9.17 -52.44 -7.13
CA THR B 226 9.96 -51.63 -6.20
C THR B 226 10.38 -50.31 -6.85
N GLU B 227 10.85 -50.37 -8.10
CA GLU B 227 11.25 -49.13 -8.79
C GLU B 227 10.06 -48.21 -9.00
N PHE B 228 8.92 -48.76 -9.41
CA PHE B 228 7.73 -47.95 -9.61
C PHE B 228 7.30 -47.28 -8.30
N TYR B 229 7.30 -48.04 -7.20
CA TYR B 229 6.94 -47.48 -5.91
C TYR B 229 7.92 -46.40 -5.47
N THR B 230 9.21 -46.62 -5.71
CA THR B 230 10.20 -45.62 -5.33
C THR B 230 10.02 -44.32 -6.09
N ARG B 231 9.80 -44.42 -7.41
CA ARG B 231 9.59 -43.21 -8.21
C ARG B 231 8.32 -42.49 -7.79
N VAL B 232 7.23 -43.24 -7.57
CA VAL B 232 5.96 -42.63 -7.18
C VAL B 232 6.11 -41.94 -5.83
N MET B 233 6.78 -42.59 -4.88
CA MET B 233 6.97 -42.01 -3.55
C MET B 233 7.83 -40.76 -3.63
N ARG B 234 8.89 -40.77 -4.44
CA ARG B 234 9.75 -39.59 -4.57
C ARG B 234 8.96 -38.41 -5.14
N ASP B 235 8.20 -38.66 -6.21
CA ASP B 235 7.43 -37.58 -6.82
C ASP B 235 6.35 -37.06 -5.86
N THR B 236 5.68 -37.98 -5.15
CA THR B 236 4.67 -37.57 -4.18
C THR B 236 5.29 -36.74 -3.05
N SER B 237 6.48 -37.14 -2.58
CA SER B 237 7.15 -36.38 -1.55
C SER B 237 7.50 -34.98 -2.02
N THR B 238 8.02 -34.87 -3.25
CA THR B 238 8.34 -33.55 -3.79
C THR B 238 7.09 -32.67 -3.89
N VAL B 239 6.00 -33.24 -4.41
CA VAL B 239 4.77 -32.47 -4.59
C VAL B 239 4.22 -32.03 -3.25
N ALA B 240 4.18 -32.95 -2.28
CA ALA B 240 3.64 -32.62 -0.96
C ALA B 240 4.49 -31.57 -0.25
N ASN B 241 5.82 -31.70 -0.34
CA ASN B 241 6.69 -30.71 0.30
C ASN B 241 6.51 -29.34 -0.33
N GLN B 242 6.44 -29.26 -1.65
CA GLN B 242 6.22 -27.97 -2.30
C GLN B 242 4.87 -27.38 -1.93
N ALA B 243 3.83 -28.22 -1.89
CA ALA B 243 2.50 -27.72 -1.56
C ALA B 243 2.43 -27.20 -0.12
N VAL B 244 3.03 -27.93 0.82
CA VAL B 244 2.99 -27.49 2.21
C VAL B 244 3.86 -26.25 2.42
N CYS B 245 4.96 -26.13 1.66
CA CYS B 245 5.77 -24.93 1.75
C CYS B 245 5.03 -23.72 1.20
N GLU B 246 4.31 -23.89 0.09
CA GLU B 246 3.56 -22.78 -0.50
C GLU B 246 2.35 -22.40 0.35
N LEU B 247 1.70 -23.37 0.98
CA LEU B 247 0.49 -23.08 1.75
C LEU B 247 0.79 -22.19 2.95
N THR B 248 1.90 -22.44 3.64
CA THR B 248 2.23 -21.69 4.84
C THR B 248 2.85 -20.34 4.55
N GLY B 249 3.11 -20.02 3.29
CA GLY B 249 3.70 -18.73 2.95
C GLY B 249 5.11 -18.53 3.47
N SER B 250 5.96 -19.55 3.35
CA SER B 250 7.34 -19.49 3.81
C SER B 250 8.28 -19.82 2.66
N ALA B 251 9.47 -19.22 2.70
CA ALA B 251 10.47 -19.37 1.65
C ALA B 251 9.88 -19.02 0.29
N GLU B 252 9.08 -17.95 0.26
CA GLU B 252 8.37 -17.59 -0.96
C GLU B 252 9.34 -17.21 -2.08
N ALA B 253 10.37 -16.45 -1.75
CA ALA B 253 11.37 -16.09 -2.76
C ALA B 253 12.11 -17.33 -3.26
N PHE B 254 12.51 -18.21 -2.35
CA PHE B 254 13.17 -19.45 -2.77
C PHE B 254 12.24 -20.32 -3.60
N LEU B 255 10.97 -20.43 -3.18
CA LEU B 255 10.00 -21.21 -3.94
C LEU B 255 9.77 -20.59 -5.31
N GLU B 256 9.67 -19.26 -5.38
CA GLU B 256 9.48 -18.60 -6.66
C GLU B 256 10.67 -18.84 -7.58
N THR B 257 11.89 -18.79 -7.04
CA THR B 257 13.07 -19.05 -7.86
C THR B 257 13.12 -20.50 -8.33
N LEU B 258 12.75 -21.45 -7.47
CA LEU B 258 12.85 -22.86 -7.80
C LEU B 258 11.66 -23.37 -8.61
N SER B 259 10.59 -22.61 -8.73
CA SER B 259 9.42 -23.08 -9.46
C SER B 259 9.74 -23.31 -10.94
N SER B 260 10.54 -22.42 -11.54
CA SER B 260 10.85 -22.55 -12.96
C SER B 260 11.65 -23.81 -13.25
N PHE B 261 12.51 -24.24 -12.31
CA PHE B 261 13.36 -25.40 -12.50
C PHE B 261 12.68 -26.71 -12.14
N LEU B 262 11.42 -26.67 -11.69
CA LEU B 262 10.72 -27.86 -11.24
C LEU B 262 9.44 -28.06 -12.03
N GLU B 263 9.14 -29.32 -12.35
CA GLU B 263 7.90 -29.71 -13.01
C GLU B 263 7.15 -30.64 -12.07
N LEU B 264 6.01 -30.18 -11.56
CA LEU B 264 5.25 -30.92 -10.57
C LEU B 264 3.82 -31.14 -11.04
N SER B 265 3.25 -32.25 -10.62
CA SER B 265 1.89 -32.60 -11.01
C SER B 265 0.89 -31.61 -10.40
N PRO B 266 -0.04 -31.07 -11.17
CA PRO B 266 -1.02 -30.12 -10.64
C PRO B 266 -2.27 -30.76 -10.04
N TYR B 267 -2.40 -32.09 -10.10
CA TYR B 267 -3.59 -32.75 -9.60
C TYR B 267 -3.68 -32.61 -8.08
N ARG B 268 -4.89 -32.34 -7.59
CA ARG B 268 -5.17 -32.20 -6.18
C ARG B 268 -6.42 -33.00 -5.82
N PRO B 269 -6.51 -33.50 -4.59
CA PRO B 269 -7.71 -34.24 -4.19
C PRO B 269 -8.94 -33.35 -4.21
N ALA B 270 -10.08 -33.96 -4.53
CA ALA B 270 -11.35 -33.26 -4.59
C ALA B 270 -12.44 -34.17 -4.01
N GLY B 271 -13.09 -33.73 -2.95
CA GLY B 271 -14.14 -34.47 -2.29
C GLY B 271 -13.75 -34.84 -0.87
N THR B 272 -14.61 -35.65 -0.26
CA THR B 272 -14.39 -36.12 1.12
C THR B 272 -13.66 -37.45 1.06
N PHE B 273 -12.37 -37.43 1.40
CA PHE B 273 -11.56 -38.64 1.41
C PHE B 273 -11.60 -39.26 2.80
N VAL B 274 -11.88 -40.56 2.84
CA VAL B 274 -11.89 -41.33 4.08
C VAL B 274 -10.84 -42.43 3.98
N PHE B 275 -9.98 -42.52 4.99
CA PHE B 275 -8.91 -43.50 5.02
C PHE B 275 -9.35 -44.72 5.82
N SER B 276 -9.08 -45.90 5.27
CA SER B 276 -9.50 -47.16 5.89
C SER B 276 -8.26 -47.93 6.36
N THR B 277 -8.27 -48.33 7.63
CA THR B 277 -7.20 -49.15 8.18
C THR B 277 -7.79 -50.39 8.83
N GLU B 278 -6.98 -51.11 9.61
CA GLU B 278 -7.42 -52.39 10.15
C GLU B 278 -8.65 -52.25 11.03
N LYS B 279 -8.67 -51.23 11.91
CA LYS B 279 -9.78 -51.11 12.85
C LYS B 279 -10.27 -49.67 13.05
N ARG B 280 -9.88 -48.73 12.19
CA ARG B 280 -10.32 -47.34 12.34
C ARG B 280 -10.73 -46.79 10.98
N LEU B 281 -11.61 -45.79 11.03
CA LEU B 281 -12.06 -45.07 9.83
C LEU B 281 -11.95 -43.58 10.10
N VAL B 282 -11.13 -42.89 9.31
CA VAL B 282 -10.87 -41.47 9.46
C VAL B 282 -11.22 -40.77 8.17
N ALA B 283 -12.04 -39.72 8.27
CA ALA B 283 -12.47 -38.94 7.11
C ALA B 283 -11.93 -37.52 7.21
N VAL B 284 -11.37 -37.02 6.12
CA VAL B 284 -10.80 -35.68 6.06
C VAL B 284 -11.50 -34.90 4.97
N ASN B 285 -11.76 -33.61 5.24
CA ASN B 285 -12.47 -32.75 4.31
C ASN B 285 -11.60 -31.64 3.72
N ASN B 286 -10.32 -31.59 4.04
CA ASN B 286 -9.41 -30.56 3.54
C ASN B 286 -8.48 -31.16 2.51
N SER B 287 -8.40 -30.52 1.34
CA SER B 287 -7.60 -31.07 0.24
C SER B 287 -6.12 -31.14 0.60
N ASP B 288 -5.59 -30.09 1.23
CA ASP B 288 -4.19 -30.10 1.62
C ASP B 288 -3.92 -31.16 2.68
N ALA B 289 -4.81 -31.27 3.67
CA ALA B 289 -4.66 -32.31 4.68
C ALA B 289 -4.79 -33.70 4.07
N ILE B 290 -5.71 -33.86 3.11
CA ILE B 290 -5.86 -35.15 2.44
C ILE B 290 -4.59 -35.52 1.70
N LEU B 291 -3.99 -34.56 0.99
CA LEU B 291 -2.75 -34.84 0.27
C LEU B 291 -1.61 -35.19 1.23
N GLN B 292 -1.50 -34.44 2.33
CA GLN B 292 -0.45 -34.72 3.30
C GLN B 292 -0.60 -36.11 3.91
N MET B 293 -1.85 -36.48 4.26
CA MET B 293 -2.08 -37.82 4.80
C MET B 293 -1.82 -38.88 3.75
N LEU B 294 -2.19 -38.63 2.50
CA LEU B 294 -1.97 -39.59 1.43
C LEU B 294 -0.48 -39.86 1.24
N PHE B 295 0.34 -38.80 1.32
CA PHE B 295 1.77 -38.99 1.21
C PHE B 295 2.35 -39.70 2.45
N TYR B 296 1.96 -39.25 3.64
CA TYR B 296 2.64 -39.69 4.86
C TYR B 296 2.24 -41.09 5.29
N THR B 297 1.01 -41.52 5.03
CA THR B 297 0.58 -42.83 5.49
C THR B 297 1.37 -43.95 4.84
N SER B 298 1.67 -43.82 3.55
CA SER B 298 2.43 -44.85 2.82
C SER B 298 3.92 -44.65 3.06
N GLN B 299 4.35 -45.00 4.27
CA GLN B 299 5.75 -44.89 4.67
C GLN B 299 6.12 -46.07 5.56
N ALA B 300 7.41 -46.37 5.58
CA ALA B 300 7.92 -47.49 6.37
C ALA B 300 8.30 -47.03 7.78
N SER B 301 8.48 -48.00 8.66
CA SER B 301 8.84 -47.75 10.05
C SER B 301 10.14 -48.41 10.48
N ASP B 302 10.51 -49.54 9.88
CA ASP B 302 11.73 -50.25 10.23
C ASP B 302 12.13 -51.14 9.05
N GLU B 303 13.14 -51.97 9.27
CA GLU B 303 13.59 -52.87 8.20
C GLU B 303 12.52 -53.90 7.86
N GLN B 304 11.81 -54.41 8.86
CA GLN B 304 10.75 -55.38 8.59
C GLN B 304 9.64 -54.78 7.77
N GLU B 305 9.37 -53.48 7.93
CA GLU B 305 8.37 -52.83 7.10
C GLU B 305 8.78 -52.84 5.63
N TRP B 306 10.06 -52.61 5.35
CA TRP B 306 10.54 -52.66 3.99
C TRP B 306 10.56 -54.10 3.48
N SER B 307 10.76 -54.23 2.16
CA SER B 307 10.74 -55.49 1.41
C SER B 307 9.35 -56.11 1.36
N LEU B 308 8.34 -55.49 1.97
CA LEU B 308 6.96 -55.96 1.88
C LEU B 308 5.96 -54.86 1.58
N ILE B 309 6.36 -53.59 1.67
CA ILE B 309 5.44 -52.49 1.39
C ILE B 309 4.93 -52.50 -0.04
N PRO B 310 5.78 -52.65 -1.07
CA PRO B 310 5.22 -52.70 -2.44
C PRO B 310 4.24 -53.83 -2.67
N PHE B 311 4.50 -55.01 -2.10
CA PHE B 311 3.58 -56.13 -2.26
C PHE B 311 2.25 -55.84 -1.58
N ARG B 312 2.29 -55.27 -0.38
CA ARG B 312 1.06 -54.89 0.31
C ARG B 312 0.30 -53.83 -0.46
N SER B 313 1.01 -52.87 -1.06
CA SER B 313 0.36 -51.83 -1.85
C SER B 313 -0.33 -52.44 -3.07
N ILE B 314 0.33 -53.39 -3.73
CA ILE B 314 -0.28 -54.04 -4.89
C ILE B 314 -1.51 -54.83 -4.46
N ARG B 315 -1.42 -55.54 -3.33
CA ARG B 315 -2.52 -56.40 -2.90
C ARG B 315 -3.71 -55.60 -2.40
N ASP B 316 -3.47 -54.44 -1.77
CA ASP B 316 -4.54 -53.68 -1.14
C ASP B 316 -5.55 -53.12 -2.13
N HIS B 317 -5.21 -53.07 -3.42
CA HIS B 317 -6.15 -52.54 -4.41
C HIS B 317 -7.38 -53.42 -4.56
N HIS B 318 -7.30 -54.69 -4.17
CA HIS B 318 -8.43 -55.62 -4.25
C HIS B 318 -8.91 -56.04 -2.87
N SER B 319 -8.60 -55.27 -1.83
CA SER B 319 -8.97 -55.59 -0.47
C SER B 319 -10.16 -54.77 0.03
N TYR B 320 -10.86 -54.08 -0.86
CA TYR B 320 -12.00 -53.26 -0.44
C TYR B 320 -13.20 -54.10 -0.04
N GLU B 321 -13.27 -55.36 -0.48
CA GLU B 321 -14.39 -56.22 -0.10
C GLU B 321 -14.43 -56.44 1.41
N GLU B 322 -13.27 -56.68 2.03
CA GLU B 322 -13.22 -56.86 3.47
C GLU B 322 -13.66 -55.59 4.20
N LEU B 323 -13.22 -54.43 3.72
CA LEU B 323 -13.62 -53.16 4.34
C LEU B 323 -15.12 -52.95 4.21
N VAL B 324 -15.70 -53.25 3.05
CA VAL B 324 -17.13 -53.08 2.86
C VAL B 324 -17.91 -54.02 3.76
N GLN B 325 -17.50 -55.29 3.82
CA GLN B 325 -18.21 -56.26 4.64
C GLN B 325 -18.08 -55.94 6.12
N SER B 326 -16.89 -55.53 6.57
CA SER B 326 -16.63 -55.23 7.97
C SER B 326 -16.71 -53.74 8.26
N MET B 327 -17.58 -53.02 7.55
CA MET B 327 -17.70 -51.57 7.76
C MET B 327 -18.23 -51.25 9.15
N GLY B 328 -19.21 -52.02 9.63
CA GLY B 328 -19.85 -51.72 10.90
C GLY B 328 -19.08 -52.13 12.14
N LYS B 329 -17.94 -52.80 11.97
CA LYS B 329 -17.14 -53.26 13.10
C LYS B 329 -15.91 -52.40 13.33
N LYS B 330 -15.88 -51.18 12.78
CA LYS B 330 -14.75 -50.28 12.93
C LYS B 330 -15.23 -48.92 13.41
N LEU B 331 -14.40 -48.27 14.22
CA LEU B 331 -14.72 -46.96 14.75
C LEU B 331 -14.52 -45.88 13.69
N PHE B 332 -15.40 -44.88 13.71
CA PHE B 332 -15.35 -43.76 12.77
C PHE B 332 -14.97 -42.49 13.51
N ASN B 333 -14.00 -41.76 12.99
CA ASN B 333 -13.55 -40.52 13.59
C ASN B 333 -13.40 -39.45 12.50
N HIS B 334 -13.74 -38.22 12.85
CA HIS B 334 -13.61 -37.08 11.95
C HIS B 334 -12.39 -36.26 12.36
N LEU B 335 -11.43 -36.14 11.45
CA LEU B 335 -10.20 -35.42 11.77
C LEU B 335 -10.45 -33.94 12.03
N ASP B 336 -11.28 -33.30 11.20
CA ASP B 336 -11.55 -31.88 11.38
C ASP B 336 -12.34 -31.62 12.66
N GLY B 337 -13.35 -32.45 12.94
CA GLY B 337 -14.16 -32.23 14.13
C GLY B 337 -13.40 -32.47 15.42
N GLU B 338 -12.54 -33.48 15.45
CA GLU B 338 -11.80 -33.81 16.66
C GLU B 338 -10.81 -32.71 17.00
N ASN B 339 -10.63 -32.47 18.30
CA ASN B 339 -9.67 -31.47 18.75
C ASN B 339 -8.26 -32.04 18.85
N SER B 340 -8.13 -33.24 19.42
CA SER B 340 -6.84 -33.90 19.54
C SER B 340 -6.73 -34.97 18.45
N ILE B 341 -5.83 -34.72 17.49
CA ILE B 341 -5.63 -35.63 16.36
C ILE B 341 -4.34 -36.42 16.49
N GLU B 342 -3.62 -36.29 17.60
CA GLU B 342 -2.37 -37.02 17.75
C GLU B 342 -2.58 -38.52 17.78
N SER B 343 -3.60 -38.98 18.52
CA SER B 343 -3.85 -40.42 18.64
C SER B 343 -4.25 -41.01 17.29
N THR B 344 -5.13 -40.33 16.56
CA THR B 344 -5.58 -40.84 15.27
C THR B 344 -4.42 -40.97 14.28
N LEU B 345 -3.59 -39.92 14.18
CA LEU B 345 -2.47 -39.97 13.26
C LEU B 345 -1.42 -40.97 13.70
N ASN B 346 -1.22 -41.14 15.00
CA ASN B 346 -0.31 -42.18 15.48
C ASN B 346 -0.82 -43.57 15.12
N ASP B 347 -2.13 -43.79 15.25
CA ASP B 347 -2.71 -45.07 14.86
C ASP B 347 -2.58 -45.30 13.36
N LEU B 348 -2.76 -44.26 12.56
CA LEU B 348 -2.64 -44.38 11.11
C LEU B 348 -1.19 -44.40 10.63
N GLY B 349 -0.23 -44.14 11.51
CA GLY B 349 1.17 -44.21 11.15
C GLY B 349 1.79 -42.90 10.70
N VAL B 350 1.13 -41.76 10.91
CA VAL B 350 1.68 -40.48 10.50
C VAL B 350 2.78 -40.08 11.48
N SER B 351 3.92 -39.65 10.93
CA SER B 351 5.05 -39.25 11.75
C SER B 351 4.79 -37.87 12.37
N THR B 352 5.74 -37.42 13.20
CA THR B 352 5.57 -36.15 13.91
C THR B 352 5.52 -34.98 12.93
N ARG B 353 6.40 -34.96 11.93
CA ARG B 353 6.38 -33.89 10.94
C ARG B 353 5.09 -33.89 10.14
N GLY B 354 4.58 -35.08 9.80
CA GLY B 354 3.29 -35.16 9.16
C GLY B 354 2.18 -34.62 10.03
N ARG B 355 2.25 -34.89 11.34
CA ARG B 355 1.26 -34.34 12.27
C ARG B 355 1.32 -32.82 12.29
N GLN B 356 2.53 -32.26 12.33
CA GLN B 356 2.66 -30.80 12.33
C GLN B 356 2.13 -30.19 11.05
N TYR B 357 2.44 -30.81 9.90
CA TYR B 357 1.96 -30.29 8.63
C TYR B 357 0.44 -30.36 8.53
N VAL B 358 -0.15 -31.46 9.00
CA VAL B 358 -1.60 -31.59 9.00
C VAL B 358 -2.23 -30.53 9.92
N GLN B 359 -1.61 -30.30 11.08
CA GLN B 359 -2.12 -29.29 12.00
C GLN B 359 -2.06 -27.90 11.37
N ALA B 360 -0.96 -27.59 10.68
CA ALA B 360 -0.86 -26.29 9.99
C ALA B 360 -1.91 -26.16 8.90
N ALA B 361 -2.13 -27.23 8.13
CA ALA B 361 -3.14 -27.19 7.09
C ALA B 361 -4.53 -26.96 7.69
N LEU B 362 -4.83 -27.62 8.80
CA LEU B 362 -6.12 -27.42 9.46
C LEU B 362 -6.26 -26.01 9.99
N GLU B 363 -5.19 -25.46 10.59
CA GLU B 363 -5.24 -24.11 11.12
C GLU B 363 -5.36 -23.06 10.02
N GLU B 364 -4.93 -23.38 8.80
CA GLU B 364 -5.10 -22.44 7.69
C GLU B 364 -6.58 -22.16 7.43
N GLU B 365 -7.41 -23.19 7.50
CA GLU B 365 -8.85 -23.00 7.30
C GLU B 365 -9.44 -22.12 8.39
N LYS B 366 -9.02 -22.32 9.64
CA LYS B 366 -9.50 -21.48 10.73
C LYS B 366 -9.07 -20.03 10.55
N LYS B 367 -7.83 -19.83 10.08
CA LYS B 367 -7.38 -18.46 9.80
C LYS B 367 -8.20 -17.82 8.69
N ARG B 368 -8.52 -18.59 7.65
CA ARG B 368 -9.36 -18.06 6.58
C ARG B 368 -10.75 -17.70 7.09
N VAL B 369 -11.31 -18.55 7.95
CA VAL B 369 -12.63 -18.26 8.52
C VAL B 369 -12.59 -17.00 9.38
N GLU B 370 -11.53 -16.84 10.16
CA GLU B 370 -11.38 -15.63 10.97
C GLU B 370 -11.27 -14.39 10.09
N ASN B 371 -10.51 -14.48 8.99
CA ASN B 371 -10.40 -13.36 8.07
C ASN B 371 -11.76 -13.02 7.46
N GLN B 372 -12.53 -14.04 7.08
CA GLN B 372 -13.85 -13.79 6.54
C GLN B 372 -14.76 -13.13 7.56
N LYS B 373 -14.70 -13.57 8.82
CA LYS B 373 -15.49 -12.96 9.87
C LYS B 373 -15.11 -11.50 10.07
N LYS B 374 -13.80 -11.20 10.07
CA LYS B 374 -13.35 -9.82 10.21
C LYS B 374 -13.83 -8.96 9.04
N ILE B 375 -13.77 -9.51 7.82
CA ILE B 375 -14.23 -8.76 6.65
C ILE B 375 -15.73 -8.48 6.75
N ILE B 376 -16.50 -9.47 7.18
CA ILE B 376 -17.95 -9.28 7.33
C ILE B 376 -18.25 -8.23 8.38
N GLN B 377 -17.53 -8.28 9.51
CA GLN B 377 -17.74 -7.29 10.56
C GLN B 377 -17.40 -5.89 10.09
N VAL B 378 -16.31 -5.75 9.32
CA VAL B 378 -15.95 -4.44 8.78
C VAL B 378 -17.02 -3.96 7.81
N ILE B 379 -17.52 -4.85 6.96
CA ILE B 379 -18.53 -4.47 5.96
C ILE B 379 -19.81 -4.01 6.64
N GLU B 380 -20.24 -4.72 7.68
CA GLU B 380 -21.51 -4.44 8.35
C GLU B 380 -21.44 -3.22 9.26
N GLN B 381 -20.38 -2.42 9.18
CA GLN B 381 -20.27 -1.22 10.00
C GLN B 381 -21.27 -0.15 9.56
N GLU B 382 -21.61 0.73 10.49
CA GLU B 382 -22.59 1.78 10.21
C GLU B 382 -22.03 2.82 9.25
N ARG B 383 -20.76 3.19 9.42
CA ARG B 383 -20.16 4.23 8.58
C ARG B 383 -20.04 3.79 7.12
N PHE B 384 -19.79 2.50 6.89
CA PHE B 384 -19.69 2.01 5.52
C PHE B 384 -21.01 2.20 4.78
N LEU B 385 -22.14 1.91 5.43
CA LEU B 385 -23.43 2.16 4.82
C LEU B 385 -23.76 3.64 4.77
N LYS B 386 -23.27 4.41 5.75
CA LYS B 386 -23.54 5.85 5.77
C LYS B 386 -22.90 6.56 4.58
N LYS B 387 -21.69 6.14 4.22
CA LYS B 387 -21.02 6.74 3.06
C LYS B 387 -21.83 6.50 1.78
N LEU B 388 -22.30 5.27 1.57
CA LEU B 388 -23.10 4.96 0.40
C LEU B 388 -24.42 5.71 0.42
N ALA B 389 -25.04 5.82 1.59
CA ALA B 389 -26.29 6.56 1.69
C ALA B 389 -26.09 8.03 1.35
N TRP B 390 -25.00 8.63 1.84
CA TRP B 390 -24.70 10.02 1.50
C TRP B 390 -24.47 10.19 0.01
N ILE B 391 -23.73 9.25 -0.61
CA ILE B 391 -23.47 9.34 -2.04
C ILE B 391 -24.77 9.24 -2.84
N GLU B 392 -25.63 8.29 -2.47
CA GLU B 392 -26.82 8.02 -3.26
C GLU B 392 -27.92 9.05 -3.06
N ASP B 393 -28.08 9.55 -1.83
CA ASP B 393 -29.25 10.35 -1.48
C ASP B 393 -28.98 11.85 -1.40
N GLU B 394 -27.71 12.27 -1.41
CA GLU B 394 -27.40 13.68 -1.30
C GLU B 394 -26.72 14.24 -2.53
N TYR B 395 -25.61 13.63 -2.98
CA TYR B 395 -24.87 14.17 -4.12
C TYR B 395 -25.69 14.08 -5.40
N LYS B 396 -26.22 12.89 -5.70
CA LYS B 396 -26.94 12.69 -6.95
C LYS B 396 -28.22 13.52 -7.04
N PRO B 397 -29.11 13.55 -6.03
CA PRO B 397 -30.30 14.41 -6.16
C PRO B 397 -29.96 15.88 -6.28
N LYS B 398 -28.94 16.36 -5.55
CA LYS B 398 -28.56 17.76 -5.67
C LYS B 398 -28.02 18.07 -7.05
N CYS B 399 -27.19 17.18 -7.61
CA CYS B 399 -26.69 17.39 -8.95
C CYS B 399 -27.83 17.39 -9.98
N GLN B 400 -28.78 16.47 -9.82
CA GLN B 400 -29.92 16.43 -10.73
C GLN B 400 -30.74 17.71 -10.65
N ALA B 401 -30.95 18.21 -9.43
CA ALA B 401 -31.65 19.48 -9.26
C ALA B 401 -30.83 20.66 -9.79
N HIS B 402 -29.52 20.49 -9.92
CA HIS B 402 -28.66 21.53 -10.46
C HIS B 402 -28.57 21.50 -11.98
N LYS B 403 -29.39 20.68 -12.65
CA LYS B 403 -29.45 20.58 -14.10
C LYS B 403 -28.14 20.10 -14.73
N ASN B 404 -27.27 19.47 -13.93
CA ASN B 404 -26.03 18.91 -14.42
C ASN B 404 -25.84 17.52 -13.85
N GLY B 405 -25.48 16.57 -14.71
CA GLY B 405 -25.24 15.21 -14.22
C GLY B 405 -24.08 15.19 -13.24
N TYR B 406 -24.21 14.31 -12.24
CA TYR B 406 -23.17 14.22 -11.21
C TYR B 406 -21.85 13.76 -11.80
N TYR B 407 -21.88 13.00 -12.90
CA TYR B 407 -20.65 12.68 -13.61
C TYR B 407 -19.98 13.94 -14.14
N ASP B 408 -20.76 14.81 -14.79
CA ASP B 408 -20.21 16.06 -15.29
C ASP B 408 -19.76 16.98 -14.16
N SER B 409 -20.52 17.01 -13.06
CA SER B 409 -20.11 17.81 -11.92
C SER B 409 -18.79 17.33 -11.33
N PHE B 410 -18.62 16.01 -11.21
CA PHE B 410 -17.35 15.47 -10.74
C PHE B 410 -16.23 15.73 -11.73
N LYS B 411 -16.55 15.77 -13.02
CA LYS B 411 -15.53 16.06 -14.03
C LYS B 411 -14.93 17.44 -13.84
N VAL B 412 -15.77 18.45 -13.61
CA VAL B 412 -15.28 19.80 -13.38
C VAL B 412 -16.21 20.56 -12.44
N SER B 413 -15.67 20.97 -11.29
CA SER B 413 -16.40 21.76 -10.30
C SER B 413 -15.40 22.24 -9.25
N ASN B 414 -15.88 23.13 -8.38
CA ASN B 414 -15.05 23.67 -7.31
C ASN B 414 -15.82 23.81 -6.00
N GLU B 415 -16.78 22.91 -5.76
CA GLU B 415 -17.60 22.96 -4.57
C GLU B 415 -17.17 21.90 -3.56
N GLU B 416 -17.56 22.11 -2.30
CA GLU B 416 -17.19 21.17 -1.25
C GLU B 416 -17.84 19.82 -1.43
N ASN B 417 -18.99 19.76 -2.10
CA ASN B 417 -19.65 18.49 -2.34
C ASN B 417 -18.78 17.56 -3.18
N ASP B 418 -18.12 18.11 -4.21
CA ASP B 418 -17.22 17.30 -5.03
C ASP B 418 -16.06 16.77 -4.22
N PHE B 419 -15.49 17.59 -3.33
CA PHE B 419 -14.38 17.14 -2.50
C PHE B 419 -14.83 16.03 -1.56
N LYS B 420 -15.99 16.19 -0.93
CA LYS B 420 -16.49 15.15 -0.03
C LYS B 420 -16.78 13.86 -0.79
N ALA B 421 -17.37 13.96 -1.98
CA ALA B 421 -17.65 12.78 -2.78
C ALA B 421 -16.35 12.08 -3.18
N ASN B 422 -15.33 12.85 -3.56
CA ASN B 422 -14.04 12.26 -3.91
C ASN B 422 -13.41 11.56 -2.71
N VAL B 423 -13.50 12.16 -1.52
CA VAL B 423 -12.94 11.53 -0.33
C VAL B 423 -13.65 10.21 -0.04
N LYS B 424 -14.98 10.22 -0.10
CA LYS B 424 -15.74 9.01 0.17
C LYS B 424 -15.45 7.94 -0.88
N ARG B 425 -15.34 8.34 -2.14
CA ARG B 425 -14.99 7.38 -3.19
C ARG B 425 -13.61 6.78 -2.96
N ALA B 426 -12.65 7.60 -2.53
CA ALA B 426 -11.31 7.09 -2.24
C ALA B 426 -11.34 6.08 -1.10
N GLU B 427 -12.11 6.39 -0.03
CA GLU B 427 -12.20 5.46 1.09
C GLU B 427 -12.83 4.14 0.68
N LEU B 428 -13.93 4.21 -0.08
CA LEU B 428 -14.60 2.99 -0.55
C LEU B 428 -13.69 2.19 -1.46
N ALA B 429 -12.96 2.87 -2.35
CA ALA B 429 -12.03 2.19 -3.25
C ALA B 429 -10.92 1.50 -2.47
N GLY B 430 -10.41 2.16 -1.43
CA GLY B 430 -9.39 1.52 -0.60
C GLY B 430 -9.90 0.28 0.10
N VAL B 431 -11.10 0.36 0.68
CA VAL B 431 -11.68 -0.80 1.36
C VAL B 431 -11.88 -1.95 0.38
N PHE B 432 -12.46 -1.65 -0.78
CA PHE B 432 -12.71 -2.70 -1.77
C PHE B 432 -11.41 -3.25 -2.35
N ASP B 433 -10.37 -2.41 -2.47
CA ASP B 433 -9.08 -2.91 -2.92
C ASP B 433 -8.45 -3.85 -1.90
N GLU B 434 -8.60 -3.53 -0.61
CA GLU B 434 -8.13 -4.44 0.43
C GLU B 434 -8.85 -5.78 0.34
N VAL B 435 -10.18 -5.73 0.17
CA VAL B 435 -10.95 -6.98 0.05
C VAL B 435 -10.52 -7.76 -1.18
N LEU B 436 -10.33 -7.06 -2.30
CA LEU B 436 -9.91 -7.73 -3.54
C LEU B 436 -8.54 -8.36 -3.39
N GLY B 437 -7.61 -7.68 -2.72
CA GLY B 437 -6.29 -8.26 -2.50
C GLY B 437 -6.36 -9.49 -1.61
N LEU B 438 -7.18 -9.43 -0.56
CA LEU B 438 -7.36 -10.60 0.30
C LEU B 438 -7.93 -11.77 -0.47
N MET B 439 -8.91 -11.50 -1.35
CA MET B 439 -9.48 -12.56 -2.17
C MET B 439 -8.45 -13.12 -3.16
N LYS B 440 -7.64 -12.24 -3.75
CA LYS B 440 -6.64 -12.68 -4.73
C LYS B 440 -5.58 -13.56 -4.08
N LYS B 441 -5.16 -13.21 -2.86
CA LYS B 441 -4.10 -13.95 -2.19
C LYS B 441 -4.57 -15.29 -1.62
N CYS B 442 -5.78 -15.75 -1.98
CA CYS B 442 -6.30 -17.04 -1.55
C CYS B 442 -6.31 -17.17 -0.04
N GLN B 443 -6.69 -16.09 0.65
CA GLN B 443 -6.78 -16.07 2.10
C GLN B 443 -8.21 -15.97 2.59
N LEU B 444 -9.18 -16.33 1.75
CA LEU B 444 -10.59 -16.29 2.09
C LEU B 444 -11.24 -17.61 1.72
N PRO B 445 -12.32 -17.98 2.41
CA PRO B 445 -13.02 -19.22 2.07
C PRO B 445 -13.58 -19.19 0.65
N ASP B 446 -13.64 -20.36 0.03
CA ASP B 446 -14.13 -20.46 -1.34
C ASP B 446 -15.58 -20.03 -1.46
N GLU B 447 -16.36 -20.17 -0.38
CA GLU B 447 -17.76 -19.78 -0.39
C GLU B 447 -17.98 -18.29 -0.32
N PHE B 448 -16.92 -17.51 -0.05
CA PHE B 448 -17.08 -16.06 0.07
C PHE B 448 -17.59 -15.45 -1.22
N GLU B 449 -17.07 -15.91 -2.37
CA GLU B 449 -17.56 -15.42 -3.65
C GLU B 449 -19.01 -15.84 -3.91
N GLY B 450 -19.49 -16.88 -3.24
CA GLY B 450 -20.85 -17.32 -3.39
C GLY B 450 -21.86 -16.65 -2.49
N ASP B 451 -21.43 -15.71 -1.64
CA ASP B 451 -22.36 -15.04 -0.74
C ASP B 451 -23.22 -14.06 -1.52
N ILE B 452 -24.54 -14.14 -1.31
CA ILE B 452 -25.46 -13.26 -2.02
C ILE B 452 -25.33 -11.83 -1.52
N ASP B 453 -25.16 -11.66 -0.21
CA ASP B 453 -25.03 -10.32 0.35
C ASP B 453 -23.80 -9.60 -0.18
N TRP B 454 -22.67 -10.31 -0.25
CA TRP B 454 -21.44 -9.70 -0.77
C TRP B 454 -21.61 -9.33 -2.23
N ILE B 455 -22.25 -10.19 -3.03
CA ILE B 455 -22.47 -9.89 -4.44
C ILE B 455 -23.35 -8.66 -4.59
N LYS B 456 -24.43 -8.58 -3.81
CA LYS B 456 -25.32 -7.42 -3.88
C LYS B 456 -24.59 -6.14 -3.48
N LEU B 457 -23.79 -6.20 -2.41
CA LEU B 457 -23.05 -5.02 -1.98
C LEU B 457 -22.05 -4.58 -3.03
N ALA B 458 -21.33 -5.54 -3.64
CA ALA B 458 -20.37 -5.19 -4.68
C ALA B 458 -21.06 -4.59 -5.89
N THR B 459 -22.20 -5.14 -6.29
CA THR B 459 -22.94 -4.60 -7.42
C THR B 459 -23.42 -3.18 -7.14
N ARG B 460 -23.94 -2.94 -5.95
CA ARG B 460 -24.39 -1.60 -5.58
C ARG B 460 -23.23 -0.62 -5.58
N TYR B 461 -22.10 -1.02 -4.98
CA TYR B 461 -20.93 -0.15 -4.95
C TYR B 461 -20.44 0.18 -6.34
N ARG B 462 -20.39 -0.82 -7.22
CA ARG B 462 -19.98 -0.57 -8.61
C ARG B 462 -20.93 0.40 -9.29
N ARG B 463 -22.24 0.11 -9.25
CA ARG B 463 -23.21 0.96 -9.93
C ARG B 463 -23.26 2.37 -9.35
N LEU B 464 -22.79 2.56 -8.12
CA LEU B 464 -22.82 3.89 -7.52
C LEU B 464 -21.51 4.65 -7.64
N VAL B 465 -20.37 3.97 -7.85
CA VAL B 465 -19.08 4.64 -7.79
C VAL B 465 -18.36 4.64 -9.13
N GLU B 466 -18.63 3.65 -9.98
CA GLU B 466 -17.90 3.54 -11.24
C GLU B 466 -17.96 4.78 -12.12
N PRO B 467 -19.12 5.44 -12.31
CA PRO B 467 -19.09 6.71 -13.06
C PRO B 467 -18.20 7.76 -12.44
N LEU B 468 -18.14 7.82 -11.10
CA LEU B 468 -17.25 8.77 -10.45
C LEU B 468 -15.79 8.44 -10.74
N ASP B 469 -15.43 7.14 -10.74
CA ASP B 469 -14.07 6.75 -11.07
C ASP B 469 -13.73 7.09 -12.51
N ILE B 470 -14.69 6.89 -13.43
CA ILE B 470 -14.45 7.24 -14.82
C ILE B 470 -14.26 8.75 -14.97
N ALA B 471 -15.06 9.54 -14.26
CA ALA B 471 -14.91 10.99 -14.31
C ALA B 471 -13.56 11.42 -13.76
N ASN B 472 -13.12 10.80 -12.66
CA ASN B 472 -11.80 11.12 -12.11
C ASN B 472 -10.69 10.74 -13.09
N TYR B 473 -10.82 9.59 -13.75
CA TYR B 473 -9.80 9.15 -14.70
C TYR B 473 -9.73 10.10 -15.90
N HIS B 474 -10.87 10.53 -16.42
CA HIS B 474 -10.87 11.38 -17.60
C HIS B 474 -10.69 12.86 -17.29
N ARG B 475 -10.78 13.25 -16.02
CA ARG B 475 -10.60 14.65 -15.66
C ARG B 475 -9.14 15.06 -15.69
N HIS B 476 -8.25 14.16 -15.25
CA HIS B 476 -6.82 14.43 -15.18
C HIS B 476 -6.10 14.13 -16.50
N LEU B 477 -6.84 13.84 -17.56
CA LEU B 477 -6.27 13.56 -18.89
C LEU B 477 -5.32 12.38 -18.84
N LYS B 478 -5.67 11.36 -18.06
CA LYS B 478 -4.87 10.14 -18.00
C LYS B 478 -5.09 9.22 -19.19
N ASN B 479 -6.11 9.48 -20.01
CA ASN B 479 -6.37 8.65 -21.17
C ASN B 479 -5.38 8.90 -22.29
N GLU B 480 -4.69 10.04 -22.28
CA GLU B 480 -3.70 10.37 -23.29
C GLU B 480 -2.31 9.86 -22.96
N ASP B 481 -2.13 9.27 -21.78
CA ASP B 481 -0.83 8.73 -21.37
C ASP B 481 -0.76 7.21 -21.45
N THR B 482 -1.82 6.52 -21.03
CA THR B 482 -1.87 5.07 -21.05
C THR B 482 -2.77 4.52 -22.15
N GLY B 483 -3.91 5.15 -22.40
CA GLY B 483 -4.82 4.70 -23.43
C GLY B 483 -6.26 4.73 -22.98
N PRO B 484 -7.10 3.89 -23.59
CA PRO B 484 -8.51 3.85 -23.21
C PRO B 484 -8.69 3.39 -21.78
N TYR B 485 -9.79 3.83 -21.16
CA TYR B 485 -10.07 3.47 -19.78
C TYR B 485 -10.26 1.96 -19.62
N MET B 486 -10.97 1.33 -20.57
CA MET B 486 -11.22 -0.09 -20.49
C MET B 486 -10.04 -0.94 -20.92
N LYS B 487 -9.00 -0.35 -21.50
CA LYS B 487 -7.85 -1.12 -21.94
C LYS B 487 -6.87 -1.36 -20.80
N ARG B 488 -6.40 -0.29 -20.15
CA ARG B 488 -5.42 -0.41 -19.09
C ARG B 488 -5.73 0.48 -17.88
N GLY B 489 -6.98 0.90 -17.71
CA GLY B 489 -7.32 1.80 -16.63
C GLY B 489 -8.39 1.30 -15.70
N ARG B 490 -9.18 0.33 -16.15
CA ARG B 490 -10.29 -0.15 -15.35
C ARG B 490 -9.78 -0.92 -14.14
N PRO B 491 -10.22 -0.61 -12.92
CA PRO B 491 -9.78 -1.36 -11.75
C PRO B 491 -10.26 -2.81 -11.79
N THR B 492 -9.47 -3.68 -11.16
CA THR B 492 -9.79 -5.11 -11.15
C THR B 492 -11.02 -5.40 -10.31
N ARG B 493 -11.26 -4.61 -9.26
CA ARG B 493 -12.40 -4.88 -8.38
C ARG B 493 -13.73 -4.77 -9.12
N TYR B 494 -13.86 -3.77 -10.00
CA TYR B 494 -15.09 -3.61 -10.76
C TYR B 494 -15.31 -4.80 -11.69
N ILE B 495 -14.24 -5.28 -12.33
CA ILE B 495 -14.36 -6.44 -13.20
C ILE B 495 -14.78 -7.68 -12.40
N TYR B 496 -14.18 -7.85 -11.21
CA TYR B 496 -14.54 -8.99 -10.37
C TYR B 496 -16.01 -8.92 -9.96
N ALA B 497 -16.47 -7.74 -9.56
CA ALA B 497 -17.87 -7.58 -9.16
C ALA B 497 -18.81 -7.85 -10.32
N GLN B 498 -18.48 -7.34 -11.51
CA GLN B 498 -19.31 -7.56 -12.68
C GLN B 498 -19.37 -9.04 -13.04
N ARG B 499 -18.23 -9.72 -13.00
CA ARG B 499 -18.21 -11.15 -13.31
C ARG B 499 -19.01 -11.94 -12.29
N GLY B 500 -18.89 -11.60 -11.02
CA GLY B 500 -19.67 -12.28 -10.00
C GLY B 500 -21.16 -12.09 -10.18
N TYR B 501 -21.58 -10.85 -10.45
CA TYR B 501 -22.99 -10.58 -10.68
C TYR B 501 -23.51 -11.33 -11.91
N GLU B 502 -22.74 -11.33 -12.99
CA GLU B 502 -23.16 -12.04 -14.20
C GLU B 502 -23.28 -13.53 -13.95
N HIS B 503 -22.31 -14.12 -13.25
CA HIS B 503 -22.39 -15.53 -12.93
C HIS B 503 -23.60 -15.84 -12.06
N TYR B 504 -23.87 -14.98 -11.05
CA TYR B 504 -25.01 -15.20 -10.18
C TYR B 504 -26.33 -15.14 -10.95
N ILE B 505 -26.45 -14.18 -11.88
CA ILE B 505 -27.70 -14.04 -12.61
C ILE B 505 -27.83 -14.98 -13.80
N LEU B 506 -26.74 -15.64 -14.22
CA LEU B 506 -26.80 -16.54 -15.36
C LEU B 506 -26.60 -18.01 -15.01
N LYS B 507 -26.28 -18.33 -13.76
CA LYS B 507 -26.14 -19.74 -13.38
C LYS B 507 -27.42 -20.56 -13.58
N PRO B 508 -28.63 -20.07 -13.28
CA PRO B 508 -29.82 -20.90 -13.53
C PRO B 508 -30.06 -21.21 -15.00
N ASN B 509 -29.53 -20.40 -15.91
CA ASN B 509 -29.75 -20.60 -17.34
C ASN B 509 -28.73 -21.57 -17.95
N GLY B 510 -27.45 -21.23 -17.87
CA GLY B 510 -26.39 -22.14 -18.31
C GLY B 510 -25.36 -21.55 -19.26
N MET B 511 -25.63 -20.35 -19.77
CA MET B 511 -24.72 -19.74 -20.78
C MET B 511 -23.73 -18.80 -20.11
N ILE B 512 -22.54 -18.66 -20.70
CA ILE B 512 -21.54 -17.69 -20.16
C ILE B 512 -21.95 -16.28 -20.61
N ALA B 513 -21.55 -15.25 -19.86
CA ALA B 513 -21.97 -13.87 -20.20
C ALA B 513 -21.54 -13.53 -21.64
N GLU B 514 -20.36 -14.01 -22.05
CA GLU B 514 -19.84 -13.69 -23.41
C GLU B 514 -20.86 -14.14 -24.45
N ASP B 515 -21.39 -15.36 -24.31
CA ASP B 515 -22.38 -15.88 -25.29
C ASP B 515 -23.58 -14.93 -25.34
N VAL B 516 -24.15 -14.60 -24.18
CA VAL B 516 -25.36 -13.74 -24.14
C VAL B 516 -25.05 -12.43 -24.86
N PHE B 517 -23.91 -11.81 -24.53
CA PHE B 517 -23.51 -10.53 -25.18
C PHE B 517 -23.37 -10.74 -26.69
N TRP B 518 -22.47 -11.62 -27.09
CA TRP B 518 -22.21 -11.83 -28.52
C TRP B 518 -23.49 -12.20 -29.26
N ASN B 519 -24.35 -13.01 -28.64
CA ASN B 519 -25.63 -13.36 -29.25
C ASN B 519 -26.50 -12.13 -29.43
N LYS B 520 -26.56 -11.26 -28.41
CA LYS B 520 -27.33 -10.03 -28.53
C LYS B 520 -26.77 -9.11 -29.60
N VAL B 521 -25.44 -9.02 -29.69
CA VAL B 521 -24.81 -8.19 -30.72
C VAL B 521 -25.15 -8.72 -32.10
N THR B 536 -13.83 -4.94 -34.10
CA THR B 536 -14.22 -3.56 -33.82
C THR B 536 -14.60 -3.37 -32.36
N LEU B 537 -15.31 -4.33 -31.78
CA LEU B 537 -15.78 -4.24 -30.41
C LEU B 537 -14.74 -4.71 -29.39
N LYS B 538 -13.46 -4.72 -29.76
CA LYS B 538 -12.42 -5.12 -28.83
C LYS B 538 -12.29 -4.08 -27.72
N ASN B 539 -12.39 -4.53 -26.47
CA ASN B 539 -12.33 -3.66 -25.30
C ASN B 539 -13.38 -2.55 -25.39
N SER B 540 -14.57 -2.92 -25.84
CA SER B 540 -15.66 -1.96 -25.99
C SER B 540 -16.40 -1.78 -24.66
N GLY B 541 -17.31 -0.81 -24.65
CA GLY B 541 -18.12 -0.51 -23.48
C GLY B 541 -19.54 -1.01 -23.53
N SER B 542 -19.88 -1.89 -24.48
CA SER B 542 -21.24 -2.39 -24.60
C SER B 542 -21.54 -3.53 -23.65
N GLU B 543 -20.55 -4.03 -22.92
CA GLU B 543 -20.77 -5.12 -21.98
C GLU B 543 -21.21 -4.65 -20.60
N CYS B 544 -20.72 -3.50 -20.15
CA CYS B 544 -20.99 -2.99 -18.82
C CYS B 544 -21.83 -1.73 -18.91
N GLY B 545 -22.96 -1.71 -18.20
CA GLY B 545 -23.80 -0.51 -18.17
C GLY B 545 -23.13 0.64 -17.46
N SER B 546 -22.39 0.35 -16.38
CA SER B 546 -21.74 1.41 -15.62
C SER B 546 -20.57 2.04 -16.36
N CYS B 547 -20.03 1.37 -17.38
CA CYS B 547 -18.94 1.90 -18.17
C CYS B 547 -19.42 2.69 -19.37
N PHE B 548 -20.73 2.87 -19.53
CA PHE B 548 -21.29 3.58 -20.68
C PHE B 548 -20.68 4.97 -20.82
N TRP B 549 -20.53 5.69 -19.69
CA TRP B 549 -19.91 7.01 -19.73
C TRP B 549 -18.53 6.96 -20.38
N ALA B 550 -17.73 5.95 -20.03
CA ALA B 550 -16.41 5.81 -20.64
C ALA B 550 -16.53 5.69 -22.15
N GLU B 551 -17.53 4.94 -22.63
CA GLU B 551 -17.75 4.83 -24.06
C GLU B 551 -18.02 6.20 -24.68
N VAL B 552 -18.80 7.03 -23.98
CA VAL B 552 -19.05 8.40 -24.47
C VAL B 552 -17.74 9.16 -24.60
N GLU B 553 -16.79 8.89 -23.70
CA GLU B 553 -15.48 9.52 -23.81
C GLU B 553 -14.75 9.05 -25.06
N GLU B 554 -14.88 7.77 -25.41
CA GLU B 554 -14.16 7.25 -26.56
C GLU B 554 -14.82 7.66 -27.87
N LEU B 555 -16.15 7.68 -27.92
CA LEU B 555 -16.85 7.99 -29.16
C LEU B 555 -16.79 9.48 -29.49
N LYS B 556 -16.82 10.35 -28.48
CA LYS B 556 -16.78 11.78 -28.73
C LYS B 556 -15.42 12.20 -29.27
N GLY B 557 -15.42 13.30 -30.03
CA GLY B 557 -14.21 13.79 -30.63
C GLY B 557 -13.78 13.07 -31.89
N LYS B 558 -14.64 12.24 -32.48
CA LYS B 558 -14.34 11.52 -33.69
C LYS B 558 -15.44 11.72 -34.71
N PRO B 559 -15.10 11.69 -36.00
CA PRO B 559 -16.13 11.83 -37.04
C PRO B 559 -17.08 10.64 -37.06
N TYR B 560 -18.30 10.90 -37.51
CA TYR B 560 -19.31 9.85 -37.55
C TYR B 560 -18.98 8.78 -38.58
N GLU B 561 -18.34 9.15 -39.69
CA GLU B 561 -18.04 8.19 -40.74
C GLU B 561 -17.06 7.13 -40.27
N GLU B 562 -16.06 7.51 -39.49
CA GLU B 562 -15.02 6.57 -39.08
C GLU B 562 -15.58 5.44 -38.23
N VAL B 563 -16.45 5.76 -37.27
CA VAL B 563 -17.03 4.78 -36.38
C VAL B 563 -18.55 4.95 -36.39
N GLU B 564 -19.26 3.90 -36.77
CA GLU B 564 -20.72 3.91 -36.80
C GLU B 564 -21.34 2.73 -36.07
N VAL B 565 -20.73 1.54 -36.16
CA VAL B 565 -21.32 0.35 -35.56
C VAL B 565 -21.33 0.44 -34.05
N ARG B 566 -20.28 1.03 -33.45
CA ARG B 566 -20.22 1.16 -32.01
C ARG B 566 -21.35 2.06 -31.50
N VAL B 567 -21.66 3.13 -32.23
CA VAL B 567 -22.76 4.00 -31.85
C VAL B 567 -24.08 3.24 -31.85
N LYS B 568 -24.31 2.45 -32.89
CA LYS B 568 -25.55 1.66 -32.97
C LYS B 568 -25.62 0.64 -31.84
N THR B 569 -24.50 0.00 -31.52
CA THR B 569 -24.47 -0.96 -30.42
C THR B 569 -24.78 -0.27 -29.09
N LEU B 570 -24.22 0.93 -28.88
CA LEU B 570 -24.51 1.68 -27.67
C LEU B 570 -25.99 2.05 -27.59
N GLU B 571 -26.57 2.49 -28.71
CA GLU B 571 -28.00 2.81 -28.71
C GLU B 571 -28.84 1.59 -28.40
N GLY B 572 -28.47 0.44 -28.96
CA GLY B 572 -29.21 -0.77 -28.68
C GLY B 572 -29.11 -1.22 -27.23
N MET B 573 -27.92 -1.11 -26.64
CA MET B 573 -27.72 -1.55 -25.27
C MET B 573 -28.21 -0.54 -24.24
N LEU B 574 -28.45 0.72 -24.65
CA LEU B 574 -28.90 1.72 -23.71
C LEU B 574 -30.26 1.36 -23.12
N GLY B 575 -31.17 0.82 -23.94
CA GLY B 575 -32.47 0.43 -23.42
C GLY B 575 -32.39 -0.65 -22.37
N GLU B 576 -31.56 -1.67 -22.64
CA GLU B 576 -31.37 -2.74 -21.67
C GLU B 576 -30.72 -2.22 -20.39
N TRP B 577 -29.74 -1.34 -20.53
CA TRP B 577 -29.09 -0.77 -19.35
C TRP B 577 -30.07 0.04 -18.51
N ILE B 578 -30.93 0.82 -19.16
CA ILE B 578 -31.94 1.57 -18.44
C ILE B 578 -32.93 0.63 -17.74
N THR B 579 -33.37 -0.42 -18.45
CA THR B 579 -34.33 -1.35 -17.87
C THR B 579 -33.75 -2.07 -16.66
N ASP B 580 -32.48 -2.48 -16.74
CA ASP B 580 -31.85 -3.21 -15.64
C ASP B 580 -31.36 -2.29 -14.52
N GLY B 581 -31.46 -0.98 -14.68
CA GLY B 581 -31.02 -0.06 -13.65
C GLY B 581 -29.54 0.24 -13.65
N GLU B 582 -28.80 -0.16 -14.68
CA GLU B 582 -27.37 0.16 -14.75
C GLU B 582 -27.15 1.66 -14.82
N VAL B 583 -27.98 2.36 -15.60
CA VAL B 583 -27.91 3.81 -15.73
C VAL B 583 -29.29 4.38 -15.45
N ASP B 584 -29.31 5.64 -15.01
CA ASP B 584 -30.54 6.34 -14.69
C ASP B 584 -30.84 7.37 -15.77
N ASP B 585 -32.05 7.31 -16.32
CA ASP B 585 -32.42 8.21 -17.41
C ASP B 585 -32.59 9.65 -16.95
N LYS B 586 -32.74 9.88 -15.64
CA LYS B 586 -32.94 11.24 -15.16
C LYS B 586 -31.65 12.05 -15.20
N GLU B 587 -30.51 11.41 -14.91
CA GLU B 587 -29.23 12.10 -14.81
C GLU B 587 -28.40 12.02 -16.08
N ILE B 588 -28.39 10.88 -16.77
CA ILE B 588 -27.57 10.73 -17.97
C ILE B 588 -28.22 11.29 -19.22
N PHE B 589 -29.50 11.66 -19.15
CA PHE B 589 -30.20 12.31 -20.26
C PHE B 589 -30.51 13.77 -19.96
N LEU B 590 -29.73 14.39 -19.07
CA LEU B 590 -29.99 15.75 -18.65
C LEU B 590 -29.62 16.73 -19.76
N GLU B 591 -30.11 17.97 -19.60
CA GLU B 591 -29.84 19.00 -20.60
C GLU B 591 -28.36 19.33 -20.68
N GLY B 592 -27.68 19.44 -19.54
CA GLY B 592 -26.28 19.77 -19.49
C GLY B 592 -25.33 18.59 -19.57
N SER B 593 -25.84 17.39 -19.81
CA SER B 593 -24.99 16.21 -19.87
C SER B 593 -24.11 16.25 -21.12
N THR B 594 -22.91 15.69 -20.99
CA THR B 594 -21.99 15.60 -22.12
C THR B 594 -22.54 14.69 -23.22
N PHE B 595 -23.31 13.66 -22.83
CA PHE B 595 -23.90 12.77 -23.81
C PHE B 595 -24.87 13.51 -24.72
N ARG B 596 -25.67 14.41 -24.14
CA ARG B 596 -26.60 15.19 -24.95
C ARG B 596 -25.86 16.09 -25.94
N LYS B 597 -24.77 16.72 -25.49
CA LYS B 597 -23.98 17.55 -26.40
C LYS B 597 -23.37 16.73 -27.52
N TRP B 598 -22.83 15.55 -27.19
CA TRP B 598 -22.24 14.69 -28.22
C TRP B 598 -23.30 14.24 -29.22
N TRP B 599 -24.50 13.90 -28.74
CA TRP B 599 -25.58 13.53 -29.65
C TRP B 599 -26.04 14.72 -30.49
N ILE B 600 -25.98 15.93 -29.94
CA ILE B 600 -26.31 17.12 -30.73
C ILE B 600 -25.30 17.32 -31.85
N THR B 601 -24.01 17.14 -31.55
CA THR B 601 -22.98 17.25 -32.58
C THR B 601 -23.10 16.19 -33.66
N LEU B 602 -23.84 15.13 -33.41
CA LEU B 602 -24.02 14.06 -34.39
C LEU B 602 -24.84 14.58 -35.57
N PRO B 603 -24.45 14.24 -36.81
CA PRO B 603 -25.18 14.72 -37.99
C PRO B 603 -26.66 14.36 -37.96
N LYS B 604 -27.40 14.99 -38.87
CA LYS B 604 -28.87 14.93 -38.85
C LYS B 604 -29.40 13.54 -39.18
N ASN B 605 -28.67 12.75 -39.96
CA ASN B 605 -29.18 11.46 -40.40
C ASN B 605 -29.42 10.53 -39.21
N HIS B 606 -28.41 10.34 -38.37
CA HIS B 606 -28.61 9.53 -37.17
C HIS B 606 -29.43 10.28 -36.13
N LYS B 607 -29.43 11.62 -36.19
CA LYS B 607 -30.27 12.40 -35.29
C LYS B 607 -31.75 12.10 -35.51
N SER B 608 -32.14 11.86 -36.76
CA SER B 608 -33.52 11.52 -37.08
C SER B 608 -33.78 10.02 -37.10
N HIS B 609 -32.74 9.21 -37.30
CA HIS B 609 -32.89 7.76 -37.33
C HIS B 609 -32.65 7.11 -35.97
N SER B 610 -32.39 7.89 -34.92
CA SER B 610 -32.16 7.32 -33.61
C SER B 610 -33.49 6.79 -33.03
N PRO B 611 -33.44 5.68 -32.28
CA PRO B 611 -34.70 5.09 -31.79
C PRO B 611 -35.18 5.66 -30.46
N LEU B 612 -34.39 6.48 -29.77
CA LEU B 612 -34.77 7.03 -28.48
C LEU B 612 -35.25 8.47 -28.56
N ARG B 613 -35.95 8.82 -29.65
CA ARG B 613 -36.43 10.18 -29.84
C ARG B 613 -37.34 10.61 -28.69
N ASP B 614 -38.26 9.73 -28.30
CA ASP B 614 -39.18 10.02 -27.21
C ASP B 614 -38.46 10.26 -25.88
N TYR B 615 -37.20 9.83 -25.78
CA TYR B 615 -36.42 10.07 -24.57
C TYR B 615 -35.61 11.36 -24.61
N MET B 616 -35.49 12.00 -25.78
CA MET B 616 -34.67 13.19 -25.91
C MET B 616 -35.45 14.43 -26.32
N MET B 617 -36.25 14.35 -27.38
CA MET B 617 -36.98 15.51 -27.85
C MET B 617 -38.05 15.90 -26.83
N ASP B 618 -38.17 17.21 -26.60
CA ASP B 618 -39.14 17.73 -25.65
C ASP B 618 -40.35 18.32 -26.38
N ARG C 5 2.95 -18.31 14.02
CA ARG C 5 3.92 -18.59 12.97
C ARG C 5 4.17 -20.09 12.82
N PHE C 6 5.27 -20.45 12.15
CA PHE C 6 5.62 -21.85 11.95
C PHE C 6 7.07 -21.96 11.49
N GLU C 7 7.85 -22.82 12.13
CA GLU C 7 9.23 -23.04 11.72
C GLU C 7 9.26 -23.79 10.40
N THR C 8 10.03 -23.27 9.44
CA THR C 8 10.06 -23.82 8.09
C THR C 8 11.46 -23.95 7.52
N SER C 9 12.50 -23.72 8.33
CA SER C 9 13.87 -23.89 7.84
C SER C 9 14.12 -25.34 7.46
N GLU C 10 13.73 -26.28 8.32
CA GLU C 10 13.85 -27.69 7.98
C GLU C 10 12.93 -28.06 6.82
N LEU C 11 11.75 -27.45 6.76
CA LEU C 11 10.86 -27.67 5.62
C LEU C 11 11.48 -27.20 4.32
N GLN C 12 12.13 -26.02 4.35
CA GLN C 12 12.82 -25.52 3.16
C GLN C 12 13.96 -26.45 2.77
N ALA C 13 14.71 -26.94 3.75
CA ALA C 13 15.79 -27.87 3.45
C ALA C 13 15.27 -29.16 2.81
N SER C 14 14.16 -29.69 3.34
CA SER C 14 13.57 -30.89 2.77
C SER C 14 13.07 -30.64 1.36
N VAL C 15 12.47 -29.47 1.11
CA VAL C 15 12.00 -29.12 -0.22
C VAL C 15 13.18 -29.08 -1.19
N MET C 16 14.29 -28.45 -0.77
CA MET C 16 15.46 -28.38 -1.63
C MET C 16 16.04 -29.77 -1.89
N ILE C 17 16.06 -30.62 -0.87
CA ILE C 17 16.65 -31.95 -1.02
C ILE C 17 15.81 -32.82 -1.94
N SER C 18 14.48 -32.73 -1.84
CA SER C 18 13.61 -33.62 -2.59
C SER C 18 13.70 -33.41 -4.10
N THR C 19 14.19 -32.26 -4.55
CA THR C 19 14.29 -32.00 -5.96
C THR C 19 15.36 -32.88 -6.61
N PRO C 20 15.14 -33.32 -7.85
CA PRO C 20 16.20 -34.06 -8.57
C PRO C 20 17.44 -33.24 -8.85
N LEU C 21 17.35 -31.91 -8.74
CA LEU C 21 18.51 -31.05 -8.99
C LEU C 21 19.68 -31.41 -8.08
N PHE C 22 19.39 -31.82 -6.85
CA PHE C 22 20.47 -32.19 -5.92
C PHE C 22 21.29 -33.34 -6.48
N THR C 23 20.63 -34.44 -6.86
CA THR C 23 21.34 -35.60 -7.39
C THR C 23 22.00 -35.29 -8.73
N ASP C 24 21.31 -34.52 -9.58
CA ASP C 24 21.90 -34.17 -10.88
C ASP C 24 23.16 -33.34 -10.70
N SER C 25 23.13 -32.35 -9.81
CA SER C 25 24.31 -31.53 -9.57
C SER C 25 25.44 -32.35 -8.95
N TRP C 26 25.11 -33.26 -8.02
CA TRP C 26 26.16 -34.09 -7.45
C TRP C 26 26.81 -34.98 -8.50
N SER C 27 26.00 -35.58 -9.38
CA SER C 27 26.54 -36.42 -10.44
C SER C 27 27.40 -35.61 -11.39
N SER C 28 26.95 -34.41 -11.75
CA SER C 28 27.73 -33.56 -12.64
C SER C 28 29.05 -33.16 -12.01
N CYS C 29 29.03 -32.81 -10.71
CA CYS C 29 30.27 -32.46 -10.02
C CYS C 29 31.23 -33.64 -9.96
N ASN C 30 30.71 -34.84 -9.67
CA ASN C 30 31.57 -36.02 -9.63
C ASN C 30 32.17 -36.30 -11.00
N THR C 31 31.38 -36.19 -12.06
CA THR C 31 31.89 -36.43 -13.41
C THR C 31 32.95 -35.41 -13.77
N ALA C 32 32.73 -34.13 -13.44
CA ALA C 32 33.71 -33.09 -13.73
C ALA C 32 35.00 -33.33 -12.95
N ASN C 33 34.90 -33.72 -11.69
CA ASN C 33 36.09 -34.01 -10.90
C ASN C 33 36.86 -35.19 -11.47
N CYS C 34 36.14 -36.23 -11.90
CA CYS C 34 36.81 -37.39 -12.49
C CYS C 34 37.49 -37.02 -13.81
N ASN C 35 36.83 -36.22 -14.64
CA ASN C 35 37.39 -35.86 -15.93
C ASN C 35 38.34 -34.67 -15.85
N GLY C 36 38.27 -33.88 -14.78
CA GLY C 36 39.15 -32.73 -14.65
C GLY C 36 38.94 -31.66 -15.70
N SER C 37 37.69 -31.37 -16.05
CA SER C 37 37.38 -30.36 -17.04
C SER C 37 35.96 -29.85 -16.80
N ILE C 38 35.68 -28.69 -17.36
CA ILE C 38 34.34 -28.09 -17.24
C ILE C 38 33.38 -28.91 -18.10
N LYS C 39 32.43 -29.58 -17.46
CA LYS C 39 31.51 -30.46 -18.15
C LYS C 39 30.16 -29.78 -18.31
N ILE C 40 29.73 -29.60 -19.55
CA ILE C 40 28.43 -29.01 -19.87
C ILE C 40 27.59 -30.07 -20.55
N HIS C 41 26.43 -30.38 -19.97
CA HIS C 41 25.58 -31.41 -20.54
C HIS C 41 24.14 -31.18 -20.14
N ASP C 42 23.22 -31.68 -20.96
CA ASP C 42 21.79 -31.49 -20.75
C ASP C 42 21.18 -32.77 -20.17
N ILE C 43 20.55 -32.64 -19.02
CA ILE C 43 19.84 -33.74 -18.36
C ILE C 43 18.41 -33.28 -18.10
N ALA C 44 17.44 -34.03 -18.62
CA ALA C 44 16.02 -33.75 -18.40
C ALA C 44 15.66 -32.33 -18.79
N GLY C 45 16.25 -31.85 -19.89
CA GLY C 45 15.98 -30.52 -20.37
C GLY C 45 16.64 -29.40 -19.61
N ILE C 46 17.55 -29.70 -18.70
CA ILE C 46 18.24 -28.70 -17.90
C ILE C 46 19.74 -28.80 -18.21
N THR C 47 20.35 -27.65 -18.53
CA THR C 47 21.76 -27.61 -18.90
C THR C 47 22.60 -27.43 -17.63
N TYR C 48 23.31 -28.48 -17.24
CA TYR C 48 24.19 -28.45 -16.08
C TYR C 48 25.61 -28.18 -16.53
N VAL C 49 26.25 -27.20 -15.90
CA VAL C 49 27.65 -26.86 -16.14
C VAL C 49 28.39 -27.08 -14.82
N ALA C 50 29.27 -28.08 -14.80
CA ALA C 50 30.03 -28.44 -13.62
C ALA C 50 31.48 -28.03 -13.79
N ILE C 51 32.00 -27.28 -12.83
CA ILE C 51 33.37 -26.79 -12.85
C ILE C 51 34.23 -27.73 -12.03
N PRO C 52 35.34 -28.25 -12.58
CA PRO C 52 36.18 -29.18 -11.81
C PRO C 52 36.84 -28.49 -10.63
N ALA C 53 37.12 -29.28 -9.60
CA ALA C 53 37.74 -28.76 -8.39
C ALA C 53 39.26 -28.67 -8.60
N VAL C 54 39.79 -27.45 -8.45
CA VAL C 54 41.21 -27.22 -8.57
C VAL C 54 41.81 -27.10 -7.17
N SER C 55 43.11 -27.31 -7.07
CA SER C 55 43.81 -27.28 -5.79
C SER C 55 45.17 -26.62 -6.00
N MET C 56 46.05 -26.78 -5.00
CA MET C 56 47.35 -26.09 -4.95
C MET C 56 47.18 -24.60 -5.22
N ILE C 57 46.18 -24.00 -4.58
CA ILE C 57 45.89 -22.58 -4.71
C ILE C 57 45.67 -22.01 -3.32
N GLN C 58 46.28 -20.86 -3.03
CA GLN C 58 46.14 -20.19 -1.75
C GLN C 58 44.97 -19.23 -1.78
N LEU C 59 44.33 -19.08 -0.62
CA LEU C 59 43.16 -18.21 -0.48
C LEU C 59 43.36 -17.28 0.71
N GLY C 60 42.72 -16.11 0.65
CA GLY C 60 42.79 -15.15 1.74
C GLY C 60 43.00 -13.72 1.28
N ASN C 61 43.67 -13.55 0.15
CA ASN C 61 43.95 -12.21 -0.36
C ASN C 61 42.67 -11.58 -0.91
N LEU C 62 42.45 -10.31 -0.57
CA LEU C 62 41.29 -9.56 -1.03
C LEU C 62 41.78 -8.33 -1.78
N VAL C 63 41.44 -8.24 -3.07
CA VAL C 63 41.86 -7.14 -3.92
C VAL C 63 40.68 -6.26 -4.33
N GLY C 64 39.50 -6.85 -4.53
CA GLY C 64 38.32 -6.13 -4.95
C GLY C 64 37.93 -6.44 -6.38
N LEU C 65 36.71 -6.02 -6.71
CA LEU C 65 36.18 -6.26 -8.04
C LEU C 65 36.94 -5.45 -9.09
N PRO C 66 37.10 -6.00 -10.29
CA PRO C 66 37.78 -5.23 -11.36
C PRO C 66 36.99 -3.99 -11.73
N VAL C 67 37.72 -2.95 -12.11
CA VAL C 67 37.13 -1.69 -12.54
C VAL C 67 37.19 -1.51 -14.05
N THR C 68 38.31 -1.91 -14.67
CA THR C 68 38.47 -1.82 -16.11
C THR C 68 38.93 -3.18 -16.63
N GLY C 69 38.34 -3.62 -17.73
CA GLY C 69 38.70 -4.89 -18.32
C GLY C 69 37.50 -5.49 -19.04
N ASP C 70 37.72 -6.72 -19.52
CA ASP C 70 36.65 -7.42 -20.23
C ASP C 70 35.49 -7.75 -19.29
N VAL C 71 35.79 -8.17 -18.07
CA VAL C 71 34.76 -8.50 -17.08
C VAL C 71 34.38 -7.24 -16.32
N LEU C 72 33.09 -7.09 -16.04
CA LEU C 72 32.57 -5.93 -15.31
C LEU C 72 31.37 -6.37 -14.50
N PHE C 73 31.07 -5.59 -13.46
CA PHE C 73 29.93 -5.83 -12.58
C PHE C 73 29.12 -4.55 -12.45
N PRO C 74 28.37 -4.18 -13.49
CA PRO C 74 27.58 -2.93 -13.42
C PRO C 74 26.54 -2.93 -12.32
N GLY C 75 25.95 -4.09 -12.00
CA GLY C 75 24.92 -4.14 -11.00
C GLY C 75 25.42 -4.00 -9.58
N LEU C 76 26.70 -4.26 -9.35
CA LEU C 76 27.26 -4.16 -8.01
C LEU C 76 27.36 -2.70 -7.56
N SER C 77 27.17 -2.49 -6.26
CA SER C 77 27.22 -1.15 -5.70
C SER C 77 28.67 -0.63 -5.69
N SER C 78 28.79 0.69 -5.67
CA SER C 78 30.09 1.36 -5.68
C SER C 78 30.11 2.49 -4.65
N ASP C 79 29.58 2.21 -3.46
CA ASP C 79 29.55 3.19 -2.38
C ASP C 79 30.93 3.24 -1.70
N GLU C 80 30.99 3.90 -0.53
CA GLU C 80 32.26 3.98 0.20
C GLU C 80 32.83 2.62 0.56
N PRO C 81 32.05 1.65 1.10
CA PRO C 81 32.59 0.30 1.28
C PRO C 81 32.60 -0.45 -0.05
N LEU C 82 33.78 -0.60 -0.63
CA LEU C 82 33.90 -1.25 -1.93
C LEU C 82 33.75 -2.76 -1.77
N PRO C 83 32.89 -3.41 -2.54
CA PRO C 83 32.82 -4.87 -2.50
C PRO C 83 34.13 -5.50 -2.97
N MET C 84 34.50 -6.59 -2.31
CA MET C 84 35.76 -7.27 -2.59
C MET C 84 35.53 -8.76 -2.78
N VAL C 85 36.33 -9.36 -3.66
CA VAL C 85 36.29 -10.79 -3.93
C VAL C 85 37.71 -11.34 -3.83
N ASP C 86 37.80 -12.66 -3.68
CA ASP C 86 39.09 -13.31 -3.54
C ASP C 86 39.92 -13.15 -4.81
N ALA C 87 41.21 -12.82 -4.63
CA ALA C 87 42.09 -12.65 -5.76
C ALA C 87 42.31 -13.95 -6.52
N ALA C 88 42.45 -15.05 -5.79
CA ALA C 88 42.71 -16.35 -6.42
C ALA C 88 41.56 -16.77 -7.32
N ILE C 89 40.32 -16.58 -6.85
CA ILE C 89 39.14 -16.97 -7.63
C ILE C 89 39.08 -16.15 -8.91
N LEU C 90 39.30 -14.84 -8.80
CA LEU C 90 39.27 -13.98 -9.99
C LEU C 90 40.37 -14.35 -10.97
N LYS C 91 41.58 -14.64 -10.46
CA LYS C 91 42.68 -15.01 -11.33
C LYS C 91 42.38 -16.32 -12.05
N LEU C 92 41.84 -17.31 -11.33
CA LEU C 92 41.49 -18.58 -11.95
C LEU C 92 40.41 -18.41 -13.00
N PHE C 93 39.39 -17.57 -12.71
CA PHE C 93 38.33 -17.33 -13.67
C PHE C 93 38.86 -16.66 -14.92
N LEU C 94 39.78 -15.70 -14.77
CA LEU C 94 40.37 -15.03 -15.92
C LEU C 94 41.23 -15.99 -16.73
N GLN C 95 42.01 -16.84 -16.06
CA GLN C 95 42.91 -17.75 -16.77
C GLN C 95 42.14 -18.83 -17.50
N LEU C 96 41.12 -19.40 -16.88
CA LEU C 96 40.39 -20.52 -17.48
C LEU C 96 39.52 -20.10 -18.67
N LYS C 97 39.28 -18.80 -18.84
CA LYS C 97 38.44 -18.29 -19.93
C LYS C 97 37.06 -18.96 -19.92
N ILE C 98 36.48 -19.03 -18.72
CA ILE C 98 35.17 -19.66 -18.56
C ILE C 98 34.09 -18.85 -19.29
N LYS C 99 34.24 -17.53 -19.35
CA LYS C 99 33.19 -16.68 -19.92
C LYS C 99 32.92 -17.03 -21.38
N GLU C 100 33.99 -17.15 -22.18
CA GLU C 100 33.83 -17.38 -23.61
C GLU C 100 33.18 -18.73 -23.89
N GLY C 101 33.70 -19.79 -23.25
CA GLY C 101 33.12 -21.11 -23.46
C GLY C 101 31.69 -21.19 -22.96
N LEU C 102 31.40 -20.56 -21.83
CA LEU C 102 30.04 -20.57 -21.29
C LEU C 102 29.07 -19.85 -22.22
N GLU C 103 29.45 -18.68 -22.72
CA GLU C 103 28.57 -17.94 -23.61
C GLU C 103 28.43 -18.64 -24.96
N LEU C 104 29.45 -19.41 -25.37
CA LEU C 104 29.34 -20.16 -26.61
C LEU C 104 28.42 -21.37 -26.46
N GLU C 105 28.51 -22.07 -25.33
CA GLU C 105 27.74 -23.28 -25.13
C GLU C 105 26.36 -23.03 -24.54
N LEU C 106 26.04 -21.81 -24.12
CA LEU C 106 24.75 -21.49 -23.54
C LEU C 106 23.84 -20.75 -24.51
N LEU C 107 24.12 -20.82 -25.81
CA LEU C 107 23.28 -20.16 -26.81
C LEU C 107 22.01 -20.96 -27.01
N GLY C 108 20.86 -20.33 -26.80
CA GLY C 108 19.58 -20.97 -26.98
C GLY C 108 19.06 -21.73 -25.79
N LYS C 109 19.84 -21.86 -24.72
CA LYS C 109 19.40 -22.58 -23.54
C LYS C 109 18.38 -21.77 -22.75
N LYS C 110 17.52 -22.47 -22.02
CA LYS C 110 16.48 -21.86 -21.20
C LYS C 110 16.72 -22.01 -19.71
N LEU C 111 17.22 -23.16 -19.27
CA LEU C 111 17.51 -23.41 -17.86
C LEU C 111 18.97 -23.81 -17.74
N VAL C 112 19.72 -23.09 -16.90
CA VAL C 112 21.14 -23.33 -16.69
C VAL C 112 21.38 -23.47 -15.20
N VAL C 113 22.10 -24.53 -14.82
CA VAL C 113 22.48 -24.78 -13.44
C VAL C 113 23.99 -24.93 -13.38
N ILE C 114 24.64 -24.04 -12.64
CA ILE C 114 26.10 -24.05 -12.49
C ILE C 114 26.44 -24.67 -11.14
N THR C 115 27.39 -25.60 -11.14
CA THR C 115 27.74 -26.34 -9.94
C THR C 115 29.24 -26.59 -9.90
N GLY C 116 29.73 -26.92 -8.71
CA GLY C 116 31.13 -27.22 -8.51
C GLY C 116 31.35 -27.73 -7.09
N HIS C 117 32.60 -28.13 -6.84
CA HIS C 117 32.99 -28.67 -5.54
C HIS C 117 34.20 -27.91 -5.02
N SER C 118 34.09 -27.39 -3.79
CA SER C 118 35.18 -26.69 -3.11
C SER C 118 35.61 -25.51 -3.97
N THR C 119 36.84 -25.49 -4.50
CA THR C 119 37.25 -24.41 -5.38
C THR C 119 36.42 -24.39 -6.66
N GLY C 120 35.99 -25.56 -7.13
CA GLY C 120 35.04 -25.59 -8.23
C GLY C 120 33.73 -24.91 -7.88
N GLY C 121 33.25 -25.13 -6.66
CA GLY C 121 32.04 -24.45 -6.22
C GLY C 121 32.23 -22.94 -6.13
N ALA C 122 33.40 -22.50 -5.65
CA ALA C 122 33.68 -21.07 -5.60
C ALA C 122 33.72 -20.47 -7.00
N LEU C 123 34.34 -21.18 -7.94
CA LEU C 123 34.37 -20.69 -9.33
C LEU C 123 32.97 -20.65 -9.93
N ALA C 124 32.14 -21.65 -9.63
CA ALA C 124 30.77 -21.64 -10.11
C ALA C 124 29.99 -20.47 -9.53
N ALA C 125 30.18 -20.19 -8.25
CA ALA C 125 29.52 -19.05 -7.63
C ALA C 125 29.97 -17.74 -8.27
N PHE C 126 31.27 -17.60 -8.53
CA PHE C 126 31.78 -16.41 -9.20
C PHE C 126 31.20 -16.26 -10.59
N THR C 127 31.11 -17.36 -11.34
CA THR C 127 30.54 -17.32 -12.68
C THR C 127 29.07 -16.93 -12.64
N ALA C 128 28.32 -17.47 -11.68
CA ALA C 128 26.91 -17.11 -11.55
C ALA C 128 26.75 -15.64 -11.18
N LEU C 129 27.62 -15.14 -10.30
CA LEU C 129 27.59 -13.72 -9.94
C LEU C 129 27.88 -12.84 -11.14
N TRP C 130 28.87 -13.23 -11.96
CA TRP C 130 29.17 -12.48 -13.17
C TRP C 130 28.00 -12.50 -14.14
N LEU C 131 27.36 -13.66 -14.30
CA LEU C 131 26.22 -13.75 -15.21
C LEU C 131 25.06 -12.89 -14.73
N LEU C 132 24.77 -12.91 -13.43
CA LEU C 132 23.62 -12.16 -12.93
C LEU C 132 23.91 -10.66 -12.90
N SER C 133 25.11 -10.27 -12.50
CA SER C 133 25.47 -8.85 -12.39
C SER C 133 25.98 -8.36 -13.73
N GLN C 134 25.04 -7.98 -14.60
CA GLN C 134 25.35 -7.46 -15.92
C GLN C 134 24.44 -6.27 -16.19
N SER C 135 24.57 -5.71 -17.39
CA SER C 135 23.72 -4.58 -17.78
C SER C 135 22.26 -5.01 -17.85
N SER C 136 21.99 -6.19 -18.39
CA SER C 136 20.65 -6.73 -18.49
C SER C 136 20.62 -8.14 -17.92
N PRO C 137 19.47 -8.58 -17.39
CA PRO C 137 19.39 -9.94 -16.87
C PRO C 137 19.58 -10.94 -17.99
N PRO C 138 20.22 -12.08 -17.70
CA PRO C 138 20.44 -13.09 -18.73
C PRO C 138 19.13 -13.69 -19.22
N SER C 139 19.13 -14.12 -20.48
CA SER C 139 17.95 -14.73 -21.07
C SER C 139 17.58 -16.05 -20.40
N PHE C 140 18.54 -16.71 -19.75
CA PHE C 140 18.30 -17.97 -19.06
C PHE C 140 18.45 -17.78 -17.56
N ARG C 141 17.69 -18.57 -16.80
CA ARG C 141 17.78 -18.54 -15.35
C ARG C 141 18.96 -19.38 -14.89
N VAL C 142 19.56 -18.97 -13.76
CA VAL C 142 20.74 -19.62 -13.23
C VAL C 142 20.49 -19.98 -11.77
N PHE C 143 21.22 -21.01 -11.30
CA PHE C 143 21.10 -21.47 -9.92
C PHE C 143 22.45 -22.07 -9.54
N CYS C 144 23.22 -21.33 -8.74
CA CYS C 144 24.55 -21.77 -8.33
C CYS C 144 24.43 -22.62 -7.07
N ILE C 145 24.58 -23.92 -7.22
CA ILE C 145 24.54 -24.86 -6.11
C ILE C 145 25.98 -25.31 -5.85
N THR C 146 26.50 -24.94 -4.68
CA THR C 146 27.87 -25.26 -4.30
C THR C 146 27.90 -26.33 -3.22
N PHE C 147 28.93 -27.17 -3.27
CA PHE C 147 29.09 -28.28 -2.33
C PHE C 147 30.36 -28.04 -1.53
N GLY C 148 30.21 -27.41 -0.36
CA GLY C 148 31.34 -27.17 0.52
C GLY C 148 32.38 -26.23 -0.05
N SER C 149 31.96 -25.18 -0.74
CA SER C 149 32.91 -24.23 -1.28
C SER C 149 33.46 -23.34 -0.17
N PRO C 150 34.73 -22.94 -0.28
CA PRO C 150 35.30 -22.03 0.72
C PRO C 150 34.63 -20.67 0.68
N LEU C 151 34.61 -20.02 1.85
CA LEU C 151 33.97 -18.71 1.97
C LEU C 151 34.71 -17.67 1.14
N LEU C 152 33.96 -16.88 0.38
CA LEU C 152 34.53 -15.81 -0.43
C LEU C 152 33.60 -14.61 -0.38
N GLY C 153 34.18 -13.42 -0.53
CA GLY C 153 33.40 -12.20 -0.54
C GLY C 153 33.73 -11.25 0.58
N ASN C 154 32.81 -10.34 0.89
CA ASN C 154 33.02 -9.35 1.93
C ASN C 154 31.66 -8.87 2.41
N GLN C 155 31.68 -8.10 3.50
CA GLN C 155 30.43 -7.56 4.04
C GLN C 155 29.75 -6.64 3.03
N SER C 156 30.52 -5.78 2.37
CA SER C 156 29.96 -4.90 1.35
C SER C 156 29.36 -5.69 0.20
N LEU C 157 30.06 -6.73 -0.26
CA LEU C 157 29.55 -7.56 -1.35
C LEU C 157 28.25 -8.25 -0.94
N SER C 158 28.19 -8.80 0.27
CA SER C 158 26.98 -9.47 0.73
C SER C 158 25.82 -8.48 0.86
N THR C 159 26.10 -7.28 1.38
CA THR C 159 25.05 -6.27 1.49
C THR C 159 24.54 -5.85 0.11
N SER C 160 25.45 -5.69 -0.85
CA SER C 160 25.03 -5.33 -2.21
C SER C 160 24.21 -6.44 -2.85
N ILE C 161 24.60 -7.70 -2.63
CA ILE C 161 23.84 -8.82 -3.18
C ILE C 161 22.45 -8.87 -2.56
N SER C 162 22.35 -8.67 -1.24
CA SER C 162 21.04 -8.65 -0.59
C SER C 162 20.18 -7.51 -1.11
N ARG C 163 20.79 -6.32 -1.30
CA ARG C 163 20.05 -5.20 -1.84
C ARG C 163 19.60 -5.45 -3.27
N SER C 164 20.46 -6.11 -4.07
CA SER C 164 20.13 -6.40 -5.46
C SER C 164 19.11 -7.53 -5.60
N ARG C 165 18.76 -8.19 -4.50
CA ARG C 165 17.81 -9.32 -4.53
C ARG C 165 18.29 -10.42 -5.46
N LEU C 166 19.54 -10.86 -5.24
CA LEU C 166 20.14 -11.91 -6.04
C LEU C 166 20.60 -13.10 -5.21
N ALA C 167 20.37 -13.09 -3.89
CA ALA C 167 20.83 -14.17 -3.05
C ALA C 167 19.95 -15.42 -3.16
N HIS C 168 18.75 -15.29 -3.75
CA HIS C 168 17.87 -16.44 -3.88
C HIS C 168 18.37 -17.45 -4.92
N ASN C 169 19.28 -17.03 -5.80
CA ASN C 169 19.80 -17.90 -6.85
C ASN C 169 21.03 -18.68 -6.41
N PHE C 170 21.49 -18.50 -5.18
CA PHE C 170 22.69 -19.16 -4.67
C PHE C 170 22.32 -20.07 -3.51
N CYS C 171 22.78 -21.31 -3.57
CA CYS C 171 22.60 -22.26 -2.47
C CYS C 171 23.92 -22.97 -2.22
N HIS C 172 24.27 -23.13 -0.95
CA HIS C 172 25.50 -23.79 -0.55
C HIS C 172 25.17 -24.89 0.44
N VAL C 173 25.76 -26.07 0.22
CA VAL C 173 25.56 -27.22 1.10
C VAL C 173 26.84 -27.40 1.90
N VAL C 174 26.75 -27.20 3.21
CA VAL C 174 27.90 -27.30 4.10
C VAL C 174 27.58 -28.38 5.14
N SER C 175 28.47 -29.37 5.25
CA SER C 175 28.29 -30.42 6.23
C SER C 175 28.60 -29.90 7.63
N ILE C 176 28.12 -30.63 8.64
CA ILE C 176 28.35 -30.24 10.02
C ILE C 176 29.68 -30.75 10.55
N HIS C 177 30.51 -31.38 9.72
CA HIS C 177 31.79 -31.91 10.15
C HIS C 177 32.97 -31.40 9.35
N ASP C 178 32.76 -30.79 8.18
CA ASP C 178 33.87 -30.29 7.40
C ASP C 178 34.45 -29.02 8.03
N LEU C 179 35.71 -28.75 7.71
CA LEU C 179 36.41 -27.57 8.22
C LEU C 179 36.84 -26.60 7.14
N VAL C 180 36.79 -26.99 5.86
CA VAL C 180 37.20 -26.08 4.79
C VAL C 180 36.32 -24.84 4.72
N PRO C 181 34.99 -24.93 4.70
CA PRO C 181 34.19 -23.70 4.67
C PRO C 181 34.17 -22.95 6.00
N ARG C 182 34.59 -23.59 7.09
CA ARG C 182 34.56 -22.97 8.41
C ARG C 182 35.91 -22.41 8.85
N SER C 183 36.92 -22.45 7.98
CA SER C 183 38.25 -21.94 8.28
C SER C 183 38.54 -20.79 7.31
N SER C 184 38.26 -19.57 7.76
CA SER C 184 38.45 -18.39 6.92
C SER C 184 38.66 -17.17 7.80
N ASN C 185 39.17 -16.11 7.19
CA ASN C 185 39.36 -14.83 7.86
C ASN C 185 38.01 -14.24 8.23
N GLU C 186 37.99 -13.47 9.33
CA GLU C 186 36.75 -12.82 9.75
C GLU C 186 36.27 -11.78 8.74
N GLN C 187 37.14 -11.32 7.85
CA GLN C 187 36.71 -10.36 6.83
C GLN C 187 35.72 -10.99 5.85
N PHE C 188 35.81 -12.30 5.64
CA PHE C 188 34.90 -12.97 4.72
C PHE C 188 33.49 -12.99 5.29
N TRP C 189 32.50 -12.83 4.41
CA TRP C 189 31.09 -12.80 4.80
C TRP C 189 30.31 -13.78 3.93
N PRO C 190 29.59 -14.73 4.52
CA PRO C 190 28.77 -15.64 3.71
C PRO C 190 27.61 -14.92 3.06
N PHE C 191 27.17 -15.46 1.93
CA PHE C 191 26.04 -14.90 1.19
C PHE C 191 25.23 -16.03 0.57
N GLY C 192 23.92 -15.83 0.50
CA GLY C 192 23.02 -16.82 -0.05
C GLY C 192 22.57 -17.84 0.98
N THR C 193 21.61 -18.66 0.57
CA THR C 193 21.07 -19.70 1.44
C THR C 193 22.13 -20.77 1.69
N TYR C 194 22.23 -21.20 2.94
CA TYR C 194 23.18 -22.22 3.35
C TYR C 194 22.43 -23.42 3.92
N LEU C 195 22.79 -24.61 3.44
CA LEU C 195 22.16 -25.86 3.86
C LEU C 195 23.15 -26.62 4.72
N PHE C 196 22.81 -26.82 6.00
CA PHE C 196 23.60 -27.62 6.92
C PHE C 196 22.98 -28.99 7.03
N CYS C 197 23.71 -30.02 6.60
CA CYS C 197 23.18 -31.36 6.48
C CYS C 197 23.96 -32.33 7.36
N SER C 198 23.29 -33.43 7.71
CA SER C 198 23.88 -34.50 8.50
C SER C 198 23.11 -35.78 8.22
N ASP C 199 23.61 -36.89 8.78
CA ASP C 199 23.07 -38.21 8.49
C ASP C 199 21.59 -38.35 8.84
N LYS C 200 21.01 -37.39 9.57
CA LYS C 200 19.61 -37.46 9.96
C LYS C 200 18.78 -36.31 9.41
N GLY C 201 19.31 -35.54 8.47
CA GLY C 201 18.51 -34.47 7.88
C GLY C 201 19.27 -33.17 7.71
N GLY C 202 18.58 -32.12 7.23
CA GLY C 202 19.23 -30.86 6.96
C GLY C 202 18.36 -29.68 7.36
N VAL C 203 19.01 -28.53 7.47
CA VAL C 203 18.36 -27.28 7.79
C VAL C 203 18.86 -26.22 6.82
N CYS C 204 18.04 -25.20 6.58
CA CYS C 204 18.35 -24.13 5.64
C CYS C 204 18.30 -22.79 6.36
N LEU C 205 19.34 -21.98 6.17
CA LEU C 205 19.42 -20.65 6.75
C LEU C 205 19.66 -19.63 5.65
N ASP C 206 18.82 -18.59 5.60
CA ASP C 206 18.91 -17.55 4.58
C ASP C 206 19.26 -16.20 5.18
N ASN C 207 19.98 -16.19 6.31
CA ASN C 207 20.40 -14.97 6.98
C ASN C 207 21.90 -15.01 7.17
N ALA C 208 22.57 -13.92 6.79
CA ALA C 208 24.03 -13.87 6.92
C ALA C 208 24.47 -13.96 8.37
N GLY C 209 23.78 -13.25 9.25
CA GLY C 209 24.13 -13.30 10.67
C GLY C 209 23.92 -14.67 11.27
N SER C 210 22.80 -15.31 10.93
CA SER C 210 22.53 -16.66 11.43
C SER C 210 23.57 -17.66 10.92
N VAL C 211 23.95 -17.54 9.64
CA VAL C 211 24.96 -18.43 9.09
C VAL C 211 26.30 -18.22 9.77
N ARG C 212 26.66 -16.96 10.01
CA ARG C 212 27.91 -16.66 10.70
C ARG C 212 27.90 -17.22 12.12
N LEU C 213 26.78 -17.08 12.82
CA LEU C 213 26.68 -17.61 14.18
C LEU C 213 26.77 -19.14 14.17
N MET C 214 26.14 -19.78 13.20
CA MET C 214 26.24 -21.23 13.09
C MET C 214 27.67 -21.67 12.81
N PHE C 215 28.37 -20.93 11.94
CA PHE C 215 29.78 -21.23 11.69
C PHE C 215 30.60 -21.08 12.95
N ASN C 216 30.34 -20.02 13.73
CA ASN C 216 31.09 -19.80 14.96
C ASN C 216 30.86 -20.92 15.97
N ILE C 217 29.60 -21.33 16.15
CA ILE C 217 29.31 -22.37 17.14
C ILE C 217 29.88 -23.71 16.67
N LEU C 218 29.83 -23.98 15.36
CA LEU C 218 30.45 -25.20 14.85
C LEU C 218 31.95 -25.18 15.05
N ASN C 219 32.58 -24.01 14.90
CA ASN C 219 34.00 -23.89 15.19
C ASN C 219 34.29 -24.16 16.66
N THR C 220 33.45 -23.65 17.55
CA THR C 220 33.62 -23.92 18.97
C THR C 220 33.33 -25.37 19.33
N THR C 221 32.60 -26.09 18.48
CA THR C 221 32.30 -27.49 18.73
C THR C 221 33.57 -28.34 18.63
N ALA C 222 33.72 -29.27 19.56
CA ALA C 222 34.91 -30.12 19.57
C ALA C 222 34.91 -31.14 18.44
N THR C 223 33.73 -31.61 18.04
CA THR C 223 33.64 -32.63 17.01
C THR C 223 34.00 -32.05 15.65
N GLN C 224 35.05 -32.60 15.03
CA GLN C 224 35.49 -32.14 13.72
C GLN C 224 36.05 -33.32 12.94
N ASN C 225 36.08 -33.19 11.62
CA ASN C 225 36.59 -34.23 10.74
C ASN C 225 37.45 -33.60 9.66
N THR C 226 38.40 -34.39 9.15
CA THR C 226 39.33 -33.93 8.12
C THR C 226 38.94 -34.40 6.72
N GLU C 227 38.47 -35.64 6.58
CA GLU C 227 38.05 -36.17 5.30
C GLU C 227 36.59 -35.80 5.08
N GLU C 228 36.33 -34.93 4.09
CA GLU C 228 34.98 -34.42 3.87
C GLU C 228 34.38 -34.82 2.53
N HIS C 229 35.18 -35.30 1.57
CA HIS C 229 34.62 -35.70 0.28
C HIS C 229 33.76 -36.95 0.42
N GLN C 230 34.28 -37.98 1.10
CA GLN C 230 33.49 -39.18 1.35
C GLN C 230 32.29 -38.88 2.22
N ARG C 231 32.45 -37.97 3.18
CA ARG C 231 31.33 -37.56 4.01
C ARG C 231 30.24 -36.90 3.18
N TYR C 232 30.62 -36.03 2.25
CA TYR C 232 29.64 -35.39 1.38
C TYR C 232 28.94 -36.41 0.49
N GLY C 233 29.70 -37.36 -0.06
CA GLY C 233 29.09 -38.40 -0.87
C GLY C 233 28.08 -39.23 -0.09
N HIS C 234 28.46 -39.64 1.12
CA HIS C 234 27.55 -40.42 1.96
C HIS C 234 26.32 -39.59 2.33
N TYR C 235 26.51 -38.30 2.64
CA TYR C 235 25.39 -37.45 3.01
C TYR C 235 24.41 -37.29 1.87
N VAL C 236 24.90 -37.03 0.66
CA VAL C 236 24.00 -36.87 -0.47
C VAL C 236 23.32 -38.19 -0.81
N PHE C 237 24.03 -39.30 -0.71
CA PHE C 237 23.43 -40.60 -0.99
C PHE C 237 22.31 -40.92 0.00
N THR C 238 22.54 -40.65 1.29
CA THR C 238 21.54 -40.95 2.30
C THR C 238 20.42 -39.91 2.35
N LEU C 239 20.63 -38.72 1.80
CA LEU C 239 19.58 -37.72 1.73
C LEU C 239 18.71 -37.85 0.48
N SER C 240 19.25 -38.42 -0.60
CA SER C 240 18.44 -38.64 -1.80
C SER C 240 17.35 -39.69 -1.57
N HIS C 241 17.47 -40.50 -0.51
CA HIS C 241 16.50 -41.54 -0.20
C HIS C 241 15.69 -41.23 1.05
N MET C 242 15.71 -39.98 1.51
CA MET C 242 14.95 -39.60 2.69
C MET C 242 13.44 -39.65 2.45
N PHE C 243 13.00 -39.57 1.19
CA PHE C 243 11.58 -39.63 0.90
C PHE C 243 10.98 -40.97 1.30
N LEU C 244 11.68 -42.06 0.99
CA LEU C 244 11.21 -43.40 1.34
C LEU C 244 11.75 -43.84 2.70
N LYS C 245 11.54 -43.01 3.72
CA LYS C 245 12.03 -43.30 5.06
C LYS C 245 11.30 -42.42 6.05
N SER C 246 10.56 -43.03 6.97
CA SER C 246 9.85 -42.32 8.02
C SER C 246 10.46 -42.72 9.37
N ARG C 247 10.89 -41.73 10.14
CA ARG C 247 11.50 -41.95 11.44
C ARG C 247 10.52 -41.61 12.56
N SER C 248 10.87 -42.03 13.77
CA SER C 248 9.99 -41.80 14.92
C SER C 248 9.90 -40.32 15.28
N PHE C 249 11.02 -39.60 15.18
CA PHE C 249 11.11 -38.20 15.59
C PHE C 249 10.65 -38.03 17.04
N LEU C 250 11.21 -38.86 17.93
CA LEU C 250 10.81 -38.82 19.33
C LEU C 250 11.15 -37.49 19.96
N GLY C 251 12.36 -36.97 19.71
CA GLY C 251 12.76 -35.69 20.26
C GLY C 251 12.70 -35.61 21.77
N GLY C 252 12.93 -36.72 22.46
CA GLY C 252 12.77 -36.73 23.90
C GLY C 252 11.33 -36.48 24.27
N SER C 253 11.10 -35.49 25.12
CA SER C 253 9.77 -35.06 25.50
C SER C 253 9.29 -34.00 24.51
N ILE C 254 8.24 -34.31 23.76
CA ILE C 254 7.74 -33.42 22.72
C ILE C 254 7.02 -32.24 23.37
N PRO C 255 7.46 -31.00 23.10
CA PRO C 255 6.76 -29.84 23.66
C PRO C 255 5.37 -29.68 23.06
N ASP C 256 4.47 -29.10 23.85
CA ASP C 256 3.09 -28.87 23.42
C ASP C 256 2.95 -27.47 22.83
N ASN C 257 3.75 -27.21 21.80
CA ASN C 257 3.72 -25.93 21.09
C ASN C 257 4.27 -26.14 19.70
N SER C 258 3.64 -25.52 18.71
CA SER C 258 4.03 -25.71 17.32
C SER C 258 5.45 -25.21 17.07
N TYR C 259 5.75 -23.99 17.51
CA TYR C 259 7.08 -23.42 17.29
C TYR C 259 8.14 -24.22 18.06
N GLN C 260 7.86 -24.56 19.32
CA GLN C 260 8.82 -25.32 20.10
C GLN C 260 9.05 -26.70 19.50
N ALA C 261 7.99 -27.37 19.06
CA ALA C 261 8.13 -28.68 18.44
C ALA C 261 8.95 -28.59 17.14
N GLY C 262 8.68 -27.57 16.33
CA GLY C 262 9.44 -27.41 15.10
C GLY C 262 10.91 -27.15 15.35
N VAL C 263 11.21 -26.29 16.34
CA VAL C 263 12.60 -26.01 16.67
C VAL C 263 13.29 -27.26 17.21
N ALA C 264 12.60 -28.02 18.06
CA ALA C 264 13.18 -29.25 18.58
C ALA C 264 13.46 -30.26 17.47
N LEU C 265 12.52 -30.39 16.52
CA LEU C 265 12.74 -31.30 15.40
C LEU C 265 13.91 -30.84 14.54
N ALA C 266 14.02 -29.53 14.30
CA ALA C 266 15.14 -29.02 13.52
C ALA C 266 16.47 -29.29 14.22
N VAL C 267 16.50 -29.10 15.54
CA VAL C 267 17.73 -29.38 16.30
C VAL C 267 18.07 -30.87 16.23
N GLU C 268 17.07 -31.73 16.40
CA GLU C 268 17.31 -33.17 16.36
C GLU C 268 17.78 -33.63 14.98
N ALA C 269 17.29 -33.00 13.91
CA ALA C 269 17.69 -33.39 12.57
C ALA C 269 19.17 -33.16 12.30
N LEU C 270 19.82 -32.29 13.08
CA LEU C 270 21.25 -32.02 12.92
C LEU C 270 22.13 -32.95 13.73
N GLY C 271 21.55 -33.91 14.43
CA GLY C 271 22.32 -34.83 15.25
C GLY C 271 22.76 -34.28 16.59
N PHE C 272 22.17 -33.18 17.04
CA PHE C 272 22.51 -32.58 18.32
C PHE C 272 21.42 -32.88 19.34
N SER C 273 21.80 -33.45 20.47
CA SER C 273 20.86 -33.78 21.52
C SER C 273 20.45 -32.52 22.28
N ASN C 274 19.36 -32.64 23.04
CA ASN C 274 18.83 -31.54 23.85
C ASN C 274 19.41 -31.51 25.26
N ASP C 275 20.54 -32.16 25.48
CA ASP C 275 21.19 -32.20 26.79
C ASP C 275 22.47 -31.37 26.85
N ASP C 276 23.31 -31.44 25.83
CA ASP C 276 24.54 -30.68 25.81
C ASP C 276 24.24 -29.19 25.58
N THR C 277 25.16 -28.35 26.04
CA THR C 277 25.02 -26.90 25.85
C THR C 277 25.05 -26.54 24.37
N SER C 278 25.71 -27.35 23.54
CA SER C 278 25.73 -27.09 22.10
C SER C 278 24.33 -27.17 21.51
N GLY C 279 23.54 -28.16 21.94
CA GLY C 279 22.16 -28.25 21.47
C GLY C 279 21.33 -27.06 21.88
N VAL C 280 21.50 -26.59 23.12
CA VAL C 280 20.75 -25.43 23.60
C VAL C 280 21.13 -24.19 22.79
N LEU C 281 22.43 -24.00 22.54
CA LEU C 281 22.86 -22.86 21.75
C LEU C 281 22.35 -22.94 20.32
N VAL C 282 22.33 -24.15 19.73
CA VAL C 282 21.78 -24.32 18.40
C VAL C 282 20.29 -23.97 18.38
N LYS C 283 19.56 -24.41 19.41
CA LYS C 283 18.15 -24.08 19.52
C LYS C 283 17.94 -22.57 19.62
N GLU C 284 18.78 -21.90 20.42
CA GLU C 284 18.68 -20.44 20.54
C GLU C 284 18.96 -19.76 19.21
N CYS C 285 19.99 -20.23 18.48
CA CYS C 285 20.30 -19.65 17.18
C CYS C 285 19.15 -19.85 16.20
N ILE C 286 18.55 -21.03 16.20
CA ILE C 286 17.42 -21.29 15.30
C ILE C 286 16.24 -20.39 15.66
N GLU C 287 15.98 -20.23 16.96
CA GLU C 287 14.89 -19.35 17.38
C GLU C 287 15.13 -17.91 16.97
N THR C 288 16.36 -17.43 17.13
CA THR C 288 16.69 -16.06 16.73
C THR C 288 16.81 -15.88 15.22
N ALA C 289 16.92 -16.96 14.47
CA ALA C 289 17.01 -16.85 13.01
C ALA C 289 15.73 -16.26 12.44
N THR C 290 14.57 -16.68 12.94
CA THR C 290 13.28 -16.20 12.46
C THR C 290 12.73 -15.17 13.45
N ARG C 291 12.40 -13.99 12.95
CA ARG C 291 11.85 -12.93 13.77
C ARG C 291 10.33 -12.92 13.72
N ILE C 292 9.72 -12.35 14.76
CA ILE C 292 8.27 -12.26 14.86
C ILE C 292 7.84 -10.93 14.26
N VAL C 293 6.86 -10.99 13.34
CA VAL C 293 6.37 -9.79 12.66
C VAL C 293 5.00 -10.12 12.10
N ARG C 294 4.19 -9.08 11.89
CA ARG C 294 2.89 -9.26 11.27
C ARG C 294 3.06 -9.80 9.85
N ALA C 295 2.15 -10.68 9.44
CA ALA C 295 2.27 -11.34 8.15
C ALA C 295 2.28 -10.30 7.02
N PRO C 296 3.28 -10.34 6.15
CA PRO C 296 3.32 -9.35 5.04
C PRO C 296 2.12 -9.44 4.12
N ILE C 297 1.55 -10.64 3.96
CA ILE C 297 0.42 -10.81 3.04
C ILE C 297 -0.79 -10.03 3.53
N LEU C 298 -0.98 -9.97 4.85
CA LEU C 298 -2.07 -9.17 5.41
C LEU C 298 -1.72 -7.68 5.42
N ARG C 299 -0.46 -7.35 5.65
CA ARG C 299 -0.05 -5.95 5.70
C ARG C 299 -0.21 -5.28 4.34
N SER C 300 0.10 -6.00 3.25
CA SER C 300 -0.05 -5.45 1.92
C SER C 300 -1.51 -5.10 1.64
N ALA C 301 -2.44 -5.98 2.04
CA ALA C 301 -3.85 -5.68 1.88
C ALA C 301 -4.28 -4.52 2.77
N GLU C 302 -3.78 -4.47 4.00
CA GLU C 302 -4.16 -3.42 4.93
C GLU C 302 -3.64 -2.05 4.52
N LEU C 303 -2.56 -2.00 3.72
CA LEU C 303 -1.97 -0.71 3.36
C LEU C 303 -2.93 0.18 2.58
N ALA C 304 -3.95 -0.40 1.95
CA ALA C 304 -4.89 0.39 1.15
C ALA C 304 -5.67 1.37 2.01
N ASN C 305 -5.98 0.99 3.25
CA ASN C 305 -6.77 1.86 4.11
C ASN C 305 -6.01 3.15 4.44
N GLU C 306 -4.75 3.04 4.86
CA GLU C 306 -3.99 4.24 5.14
C GLU C 306 -3.64 5.00 3.85
N LEU C 307 -3.51 4.28 2.73
CA LEU C 307 -3.35 5.00 1.46
C LEU C 307 -4.55 5.88 1.16
N ALA C 308 -5.76 5.34 1.36
CA ALA C 308 -6.96 6.13 1.16
C ALA C 308 -7.05 7.27 2.17
N SER C 309 -6.61 7.03 3.41
CA SER C 309 -6.65 8.08 4.42
C SER C 309 -5.69 9.23 4.10
N VAL C 310 -4.55 8.92 3.47
CA VAL C 310 -3.60 9.97 3.09
C VAL C 310 -3.98 10.62 1.77
N LEU C 311 -4.81 9.98 0.96
CA LEU C 311 -5.25 10.56 -0.31
C LEU C 311 -5.83 11.97 -0.21
N PRO C 312 -6.60 12.35 0.82
CA PRO C 312 -7.10 13.74 0.88
C PRO C 312 -6.01 14.80 0.82
N ALA C 313 -4.80 14.52 1.29
CA ALA C 313 -3.71 15.48 1.11
C ALA C 313 -3.41 15.69 -0.36
N ARG C 314 -3.38 14.61 -1.15
CA ARG C 314 -3.18 14.74 -2.59
C ARG C 314 -4.34 15.48 -3.23
N LEU C 315 -5.56 15.24 -2.76
CA LEU C 315 -6.71 15.97 -3.28
C LEU C 315 -6.59 17.46 -3.01
N GLU C 316 -6.15 17.83 -1.80
CA GLU C 316 -5.95 19.24 -1.47
C GLU C 316 -4.87 19.85 -2.34
N ILE C 317 -3.79 19.11 -2.60
CA ILE C 317 -2.73 19.62 -3.47
C ILE C 317 -3.26 19.85 -4.87
N GLN C 318 -4.08 18.93 -5.38
CA GLN C 318 -4.67 19.09 -6.69
C GLN C 318 -5.56 20.34 -6.76
N TRP C 319 -6.39 20.53 -5.73
CA TRP C 319 -7.26 21.70 -5.71
C TRP C 319 -6.45 22.99 -5.63
N TYR C 320 -5.38 22.99 -4.83
CA TYR C 320 -4.51 24.16 -4.75
C TYR C 320 -3.86 24.46 -6.09
N LYS C 321 -3.40 23.42 -6.80
CA LYS C 321 -2.81 23.63 -8.12
C LYS C 321 -3.83 24.20 -9.09
N ASP C 322 -5.07 23.69 -9.05
CA ASP C 322 -6.12 24.22 -9.91
C ASP C 322 -6.40 25.69 -9.60
N ARG C 323 -6.49 26.03 -8.31
CA ARG C 323 -6.73 27.42 -7.93
C ARG C 323 -5.58 28.33 -8.38
N CYS C 324 -4.33 27.86 -8.22
CA CYS C 324 -3.18 28.67 -8.58
C CYS C 324 -3.11 28.90 -10.08
N ASP C 325 -3.30 27.84 -10.87
CA ASP C 325 -3.25 27.99 -12.32
C ASP C 325 -4.49 28.64 -12.91
N ALA C 326 -5.57 28.76 -12.13
CA ALA C 326 -6.76 29.49 -12.54
C ALA C 326 -6.76 30.93 -12.04
N SER C 327 -5.70 31.37 -11.37
CA SER C 327 -5.64 32.71 -10.80
C SER C 327 -5.34 33.75 -11.88
N GLU C 328 -5.56 35.01 -11.52
CA GLU C 328 -5.35 36.10 -12.46
C GLU C 328 -3.86 36.40 -12.66
N GLU C 329 -3.06 36.25 -11.61
CA GLU C 329 -1.64 36.59 -11.69
C GLU C 329 -0.91 35.68 -12.68
N GLN C 330 -1.36 34.42 -12.81
CA GLN C 330 -0.77 33.46 -13.73
C GLN C 330 0.73 33.28 -13.48
N LEU C 331 1.10 33.18 -12.20
CA LEU C 331 2.48 32.96 -11.81
C LEU C 331 2.87 31.49 -11.77
N GLY C 332 1.91 30.58 -11.91
CA GLY C 332 2.19 29.16 -11.80
C GLY C 332 2.22 28.70 -10.36
N TYR C 333 1.76 27.47 -10.11
CA TYR C 333 1.70 26.98 -8.74
C TYR C 333 3.08 26.76 -8.15
N TYR C 334 4.07 26.42 -8.98
CA TYR C 334 5.43 26.27 -8.49
C TYR C 334 5.96 27.58 -7.92
N ASP C 335 5.79 28.67 -8.66
CA ASP C 335 6.25 29.97 -8.18
C ASP C 335 5.38 30.48 -7.03
N PHE C 336 4.08 30.14 -7.04
CA PHE C 336 3.21 30.54 -5.94
C PHE C 336 3.65 29.88 -4.64
N PHE C 337 4.01 28.60 -4.69
CA PHE C 337 4.53 27.93 -3.50
C PHE C 337 5.92 28.43 -3.14
N LYS C 338 6.72 28.81 -4.14
CA LYS C 338 8.06 29.33 -3.87
C LYS C 338 8.01 30.64 -3.10
N ARG C 339 6.95 31.42 -3.27
CA ARG C 339 6.79 32.70 -2.60
C ARG C 339 5.73 32.55 -1.51
N TYR C 340 6.17 32.43 -0.27
CA TYR C 340 5.27 32.24 0.86
C TYR C 340 4.54 33.54 1.14
N SER C 341 3.27 33.61 0.75
CA SER C 341 2.45 34.80 0.97
C SER C 341 1.07 34.53 1.53
N LEU C 342 0.54 33.31 1.41
CA LEU C 342 -0.83 33.01 1.83
C LEU C 342 -0.84 31.75 2.69
N LYS C 343 -1.90 31.62 3.49
CA LYS C 343 -2.04 30.48 4.39
C LYS C 343 -2.24 29.18 3.62
N ARG C 344 -2.78 29.26 2.40
CA ARG C 344 -2.93 28.06 1.59
C ARG C 344 -1.58 27.41 1.30
N ASP C 345 -0.53 28.23 1.17
CA ASP C 345 0.81 27.67 1.02
C ASP C 345 1.21 26.85 2.23
N PHE C 346 0.89 27.35 3.44
CA PHE C 346 1.20 26.60 4.65
C PHE C 346 0.40 25.30 4.71
N LYS C 347 -0.87 25.34 4.32
CA LYS C 347 -1.68 24.12 4.33
C LYS C 347 -1.14 23.10 3.33
N VAL C 348 -0.73 23.56 2.15
CA VAL C 348 -0.16 22.67 1.15
C VAL C 348 1.17 22.10 1.63
N ASN C 349 1.96 22.91 2.35
CA ASN C 349 3.20 22.40 2.92
C ASN C 349 2.93 21.31 3.94
N MET C 350 1.90 21.50 4.77
CA MET C 350 1.52 20.46 5.74
C MET C 350 1.10 19.18 5.03
N SER C 351 0.28 19.31 3.99
CA SER C 351 -0.15 18.12 3.24
C SER C 351 1.02 17.41 2.59
N ARG C 352 1.96 18.19 2.02
CA ARG C 352 3.14 17.59 1.41
C ARG C 352 4.00 16.87 2.45
N ILE C 353 4.14 17.46 3.63
CA ILE C 353 4.91 16.82 4.69
C ILE C 353 4.25 15.50 5.10
N ARG C 354 2.92 15.50 5.23
CA ARG C 354 2.22 14.27 5.58
C ARG C 354 2.40 13.20 4.52
N LEU C 355 2.27 13.58 3.25
CA LEU C 355 2.45 12.62 2.15
C LEU C 355 3.88 12.07 2.13
N ALA C 356 4.87 12.94 2.34
CA ALA C 356 6.25 12.50 2.36
C ALA C 356 6.51 11.54 3.51
N LYS C 357 5.95 11.83 4.69
CA LYS C 357 6.11 10.93 5.82
C LYS C 357 5.49 9.57 5.54
N PHE C 358 4.28 9.56 4.97
CA PHE C 358 3.63 8.28 4.66
C PHE C 358 4.43 7.47 3.66
N TRP C 359 4.93 8.12 2.60
CA TRP C 359 5.67 7.40 1.58
C TRP C 359 7.03 6.96 2.09
N ASP C 360 7.67 7.75 2.97
CA ASP C 360 8.91 7.30 3.58
C ASP C 360 8.68 6.08 4.46
N THR C 361 7.58 6.07 5.21
CA THR C 361 7.25 4.89 6.01
C THR C 361 7.03 3.67 5.12
N VAL C 362 6.34 3.86 4.00
CA VAL C 362 6.10 2.75 3.06
C VAL C 362 7.42 2.22 2.51
N ILE C 363 8.31 3.14 2.11
CA ILE C 363 9.60 2.73 1.56
C ILE C 363 10.43 1.99 2.60
N LYS C 364 10.43 2.49 3.84
CA LYS C 364 11.17 1.82 4.91
C LYS C 364 10.61 0.43 5.17
N MET C 365 9.28 0.28 5.15
CA MET C 365 8.68 -1.04 5.31
C MET C 365 9.08 -1.96 4.17
N VAL C 366 9.13 -1.44 2.94
CA VAL C 366 9.50 -2.26 1.79
C VAL C 366 10.95 -2.74 1.94
N GLU C 367 11.86 -1.83 2.32
CA GLU C 367 13.27 -2.18 2.44
C GLU C 367 13.54 -3.08 3.64
N THR C 368 12.62 -3.13 4.61
CA THR C 368 12.77 -3.98 5.78
C THR C 368 12.44 -5.44 5.47
N ASN C 369 11.85 -5.71 4.29
CA ASN C 369 11.36 -7.02 3.90
C ASN C 369 10.18 -7.45 4.77
N GLU C 370 9.26 -6.49 4.99
CA GLU C 370 7.99 -6.76 5.65
C GLU C 370 6.84 -6.85 4.66
N LEU C 371 7.14 -6.98 3.37
CA LEU C 371 6.17 -7.07 2.30
C LEU C 371 6.63 -8.10 1.30
N PRO C 372 5.72 -8.67 0.51
CA PRO C 372 6.13 -9.66 -0.50
C PRO C 372 7.05 -9.04 -1.55
N PHE C 373 7.80 -9.91 -2.22
CA PHE C 373 8.76 -9.44 -3.21
C PHE C 373 8.07 -8.73 -4.36
N ASP C 374 6.93 -9.26 -4.81
CA ASP C 374 6.19 -8.68 -5.92
C ASP C 374 5.33 -7.48 -5.51
N PHE C 375 5.60 -6.89 -4.34
CA PHE C 375 4.86 -5.70 -3.93
C PHE C 375 5.11 -4.55 -4.88
N HIS C 376 6.36 -4.35 -5.30
CA HIS C 376 6.69 -3.29 -6.22
C HIS C 376 6.28 -3.60 -7.66
N LEU C 377 5.94 -4.85 -7.96
CA LEU C 377 5.47 -5.21 -9.29
C LEU C 377 3.98 -4.96 -9.49
N GLY C 378 3.23 -4.68 -8.41
CA GLY C 378 1.82 -4.39 -8.53
C GLY C 378 1.54 -3.13 -9.34
N LYS C 379 0.60 -3.24 -10.29
CA LYS C 379 0.28 -2.09 -11.14
C LYS C 379 -0.32 -0.95 -10.33
N LYS C 380 -1.19 -1.27 -9.37
CA LYS C 380 -1.85 -0.23 -8.58
C LYS C 380 -0.84 0.58 -7.78
N TRP C 381 0.11 -0.10 -7.13
CA TRP C 381 1.11 0.62 -6.33
C TRP C 381 2.00 1.47 -7.21
N ILE C 382 2.41 0.95 -8.36
CA ILE C 382 3.26 1.71 -9.28
C ILE C 382 2.52 2.97 -9.74
N TYR C 383 1.26 2.82 -10.14
CA TYR C 383 0.49 3.96 -10.61
C TYR C 383 0.26 4.98 -9.51
N ALA C 384 -0.02 4.52 -8.28
CA ALA C 384 -0.21 5.45 -7.17
C ALA C 384 1.08 6.20 -6.86
N SER C 385 2.21 5.51 -6.89
CA SER C 385 3.49 6.17 -6.66
C SER C 385 3.79 7.20 -7.74
N GLN C 386 3.50 6.86 -9.00
CA GLN C 386 3.70 7.81 -10.09
C GLN C 386 2.82 9.04 -9.92
N PHE C 387 1.55 8.83 -9.57
CA PHE C 387 0.64 9.95 -9.37
C PHE C 387 1.09 10.85 -8.23
N TYR C 388 1.54 10.25 -7.13
CA TYR C 388 2.05 11.04 -6.01
C TYR C 388 3.30 11.81 -6.40
N GLN C 389 4.23 11.17 -7.12
CA GLN C 389 5.49 11.81 -7.45
C GLN C 389 5.29 12.97 -8.42
N LEU C 390 4.50 12.75 -9.48
CA LEU C 390 4.28 13.79 -10.49
C LEU C 390 3.65 15.04 -9.89
N LEU C 391 2.98 14.91 -8.74
CA LEU C 391 2.33 16.05 -8.10
C LEU C 391 3.12 16.62 -6.93
N ALA C 392 4.00 15.83 -6.32
CA ALA C 392 4.71 16.29 -5.12
C ALA C 392 6.15 16.69 -5.37
N GLU C 393 6.81 16.15 -6.40
CA GLU C 393 8.21 16.49 -6.63
C GLU C 393 8.43 17.99 -6.91
N PRO C 394 7.64 18.66 -7.75
CA PRO C 394 7.84 20.11 -7.89
C PRO C 394 7.67 20.87 -6.60
N LEU C 395 6.74 20.45 -5.73
CA LEU C 395 6.57 21.10 -4.45
C LEU C 395 7.81 20.93 -3.57
N ASP C 396 8.39 19.72 -3.56
CA ASP C 396 9.60 19.50 -2.79
C ASP C 396 10.76 20.33 -3.34
N ILE C 397 10.86 20.43 -4.66
CA ILE C 397 11.92 21.25 -5.27
C ILE C 397 11.74 22.71 -4.89
N ALA C 398 10.51 23.21 -4.94
CA ALA C 398 10.24 24.59 -4.57
C ALA C 398 10.57 24.85 -3.10
N ASN C 399 10.19 23.91 -2.22
CA ASN C 399 10.51 24.08 -0.80
C ASN C 399 12.01 24.08 -0.56
N PHE C 400 12.73 23.17 -1.23
CA PHE C 400 14.18 23.12 -1.06
C PHE C 400 14.83 24.42 -1.55
N TYR C 401 14.40 24.93 -2.70
CA TYR C 401 15.00 26.15 -3.22
C TYR C 401 14.61 27.37 -2.39
N LYS C 402 13.44 27.35 -1.77
CA LYS C 402 13.05 28.44 -0.87
C LYS C 402 13.88 28.41 0.41
N ASN C 403 14.18 27.21 0.91
CA ASN C 403 15.01 27.06 2.10
C ASN C 403 16.50 26.94 1.77
N ARG C 404 16.87 26.98 0.49
CA ARG C 404 18.27 26.86 0.12
C ARG C 404 19.04 28.13 0.47
N ASP C 405 20.24 27.95 1.01
CA ASP C 405 21.10 29.08 1.30
C ASP C 405 21.57 29.75 0.01
N ILE C 406 21.87 31.04 0.10
CA ILE C 406 22.25 31.82 -1.07
C ILE C 406 23.54 31.28 -1.68
N LYS C 407 24.54 31.01 -0.85
CA LYS C 407 25.84 30.57 -1.33
C LYS C 407 26.03 29.06 -1.28
N THR C 408 25.01 28.31 -0.89
CA THR C 408 25.08 26.85 -0.86
C THR C 408 24.31 26.33 -2.06
N GLY C 409 24.99 26.23 -3.20
CA GLY C 409 24.36 25.79 -4.43
C GLY C 409 24.38 24.29 -4.61
N GLY C 410 23.83 23.55 -3.64
CA GLY C 410 23.77 22.11 -3.75
C GLY C 410 22.74 21.62 -4.74
N HIS C 411 21.76 22.46 -5.10
CA HIS C 411 20.73 22.13 -6.08
C HIS C 411 19.93 20.89 -5.67
N TYR C 412 19.12 20.38 -6.60
CA TYR C 412 18.28 19.23 -6.32
C TYR C 412 18.75 17.94 -6.98
N LEU C 413 19.54 18.03 -8.06
CA LEU C 413 20.04 16.87 -8.78
C LEU C 413 21.52 16.63 -8.53
N GLU C 414 22.07 17.17 -7.44
CA GLU C 414 23.49 17.04 -7.11
C GLU C 414 23.65 16.49 -5.70
N GLY C 415 22.91 15.43 -5.38
CA GLY C 415 23.01 14.78 -4.10
C GLY C 415 22.00 15.18 -3.05
N ASN C 416 20.98 15.94 -3.42
CA ASN C 416 19.95 16.35 -2.49
C ASN C 416 18.60 15.73 -2.77
N ARG C 417 18.50 14.86 -3.78
CA ARG C 417 17.24 14.21 -4.11
C ARG C 417 16.93 13.13 -3.08
N PRO C 418 15.73 13.11 -2.49
CA PRO C 418 15.40 12.07 -1.53
C PRO C 418 15.41 10.69 -2.17
N LYS C 419 15.79 9.69 -1.37
CA LYS C 419 15.88 8.32 -1.87
C LYS C 419 14.51 7.75 -2.23
N ARG C 420 13.43 8.26 -1.64
CA ARG C 420 12.11 7.75 -1.96
C ARG C 420 11.76 7.99 -3.43
N TYR C 421 12.16 9.16 -3.96
CA TYR C 421 11.92 9.44 -5.38
C TYR C 421 12.73 8.50 -6.27
N GLU C 422 13.96 8.17 -5.86
CA GLU C 422 14.76 7.20 -6.62
C GLU C 422 14.11 5.83 -6.62
N VAL C 423 13.59 5.40 -5.47
CA VAL C 423 12.90 4.10 -5.40
C VAL C 423 11.64 4.13 -6.27
N ILE C 424 10.93 5.25 -6.26
CA ILE C 424 9.73 5.38 -7.08
C ILE C 424 10.09 5.29 -8.57
N ASP C 425 11.18 5.94 -8.97
CA ASP C 425 11.63 5.85 -10.36
C ASP C 425 12.03 4.42 -10.72
N LYS C 426 12.70 3.72 -9.79
CA LYS C 426 13.05 2.33 -10.04
C LYS C 426 11.79 1.48 -10.21
N TRP C 427 10.75 1.75 -9.42
CA TRP C 427 9.49 1.03 -9.59
C TRP C 427 8.86 1.35 -10.94
N GLN C 428 8.87 2.63 -11.34
CA GLN C 428 8.29 3.02 -12.62
C GLN C 428 9.08 2.48 -13.81
N LYS C 429 10.34 2.10 -13.60
CA LYS C 429 11.13 1.53 -14.68
C LYS C 429 10.50 0.27 -15.26
N GLY C 430 9.67 -0.43 -14.49
CA GLY C 430 8.99 -1.62 -14.94
C GLY C 430 7.69 -1.39 -15.68
N VAL C 431 7.29 -0.14 -15.90
CA VAL C 431 6.06 0.15 -16.62
C VAL C 431 6.21 -0.25 -18.08
N LYS C 432 5.15 -0.83 -18.64
CA LYS C 432 5.16 -1.22 -20.05
C LYS C 432 5.36 0.00 -20.95
N VAL C 433 5.62 -0.27 -22.22
CA VAL C 433 5.90 0.78 -23.20
C VAL C 433 4.67 1.65 -23.39
N PRO C 434 4.76 2.95 -23.14
CA PRO C 434 3.59 3.83 -23.34
C PRO C 434 3.26 3.97 -24.82
N GLU C 435 1.98 4.24 -25.09
CA GLU C 435 1.54 4.47 -26.45
C GLU C 435 2.07 5.79 -26.97
N GLU C 436 2.33 5.84 -28.28
CA GLU C 436 2.87 7.02 -28.93
C GLU C 436 1.78 7.89 -29.56
N CYS C 437 0.59 7.88 -28.98
CA CYS C 437 -0.50 8.70 -29.51
C CYS C 437 -0.19 10.18 -29.31
N VAL C 438 -0.55 10.99 -30.30
CA VAL C 438 -0.30 12.42 -30.23
C VAL C 438 -1.27 13.06 -29.26
N ARG C 439 -0.74 13.84 -28.31
CA ARG C 439 -1.57 14.50 -27.32
C ARG C 439 -2.34 15.66 -27.97
N SER C 440 -3.66 15.70 -27.72
CA SER C 440 -4.48 16.76 -28.29
C SER C 440 -4.20 18.10 -27.62
N ARG C 441 -3.93 18.08 -26.31
CA ARG C 441 -3.70 19.30 -25.55
C ARG C 441 -2.60 19.05 -24.53
N TYR C 442 -2.29 20.09 -23.76
CA TYR C 442 -1.26 19.99 -22.74
C TYR C 442 -1.69 19.04 -21.63
N ALA C 443 -0.73 18.28 -21.10
CA ALA C 443 -1.01 17.35 -20.03
C ALA C 443 -1.33 18.09 -18.73
N SER C 444 -2.04 17.40 -17.83
CA SER C 444 -2.40 18.01 -16.56
C SER C 444 -1.16 18.33 -15.73
N THR C 445 -0.19 17.42 -15.69
CA THR C 445 1.05 17.61 -14.95
C THR C 445 2.23 17.33 -15.85
N THR C 446 3.36 17.97 -15.54
CA THR C 446 4.58 17.77 -16.32
C THR C 446 5.06 16.33 -16.19
N GLN C 447 5.40 15.72 -17.33
CA GLN C 447 5.86 14.34 -17.32
C GLN C 447 7.18 14.19 -16.58
N ASP C 448 8.10 15.14 -16.78
CA ASP C 448 9.40 15.09 -16.13
C ASP C 448 9.33 15.82 -14.80
N THR C 449 9.61 15.09 -13.71
CA THR C 449 9.56 15.67 -12.38
C THR C 449 10.79 16.47 -12.02
N CYS C 450 11.88 16.36 -12.79
CA CYS C 450 13.11 17.08 -12.54
C CYS C 450 13.26 18.31 -13.44
N PHE C 451 12.19 18.73 -14.09
CA PHE C 451 12.28 19.87 -15.02
C PHE C 451 12.63 21.16 -14.28
N TRP C 452 12.06 21.36 -13.08
CA TRP C 452 12.26 22.61 -12.37
C TRP C 452 13.70 22.76 -11.88
N ALA C 453 14.31 21.66 -11.44
CA ALA C 453 15.71 21.73 -11.02
C ALA C 453 16.62 22.09 -12.19
N LYS C 454 16.37 21.48 -13.36
CA LYS C 454 17.15 21.83 -14.55
C LYS C 454 16.92 23.28 -14.95
N LEU C 455 15.68 23.76 -14.82
CA LEU C 455 15.40 25.17 -15.12
C LEU C 455 16.16 26.09 -14.19
N GLU C 456 16.20 25.76 -12.90
CA GLU C 456 16.95 26.58 -11.94
C GLU C 456 18.44 26.57 -12.27
N GLN C 457 18.99 25.40 -12.61
CA GLN C 457 20.40 25.33 -12.98
C GLN C 457 20.69 26.15 -14.23
N ALA C 458 19.81 26.08 -15.22
CA ALA C 458 19.99 26.87 -16.44
C ALA C 458 19.89 28.36 -16.16
N LYS C 459 18.97 28.75 -15.27
CA LYS C 459 18.87 30.16 -14.90
C LYS C 459 20.14 30.64 -14.20
N GLU C 460 20.69 29.81 -13.31
CA GLU C 460 21.94 30.17 -12.64
C GLU C 460 23.07 30.30 -13.64
N TRP C 461 23.16 29.37 -14.60
CA TRP C 461 24.21 29.45 -15.61
C TRP C 461 24.05 30.70 -16.47
N LEU C 462 22.82 31.03 -16.86
CA LEU C 462 22.60 32.23 -17.66
C LEU C 462 22.95 33.50 -16.89
N ASP C 463 22.60 33.54 -15.60
CA ASP C 463 22.96 34.70 -14.78
C ASP C 463 24.48 34.83 -14.65
N GLU C 464 25.17 33.69 -14.46
CA GLU C 464 26.62 33.72 -14.38
C GLU C 464 27.24 34.21 -15.69
N ALA C 465 26.70 33.76 -16.82
CA ALA C 465 27.19 34.22 -18.12
C ALA C 465 26.96 35.72 -18.30
N ARG C 466 25.77 36.19 -17.91
CA ARG C 466 25.46 37.61 -18.09
C ARG C 466 26.32 38.50 -17.20
N LYS C 467 26.55 38.09 -15.96
CA LYS C 467 27.30 38.88 -14.99
C LYS C 467 28.66 38.20 -14.78
N GLU C 468 29.63 38.57 -15.61
CA GLU C 468 30.99 38.05 -15.52
C GLU C 468 31.88 38.91 -16.41
N SER C 469 33.13 38.50 -16.54
CA SER C 469 34.08 39.19 -17.40
C SER C 469 33.73 38.93 -18.87
N SER C 470 34.49 39.55 -19.77
CA SER C 470 34.23 39.42 -21.20
C SER C 470 34.38 37.98 -21.66
N ASP C 471 35.62 37.47 -21.64
CA ASP C 471 35.97 36.06 -21.86
C ASP C 471 35.13 35.40 -22.95
N PRO C 472 35.33 35.75 -24.23
CA PRO C 472 34.47 35.18 -25.29
C PRO C 472 34.45 33.65 -25.31
N GLN C 473 35.59 33.01 -25.03
CA GLN C 473 35.61 31.55 -24.97
C GLN C 473 34.72 31.04 -23.84
N ARG C 474 34.71 31.73 -22.71
CA ARG C 474 33.84 31.34 -21.60
C ARG C 474 32.36 31.46 -21.99
N ARG C 475 32.00 32.54 -22.69
CA ARG C 475 30.62 32.68 -23.15
C ARG C 475 30.25 31.56 -24.12
N SER C 476 31.16 31.24 -25.05
CA SER C 476 30.88 30.16 -25.99
C SER C 476 30.70 28.83 -25.28
N LEU C 477 31.56 28.53 -24.30
CA LEU C 477 31.45 27.29 -23.56
C LEU C 477 30.14 27.23 -22.77
N LEU C 478 29.77 28.34 -22.12
CA LEU C 478 28.54 28.35 -21.34
C LEU C 478 27.31 28.22 -22.24
N ARG C 479 27.32 28.86 -23.40
CA ARG C 479 26.23 28.69 -24.35
C ARG C 479 26.15 27.25 -24.84
N GLU C 480 27.31 26.63 -25.09
CA GLU C 480 27.32 25.24 -25.53
C GLU C 480 26.75 24.33 -24.45
N LYS C 481 27.04 24.61 -23.18
CA LYS C 481 26.50 23.82 -22.10
C LYS C 481 25.03 24.13 -21.82
N ILE C 482 24.56 25.31 -22.23
CA ILE C 482 23.18 25.71 -21.95
C ILE C 482 22.21 25.23 -23.01
N VAL C 483 22.59 25.30 -24.29
CA VAL C 483 21.67 25.00 -25.38
C VAL C 483 21.09 23.59 -25.37
N PRO C 484 21.74 22.55 -24.80
CA PRO C 484 21.01 21.28 -24.66
C PRO C 484 19.73 21.40 -23.85
N PHE C 485 19.76 22.20 -22.78
CA PHE C 485 18.55 22.40 -21.99
C PHE C 485 17.48 23.12 -22.80
N GLU C 486 17.87 24.12 -23.59
CA GLU C 486 16.91 24.82 -24.43
C GLU C 486 16.28 23.89 -25.46
N SER C 487 17.11 23.03 -26.08
CA SER C 487 16.57 22.06 -27.04
C SER C 487 15.63 21.08 -26.37
N TYR C 488 15.99 20.60 -25.17
CA TYR C 488 15.13 19.68 -24.44
C TYR C 488 13.80 20.33 -24.07
N ALA C 489 13.84 21.59 -23.63
CA ALA C 489 12.61 22.31 -23.29
C ALA C 489 11.75 22.53 -24.52
N ASN C 490 12.37 22.87 -25.65
CA ASN C 490 11.59 23.04 -26.89
C ASN C 490 10.95 21.74 -27.32
N THR C 491 11.69 20.63 -27.20
CA THR C 491 11.13 19.33 -27.54
C THR C 491 9.96 18.98 -26.64
N LEU C 492 10.09 19.25 -25.33
CA LEU C 492 9.00 18.98 -24.40
C LEU C 492 7.78 19.84 -24.72
N VAL C 493 7.99 21.11 -25.03
CA VAL C 493 6.87 22.01 -25.33
C VAL C 493 6.17 21.58 -26.61
N THR C 494 6.94 21.25 -27.66
CA THR C 494 6.35 20.84 -28.93
C THR C 494 5.60 19.53 -28.79
N LYS C 495 6.05 18.64 -27.91
CA LYS C 495 5.38 17.37 -27.67
C LYS C 495 4.16 17.50 -26.77
N LYS C 496 3.92 18.70 -26.21
CA LYS C 496 2.77 18.95 -25.33
C LYS C 496 2.77 18.01 -24.13
N GLU C 497 3.96 17.74 -23.58
CA GLU C 497 4.10 16.90 -22.41
C GLU C 497 4.29 17.70 -21.13
N VAL C 498 4.07 19.01 -21.17
CA VAL C 498 4.22 19.87 -20.02
C VAL C 498 2.88 20.53 -19.72
N SER C 499 2.67 20.85 -18.45
CA SER C 499 1.43 21.47 -18.02
C SER C 499 1.40 22.94 -18.42
N LEU C 500 0.23 23.57 -18.24
CA LEU C 500 0.08 24.98 -18.58
C LEU C 500 0.89 25.89 -17.67
N ASP C 501 1.30 25.40 -16.49
CA ASP C 501 2.03 26.24 -15.55
C ASP C 501 3.33 26.75 -16.15
N VAL C 502 4.06 25.89 -16.87
CA VAL C 502 5.31 26.31 -17.50
C VAL C 502 5.04 27.24 -18.68
N LYS C 503 3.81 27.27 -19.18
CA LYS C 503 3.44 28.14 -20.30
C LYS C 503 2.76 29.42 -19.85
N ALA C 504 2.77 29.71 -18.56
CA ALA C 504 2.12 30.92 -18.05
C ALA C 504 2.89 32.16 -18.50
N LYS C 505 2.18 33.29 -18.58
CA LYS C 505 2.78 34.53 -19.04
C LYS C 505 3.89 35.00 -18.09
N ASN C 506 3.64 34.89 -16.78
CA ASN C 506 4.59 35.35 -15.77
C ASN C 506 5.35 34.21 -15.10
N SER C 507 5.35 33.03 -15.72
CA SER C 507 6.05 31.89 -15.14
C SER C 507 7.56 32.09 -15.22
N SER C 508 8.29 31.29 -14.42
CA SER C 508 9.74 31.38 -14.41
C SER C 508 10.33 30.96 -15.75
N TYR C 509 9.73 29.96 -16.40
CA TYR C 509 10.23 29.50 -17.69
C TYR C 509 10.14 30.60 -18.74
N SER C 510 9.02 31.33 -18.75
CA SER C 510 8.87 32.43 -19.72
C SER C 510 9.88 33.53 -19.47
N VAL C 511 10.14 33.85 -18.19
CA VAL C 511 11.13 34.88 -17.86
C VAL C 511 12.51 34.43 -18.30
N TRP C 512 12.85 33.16 -18.06
CA TRP C 512 14.15 32.65 -18.47
C TRP C 512 14.30 32.68 -19.99
N GLU C 513 13.24 32.31 -20.71
CA GLU C 513 13.30 32.35 -22.18
C GLU C 513 13.48 33.78 -22.68
N ALA C 514 12.74 34.73 -22.07
CA ALA C 514 12.89 36.12 -22.47
C ALA C 514 14.29 36.63 -22.18
N ASN C 515 14.86 36.26 -21.04
CA ASN C 515 16.21 36.68 -20.71
C ASN C 515 17.23 36.10 -21.69
N LEU C 516 17.06 34.82 -22.05
CA LEU C 516 17.96 34.21 -23.03
C LEU C 516 17.85 34.89 -24.38
N LYS C 517 16.64 35.19 -24.83
CA LYS C 517 16.46 35.88 -26.09
C LYS C 517 17.08 37.28 -26.06
N GLU C 518 16.90 37.99 -24.95
CA GLU C 518 17.49 39.32 -24.83
C GLU C 518 19.01 39.24 -24.85
N PHE C 519 19.59 38.25 -24.17
CA PHE C 519 21.04 38.08 -24.18
C PHE C 519 21.55 37.78 -25.59
N LYS C 520 20.85 36.89 -26.31
CA LYS C 520 21.25 36.56 -27.67
C LYS C 520 21.16 37.78 -28.60
N CYS C 521 20.07 38.55 -28.48
CA CYS C 521 19.92 39.73 -29.31
C CYS C 521 20.98 40.79 -28.98
N LYS C 522 21.27 40.98 -27.69
CA LYS C 522 22.27 41.96 -27.29
C LYS C 522 23.66 41.59 -27.80
N MET C 523 24.03 40.31 -27.68
CA MET C 523 25.41 39.92 -27.91
C MET C 523 25.64 39.25 -29.27
N GLY C 524 24.61 38.64 -29.85
CA GLY C 524 24.67 38.28 -31.26
C GLY C 524 25.17 36.90 -31.61
N TYR C 525 25.22 35.96 -30.67
CA TYR C 525 25.58 34.60 -31.00
C TYR C 525 24.52 33.95 -31.88
N GLU C 526 24.97 33.11 -32.81
CA GLU C 526 24.07 32.39 -33.69
C GLU C 526 23.34 31.29 -32.92
N ASN C 527 22.17 30.91 -33.44
CA ASN C 527 21.33 29.86 -32.83
C ASN C 527 20.99 30.18 -31.39
#